data_3L1W
#
_entry.id   3L1W
#
_cell.length_a   68.565
_cell.length_b   68.558
_cell.length_c   104.245
_cell.angle_alpha   89.88
_cell.angle_beta   89.79
_cell.angle_gamma   60.07
#
_symmetry.space_group_name_H-M   'P 1'
#
loop_
_entity.id
_entity.type
_entity.pdbx_description
1 polymer 'Uncharacterized protein'
2 non-polymer 'SULFATE ION'
3 non-polymer 1,2-ETHANEDIOL
4 non-polymer 'FORMIC ACID'
5 water water
#
_entity_poly.entity_id   1
_entity_poly.type   'polypeptide(L)'
_entity_poly.pdbx_seq_one_letter_code
;(MSE)KIATYNVRVDTEYDQDWQWSFRKEAVCQLINFHDWSLCCIQEVRPNQVRDLKAYTTFTCLSAEREGDGQGEGLAI
LYNEQKVQAIDTGYFWLSETPQQPSIHPEAGCPRIALWGLFKETTQNTPFLVINVHLDHISAHARLAG(MSE)TVILEEL
HDKIAQYPTLL(MSE)GDFNAESGEEVHQLVQKKFQDSKNLATHYGPRGTFQNFTYTKPWAELEEIDYIYVKGWQVQQTA
SLTDSIDGRFPSDHFPLEAEVAGENLYFQ
;
_entity_poly.pdbx_strand_id   A,B,C,D,E,F
#
loop_
_chem_comp.id
_chem_comp.type
_chem_comp.name
_chem_comp.formula
EDO non-polymer 1,2-ETHANEDIOL 'C2 H6 O2'
FMT non-polymer 'FORMIC ACID' 'C H2 O2'
SO4 non-polymer 'SULFATE ION' 'O4 S -2'
#
# COMPACT_ATOMS: atom_id res chain seq x y z
N MSE A 1 -11.03 4.92 -9.95
CA MSE A 1 -10.18 6.03 -9.53
C MSE A 1 -9.83 5.85 -8.06
O MSE A 1 -10.71 5.55 -7.25
CB MSE A 1 -10.89 7.38 -9.73
CG MSE A 1 -10.09 8.57 -9.25
SE MSE A 1 -10.91 10.30 -9.69
CE MSE A 1 -12.59 10.08 -8.75
N LYS A 2 -8.56 6.04 -7.73
CA LYS A 2 -8.14 6.04 -6.34
C LYS A 2 -8.01 7.47 -5.80
N ILE A 3 -8.59 7.68 -4.62
CA ILE A 3 -8.63 8.98 -3.99
C ILE A 3 -8.27 8.79 -2.52
N ALA A 4 -7.81 9.85 -1.88
CA ALA A 4 -7.42 9.71 -0.46
C ALA A 4 -7.58 11.04 0.27
N THR A 5 -7.60 10.94 1.59
CA THR A 5 -7.52 12.12 2.43
C THR A 5 -6.45 11.85 3.49
N TYR A 6 -5.69 12.88 3.85
CA TYR A 6 -4.58 12.68 4.79
C TYR A 6 -4.34 13.97 5.56
N ASN A 7 -4.59 13.91 6.85
CA ASN A 7 -4.23 14.99 7.75
C ASN A 7 -2.79 14.77 8.12
N VAL A 8 -1.90 15.66 7.66
CA VAL A 8 -0.46 15.42 7.76
C VAL A 8 0.19 15.99 9.00
N ARG A 9 -0.63 16.55 9.90
CA ARG A 9 -0.20 17.18 11.16
C ARG A 9 0.55 18.50 10.97
N VAL A 10 -0.03 19.56 11.50
CA VAL A 10 0.51 20.90 11.33
C VAL A 10 1.94 20.96 11.88
N ASP A 11 2.81 21.72 11.22
CA ASP A 11 4.16 21.93 11.73
C ASP A 11 4.06 22.68 13.05
N THR A 12 4.54 22.04 14.13
CA THR A 12 4.53 22.68 15.44
C THR A 12 5.71 22.21 16.28
N GLU A 13 6.29 23.13 17.05
CA GLU A 13 7.44 22.79 17.87
C GLU A 13 7.03 21.88 19.02
N TYR A 14 5.73 21.80 19.28
CA TYR A 14 5.24 20.88 20.30
C TYR A 14 5.65 19.43 19.99
N ASP A 15 5.84 19.12 18.71
CA ASP A 15 6.23 17.77 18.31
C ASP A 15 7.72 17.48 18.47
N GLN A 16 8.48 18.51 18.83
CA GLN A 16 9.89 18.36 19.17
C GLN A 16 10.66 17.62 18.08
N ASP A 17 11.20 16.43 18.40
CA ASP A 17 12.03 15.71 17.44
C ASP A 17 11.20 15.03 16.34
N TRP A 18 9.90 15.33 16.31
CA TRP A 18 9.02 14.77 15.30
C TRP A 18 8.15 15.87 14.69
N GLN A 19 8.66 17.10 14.70
CA GLN A 19 8.00 18.16 13.95
C GLN A 19 8.20 17.96 12.44
N TRP A 20 7.52 18.78 11.64
CA TRP A 20 7.45 18.56 10.20
C TRP A 20 8.83 18.30 9.55
N SER A 21 9.83 19.08 9.92
CA SER A 21 11.13 18.92 9.29
C SER A 21 11.60 17.46 9.32
N PHE A 22 11.30 16.75 10.39
CA PHE A 22 11.73 15.36 10.54
C PHE A 22 10.82 14.37 9.84
N ARG A 23 9.59 14.78 9.54
CA ARG A 23 8.56 13.89 8.99
C ARG A 23 8.32 14.09 7.50
N LYS A 24 8.77 15.22 6.96
CA LYS A 24 8.40 15.60 5.60
C LYS A 24 8.75 14.55 4.55
N GLU A 25 9.95 13.98 4.64
CA GLU A 25 10.34 12.98 3.64
C GLU A 25 9.41 11.78 3.69
N ALA A 26 9.10 11.30 4.89
CA ALA A 26 8.25 10.13 5.06
C ALA A 26 6.83 10.41 4.56
N VAL A 27 6.30 11.59 4.89
CA VAL A 27 4.98 11.96 4.41
C VAL A 27 4.94 12.07 2.89
N CYS A 28 5.92 12.76 2.31
CA CYS A 28 5.91 12.95 0.87
C CYS A 28 6.17 11.65 0.10
N GLN A 29 7.03 10.79 0.64
CA GLN A 29 7.30 9.52 0.00
C GLN A 29 6.07 8.61 0.06
N LEU A 30 5.32 8.70 1.15
CA LEU A 30 4.10 7.92 1.26
C LEU A 30 3.13 8.33 0.15
N ILE A 31 2.93 9.64 0.02
CA ILE A 31 2.07 10.18 -1.03
C ILE A 31 2.54 9.73 -2.42
N ASN A 32 3.84 9.84 -2.68
CA ASN A 32 4.33 9.45 -4.00
C ASN A 32 4.12 7.97 -4.31
N PHE A 33 4.31 7.14 -3.28
CA PHE A 33 4.20 5.70 -3.43
C PHE A 33 2.76 5.24 -3.68
N HIS A 34 1.82 5.78 -2.91
CA HIS A 34 0.43 5.40 -3.12
C HIS A 34 -0.17 5.98 -4.40
N ASP A 35 0.28 7.16 -4.79
CA ASP A 35 0.13 7.65 -6.15
C ASP A 35 -1.33 7.69 -6.61
N TRP A 36 -2.21 8.20 -5.74
CA TRP A 36 -3.63 8.31 -6.05
C TRP A 36 -3.88 9.31 -7.18
N SER A 37 -5.09 9.32 -7.73
CA SER A 37 -5.48 10.38 -8.65
C SER A 37 -5.48 11.73 -7.94
N LEU A 38 -5.95 11.75 -6.70
CA LEU A 38 -6.01 12.99 -5.94
C LEU A 38 -6.02 12.69 -4.46
N CYS A 39 -5.58 13.66 -3.66
CA CYS A 39 -5.53 13.50 -2.20
C CYS A 39 -5.89 14.83 -1.56
N CYS A 40 -6.88 14.82 -0.68
CA CYS A 40 -7.14 15.98 0.16
C CYS A 40 -6.17 15.97 1.33
N ILE A 41 -5.57 17.12 1.61
CA ILE A 41 -4.59 17.26 2.68
C ILE A 41 -5.09 18.27 3.68
N GLN A 42 -4.99 17.94 4.98
CA GLN A 42 -5.27 18.92 6.02
C GLN A 42 -4.02 19.25 6.83
N GLU A 43 -4.03 20.44 7.43
CA GLU A 43 -3.02 20.90 8.39
C GLU A 43 -1.66 21.20 7.76
N VAL A 44 -1.63 22.09 6.78
CA VAL A 44 -0.38 22.48 6.16
C VAL A 44 -0.17 23.99 6.21
N ARG A 45 0.86 24.40 6.95
CA ARG A 45 1.32 25.78 6.93
C ARG A 45 2.07 26.00 5.62
N PRO A 46 2.40 27.26 5.31
CA PRO A 46 2.99 27.52 3.98
C PRO A 46 4.24 26.72 3.68
N ASN A 47 5.10 26.51 4.69
CA ASN A 47 6.30 25.71 4.45
C ASN A 47 5.97 24.27 4.07
N GLN A 48 4.92 23.72 4.67
CA GLN A 48 4.49 22.36 4.36
C GLN A 48 3.90 22.29 2.94
N VAL A 49 3.18 23.32 2.54
CA VAL A 49 2.67 23.38 1.17
C VAL A 49 3.86 23.40 0.19
N ARG A 50 4.85 24.24 0.48
CA ARG A 50 6.05 24.31 -0.36
CA ARG A 50 6.07 24.32 -0.33
C ARG A 50 6.71 22.94 -0.47
N ASP A 51 6.81 22.23 0.65
CA ASP A 51 7.41 20.90 0.66
C ASP A 51 6.59 19.88 -0.14
N LEU A 52 5.26 19.95 -0.04
CA LEU A 52 4.42 19.06 -0.84
C LEU A 52 4.67 19.29 -2.33
N LYS A 53 4.74 20.54 -2.75
CA LYS A 53 5.04 20.85 -4.15
C LYS A 53 6.43 20.37 -4.56
N ALA A 54 7.40 20.52 -3.67
CA ALA A 54 8.78 20.22 -4.02
C ALA A 54 9.07 18.72 -4.03
N TYR A 55 8.47 18.00 -3.08
CA TYR A 55 8.85 16.62 -2.83
C TYR A 55 7.81 15.55 -3.19
N THR A 56 6.63 15.97 -3.64
CA THR A 56 5.71 15.01 -4.24
C THR A 56 5.62 15.27 -5.74
N THR A 57 5.01 14.30 -6.43
CA THR A 57 4.86 14.36 -7.87
C THR A 57 3.58 15.09 -8.27
N PHE A 58 2.82 15.58 -7.29
CA PHE A 58 1.47 16.10 -7.54
C PHE A 58 1.37 17.59 -7.82
N THR A 59 0.36 17.97 -8.60
CA THR A 59 -0.05 19.38 -8.67
C THR A 59 -0.77 19.69 -7.37
N CYS A 60 -0.55 20.90 -6.85
CA CYS A 60 -1.07 21.30 -5.54
C CYS A 60 -1.94 22.53 -5.62
N LEU A 61 -3.22 22.37 -5.29
CA LEU A 61 -4.14 23.46 -5.06
C LEU A 61 -4.15 23.71 -3.57
N SER A 62 -4.04 24.97 -3.15
CA SER A 62 -4.05 25.23 -1.71
C SER A 62 -4.71 26.55 -1.36
N ALA A 63 -5.07 26.68 -0.08
CA ALA A 63 -5.65 27.92 0.45
C ALA A 63 -5.43 27.86 1.95
N GLU A 64 -5.42 29.02 2.61
CA GLU A 64 -5.17 29.00 4.05
C GLU A 64 -6.17 29.86 4.80
N ARG A 65 -6.26 29.66 6.10
CA ARG A 65 -7.40 30.14 6.86
CA ARG A 65 -7.38 30.13 6.90
C ARG A 65 -7.27 31.58 7.36
N GLU A 66 -6.07 32.15 7.32
CA GLU A 66 -5.90 33.52 7.80
C GLU A 66 -6.21 34.55 6.74
N GLY A 67 -6.02 34.19 5.47
CA GLY A 67 -6.28 35.10 4.38
C GLY A 67 -5.04 35.83 3.91
N ASP A 68 -4.08 36.01 4.82
CA ASP A 68 -2.82 36.67 4.49
C ASP A 68 -1.80 35.69 3.89
N GLY A 69 -2.27 34.52 3.50
CA GLY A 69 -1.43 33.50 2.90
C GLY A 69 -0.38 32.94 3.84
N GLN A 70 -0.46 33.29 5.11
CA GLN A 70 0.55 32.87 6.07
C GLN A 70 0.06 31.81 7.05
N GLY A 71 -1.23 31.52 7.03
CA GLY A 71 -1.80 30.64 8.04
C GLY A 71 -1.80 29.16 7.71
N GLU A 72 -2.36 28.38 8.63
CA GLU A 72 -2.55 26.94 8.41
C GLU A 72 -3.61 26.74 7.35
N GLY A 73 -3.39 25.80 6.45
CA GLY A 73 -4.27 25.66 5.30
C GLY A 73 -4.61 24.23 4.91
N LEU A 74 -5.27 24.13 3.76
CA LEU A 74 -5.68 22.86 3.19
C LEU A 74 -5.07 22.77 1.80
N ALA A 75 -4.95 21.55 1.30
CA ALA A 75 -4.50 21.38 -0.08
C ALA A 75 -5.28 20.26 -0.73
N ILE A 76 -5.39 20.33 -2.05
CA ILE A 76 -5.81 19.18 -2.81
C ILE A 76 -4.70 18.88 -3.79
N LEU A 77 -4.08 17.71 -3.65
CA LEU A 77 -3.05 17.28 -4.56
C LEU A 77 -3.72 16.47 -5.64
N TYR A 78 -3.32 16.67 -6.88
CA TYR A 78 -3.88 15.85 -7.96
C TYR A 78 -2.89 15.63 -9.09
N ASN A 79 -3.10 14.54 -9.81
CA ASN A 79 -2.25 14.18 -10.94
C ASN A 79 -2.97 14.59 -12.22
N GLU A 80 -2.42 15.56 -12.94
CA GLU A 80 -3.08 16.10 -14.13
C GLU A 80 -3.24 15.10 -15.28
N GLN A 81 -2.46 14.02 -15.26
CA GLN A 81 -2.63 12.98 -16.27
C GLN A 81 -3.86 12.13 -15.97
N LYS A 82 -4.38 12.23 -14.74
CA LYS A 82 -5.50 11.41 -14.31
C LYS A 82 -6.78 12.24 -14.13
N VAL A 83 -6.64 13.44 -13.58
CA VAL A 83 -7.79 14.33 -13.43
C VAL A 83 -7.38 15.76 -13.71
N GLN A 84 -8.28 16.55 -14.27
CA GLN A 84 -7.98 17.94 -14.53
C GLN A 84 -8.89 18.82 -13.69
N ALA A 85 -8.34 19.89 -13.13
CA ALA A 85 -9.14 20.83 -12.37
C ALA A 85 -9.73 21.83 -13.34
N ILE A 86 -11.06 21.96 -13.33
CA ILE A 86 -11.71 22.95 -14.19
C ILE A 86 -12.27 24.16 -13.43
N ASP A 87 -12.34 24.06 -12.11
CA ASP A 87 -12.74 25.18 -11.27
C ASP A 87 -12.27 24.89 -9.84
N THR A 88 -12.00 25.93 -9.08
CA THR A 88 -11.61 25.77 -7.68
CA THR A 88 -11.59 25.77 -7.68
C THR A 88 -12.03 26.98 -6.86
N GLY A 89 -12.13 26.79 -5.55
CA GLY A 89 -12.44 27.90 -4.67
C GLY A 89 -12.31 27.51 -3.23
N TYR A 90 -12.49 28.49 -2.36
CA TYR A 90 -12.53 28.24 -0.94
C TYR A 90 -13.31 29.31 -0.22
N PHE A 91 -13.75 29.01 0.98
CA PHE A 91 -14.55 29.94 1.76
C PHE A 91 -14.41 29.60 3.23
N TRP A 92 -14.80 30.57 4.07
CA TRP A 92 -14.74 30.41 5.51
C TRP A 92 -16.03 29.79 6.03
N LEU A 93 -15.88 28.94 7.05
CA LEU A 93 -17.02 28.26 7.63
C LEU A 93 -17.65 29.13 8.71
N SER A 94 -18.24 30.23 8.26
CA SER A 94 -18.68 31.30 9.15
C SER A 94 -19.96 31.90 8.60
N GLU A 95 -20.43 32.95 9.26
CA GLU A 95 -21.64 33.64 8.81
C GLU A 95 -21.34 34.61 7.67
N THR A 96 -20.06 34.75 7.34
CA THR A 96 -19.63 35.55 6.20
C THR A 96 -18.54 34.80 5.43
N PRO A 97 -18.95 33.79 4.65
CA PRO A 97 -18.04 32.84 4.03
C PRO A 97 -16.98 33.44 3.08
N GLN A 98 -17.22 34.63 2.55
CA GLN A 98 -16.28 35.18 1.57
C GLN A 98 -15.13 35.97 2.20
N GLN A 99 -15.17 36.15 3.52
CA GLN A 99 -14.13 36.91 4.19
C GLN A 99 -13.55 36.12 5.33
N PRO A 100 -12.25 36.32 5.61
CA PRO A 100 -11.62 35.72 6.80
C PRO A 100 -12.44 36.07 8.04
N SER A 101 -12.92 35.05 8.72
CA SER A 101 -13.90 35.24 9.79
C SER A 101 -14.04 33.97 10.61
N ILE A 102 -14.68 34.08 11.78
CA ILE A 102 -14.85 32.94 12.67
C ILE A 102 -16.32 32.70 12.96
N HIS A 103 -16.76 31.45 12.86
CA HIS A 103 -18.14 31.15 13.25
C HIS A 103 -18.33 31.46 14.72
N PRO A 104 -19.51 31.99 15.10
CA PRO A 104 -19.78 32.25 16.52
C PRO A 104 -19.44 31.08 17.45
N GLU A 105 -19.62 29.84 17.00
CA GLU A 105 -19.40 28.68 17.86
C GLU A 105 -17.96 28.18 17.81
N ALA A 106 -17.17 28.68 16.86
CA ALA A 106 -15.87 28.08 16.58
C ALA A 106 -14.74 28.80 17.30
N GLY A 107 -13.61 28.11 17.44
CA GLY A 107 -12.48 28.68 18.15
C GLY A 107 -11.45 29.36 17.27
N CYS A 108 -11.62 29.28 15.95
CA CYS A 108 -10.65 29.85 15.03
C CYS A 108 -11.24 29.87 13.62
N PRO A 109 -10.63 30.67 12.73
CA PRO A 109 -11.09 30.62 11.34
C PRO A 109 -10.89 29.22 10.79
N ARG A 110 -11.86 28.76 10.00
CA ARG A 110 -11.77 27.46 9.33
C ARG A 110 -12.20 27.70 7.91
N ILE A 111 -11.57 26.98 6.98
CA ILE A 111 -11.99 27.09 5.59
C ILE A 111 -12.36 25.74 5.03
N ALA A 112 -13.11 25.77 3.94
CA ALA A 112 -13.23 24.61 3.08
C ALA A 112 -12.60 24.95 1.75
N LEU A 113 -11.93 23.97 1.18
CA LEU A 113 -11.28 24.12 -0.12
C LEU A 113 -11.95 23.10 -1.05
N TRP A 114 -12.39 23.56 -2.22
CA TRP A 114 -13.05 22.64 -3.14
C TRP A 114 -12.48 22.75 -4.55
N GLY A 115 -12.71 21.71 -5.34
CA GLY A 115 -12.33 21.70 -6.74
C GLY A 115 -13.34 20.95 -7.58
N LEU A 116 -13.59 21.45 -8.78
CA LEU A 116 -14.39 20.73 -9.75
C LEU A 116 -13.40 20.10 -10.71
N PHE A 117 -13.47 18.78 -10.85
CA PHE A 117 -12.48 18.02 -11.59
C PHE A 117 -13.14 17.22 -12.71
N LYS A 118 -12.35 16.79 -13.67
CA LYS A 118 -12.81 15.79 -14.63
C LYS A 118 -11.75 14.73 -14.78
N GLU A 119 -12.16 13.47 -14.78
CA GLU A 119 -11.24 12.39 -15.11
C GLU A 119 -10.86 12.46 -16.58
N THR A 120 -9.61 12.14 -16.91
CA THR A 120 -9.14 12.19 -18.29
C THR A 120 -10.08 11.48 -19.26
N THR A 121 -10.56 10.30 -18.84
CA THR A 121 -11.36 9.44 -19.70
C THR A 121 -12.86 9.80 -19.72
N GLN A 122 -13.33 10.49 -18.69
CA GLN A 122 -14.75 10.82 -18.57
C GLN A 122 -15.04 12.22 -19.09
N ASN A 123 -16.31 12.52 -19.36
CA ASN A 123 -16.68 13.84 -19.86
C ASN A 123 -17.39 14.71 -18.82
N THR A 124 -17.98 14.07 -17.82
CA THR A 124 -18.73 14.79 -16.79
C THR A 124 -17.86 15.09 -15.57
N PRO A 125 -17.98 16.31 -15.04
CA PRO A 125 -17.19 16.78 -13.90
C PRO A 125 -17.65 16.15 -12.60
N PHE A 126 -16.79 16.19 -11.60
CA PHE A 126 -17.17 15.84 -10.24
C PHE A 126 -16.61 16.85 -9.24
N LEU A 127 -17.25 16.96 -8.09
CA LEU A 127 -16.86 17.91 -7.07
C LEU A 127 -16.08 17.24 -5.95
N VAL A 128 -14.95 17.85 -5.56
CA VAL A 128 -14.20 17.41 -4.36
C VAL A 128 -14.24 18.51 -3.32
N ILE A 129 -14.60 18.16 -2.08
CA ILE A 129 -14.65 19.13 -0.98
C ILE A 129 -13.74 18.64 0.13
N ASN A 130 -12.72 19.44 0.45
CA ASN A 130 -11.74 19.11 1.49
C ASN A 130 -12.25 19.65 2.82
N VAL A 131 -12.55 18.73 3.74
CA VAL A 131 -13.14 19.03 5.04
C VAL A 131 -12.11 19.08 6.17
N HIS A 132 -12.12 20.15 6.97
CA HIS A 132 -11.47 20.09 8.27
C HIS A 132 -12.28 20.88 9.28
N LEU A 133 -13.09 20.18 10.06
CA LEU A 133 -14.02 20.85 10.96
C LEU A 133 -13.35 21.18 12.28
N ASP A 134 -13.95 22.11 13.03
CA ASP A 134 -13.40 22.59 14.28
C ASP A 134 -13.33 21.48 15.32
N HIS A 135 -12.27 21.47 16.13
CA HIS A 135 -12.15 20.46 17.17
C HIS A 135 -12.87 20.88 18.47
N ILE A 136 -13.23 22.14 18.56
CA ILE A 136 -13.70 22.69 19.82
C ILE A 136 -14.96 22.02 20.39
N SER A 137 -15.94 21.73 19.53
CA SER A 137 -17.20 21.18 20.01
C SER A 137 -18.03 20.56 18.89
N ALA A 138 -18.94 19.67 19.26
CA ALA A 138 -19.86 19.08 18.30
C ALA A 138 -20.74 20.15 17.65
N HIS A 139 -21.12 21.17 18.42
CA HIS A 139 -21.94 22.24 17.87
C HIS A 139 -21.19 23.01 16.79
N ALA A 140 -19.91 23.27 17.03
CA ALA A 140 -19.07 23.94 16.04
C ALA A 140 -18.92 23.13 14.77
N ARG A 141 -18.83 21.81 14.91
CA ARG A 141 -18.70 20.96 13.75
C ARG A 141 -19.98 20.96 12.92
N LEU A 142 -21.11 20.82 13.58
CA LEU A 142 -22.39 20.85 12.89
C LEU A 142 -22.53 22.19 12.17
N ALA A 143 -22.15 23.27 12.84
CA ALA A 143 -22.29 24.60 12.27
C ALA A 143 -21.40 24.79 11.05
N GLY A 144 -20.16 24.30 11.13
CA GLY A 144 -19.24 24.40 10.02
C GLY A 144 -19.70 23.62 8.80
N MSE A 145 -20.20 22.41 9.02
CA MSE A 145 -20.66 21.58 7.93
C MSE A 145 -21.92 22.16 7.31
O MSE A 145 -22.14 22.05 6.10
CB MSE A 145 -20.91 20.14 8.40
CG MSE A 145 -21.49 19.22 7.33
SE MSE A 145 -20.34 19.05 5.77
CE MSE A 145 -18.79 18.28 6.64
N THR A 146 -22.74 22.81 8.13
CA THR A 146 -23.93 23.48 7.64
C THR A 146 -23.55 24.54 6.60
N VAL A 147 -22.51 25.30 6.91
CA VAL A 147 -22.00 26.30 5.96
C VAL A 147 -21.50 25.65 4.66
N ILE A 148 -20.73 24.57 4.77
CA ILE A 148 -20.29 23.87 3.57
C ILE A 148 -21.50 23.46 2.72
N LEU A 149 -22.48 22.82 3.34
CA LEU A 149 -23.59 22.26 2.60
C LEU A 149 -24.47 23.34 1.97
N GLU A 150 -24.58 24.48 2.64
CA GLU A 150 -25.35 25.59 2.10
C GLU A 150 -24.58 26.30 1.00
N GLU A 151 -23.31 26.59 1.27
CA GLU A 151 -22.50 27.39 0.37
C GLU A 151 -22.28 26.67 -0.97
N LEU A 152 -22.15 25.35 -0.91
CA LEU A 152 -21.94 24.54 -2.10
C LEU A 152 -23.19 23.76 -2.49
N HIS A 153 -24.35 24.17 -1.99
CA HIS A 153 -25.58 23.40 -2.22
C HIS A 153 -25.82 23.12 -3.70
N ASP A 154 -25.71 24.16 -4.53
CA ASP A 154 -25.95 24.02 -5.96
C ASP A 154 -25.00 23.03 -6.65
N LYS A 155 -23.71 23.11 -6.31
CA LYS A 155 -22.71 22.24 -6.91
C LYS A 155 -22.90 20.79 -6.48
N ILE A 156 -23.16 20.60 -5.19
CA ILE A 156 -23.40 19.26 -4.67
C ILE A 156 -24.62 18.61 -5.33
N ALA A 157 -25.66 19.40 -5.57
CA ALA A 157 -26.86 18.88 -6.20
C ALA A 157 -26.60 18.48 -7.65
N GLN A 158 -25.69 19.21 -8.30
CA GLN A 158 -25.45 19.07 -9.73
C GLN A 158 -24.46 17.97 -10.08
N TYR A 159 -23.46 17.75 -9.22
CA TYR A 159 -22.38 16.83 -9.56
C TYR A 159 -22.21 15.67 -8.56
N PRO A 160 -21.68 14.54 -9.04
CA PRO A 160 -21.21 13.52 -8.10
C PRO A 160 -20.17 14.18 -7.22
N THR A 161 -20.20 13.92 -5.92
CA THR A 161 -19.38 14.69 -4.99
C THR A 161 -18.63 13.79 -4.02
N LEU A 162 -17.37 14.14 -3.76
CA LEU A 162 -16.52 13.46 -2.77
C LEU A 162 -16.28 14.46 -1.64
N LEU A 163 -16.84 14.17 -0.48
CA LEU A 163 -16.73 15.02 0.69
C LEU A 163 -15.73 14.34 1.62
N MSE A 164 -14.51 14.89 1.69
CA MSE A 164 -13.40 14.14 2.27
C MSE A 164 -12.62 14.95 3.26
O MSE A 164 -12.30 16.10 3.00
CB MSE A 164 -12.40 13.74 1.17
CG MSE A 164 -13.05 13.30 -0.11
SE MSE A 164 -11.71 12.94 -1.50
CE MSE A 164 -10.92 11.38 -0.69
N GLY A 165 -12.29 14.36 4.40
CA GLY A 165 -11.38 15.03 5.30
C GLY A 165 -11.53 14.67 6.76
N ASP A 166 -11.04 15.58 7.58
CA ASP A 166 -11.00 15.38 9.01
C ASP A 166 -12.22 16.06 9.63
N PHE A 167 -13.19 15.25 10.05
CA PHE A 167 -14.44 15.77 10.62
C PHE A 167 -14.28 16.09 12.09
N ASN A 168 -13.18 15.65 12.70
CA ASN A 168 -13.01 15.80 14.15
C ASN A 168 -14.20 15.26 14.93
N ALA A 169 -14.88 14.26 14.38
CA ALA A 169 -16.10 13.74 15.02
C ALA A 169 -16.21 12.25 14.83
N GLU A 170 -16.44 11.53 15.93
CA GLU A 170 -16.77 10.10 15.85
C GLU A 170 -18.15 9.91 15.22
N SER A 171 -18.46 8.69 14.82
CA SER A 171 -19.59 8.42 13.94
C SER A 171 -20.97 8.84 14.46
N GLY A 172 -21.11 8.96 15.78
CA GLY A 172 -22.41 9.20 16.37
C GLY A 172 -22.80 10.67 16.46
N GLU A 173 -21.90 11.57 16.09
CA GLU A 173 -22.18 13.01 16.24
C GLU A 173 -23.23 13.51 15.24
N GLU A 174 -23.91 14.60 15.63
CA GLU A 174 -24.95 15.20 14.80
C GLU A 174 -24.47 15.52 13.40
N VAL A 175 -23.23 15.99 13.27
CA VAL A 175 -22.73 16.37 11.97
C VAL A 175 -22.81 15.20 10.97
N HIS A 176 -22.62 13.97 11.44
CA HIS A 176 -22.68 12.82 10.54
C HIS A 176 -24.11 12.54 10.10
N GLN A 177 -25.06 12.77 11.00
CA GLN A 177 -26.47 12.60 10.66
CA GLN A 177 -26.45 12.57 10.65
C GLN A 177 -26.86 13.58 9.57
N LEU A 178 -26.33 14.80 9.65
CA LEU A 178 -26.63 15.82 8.66
C LEU A 178 -26.04 15.42 7.31
N VAL A 179 -24.77 15.05 7.33
CA VAL A 179 -24.07 14.65 6.12
C VAL A 179 -24.76 13.44 5.44
N GLN A 180 -25.28 12.52 6.24
CA GLN A 180 -25.85 11.29 5.71
C GLN A 180 -27.22 11.46 5.04
N LYS A 181 -27.81 12.64 5.17
CA LYS A 181 -29.01 12.96 4.41
C LYS A 181 -28.71 12.89 2.91
N LYS A 182 -27.49 13.25 2.51
CA LYS A 182 -27.13 13.31 1.09
C LYS A 182 -25.97 12.39 0.69
N PHE A 183 -25.14 11.99 1.64
CA PHE A 183 -23.92 11.22 1.36
C PHE A 183 -23.92 9.89 2.06
N GLN A 184 -23.09 8.97 1.56
CA GLN A 184 -22.85 7.70 2.25
C GLN A 184 -21.40 7.59 2.66
N ASP A 185 -21.15 7.01 3.84
CA ASP A 185 -19.79 6.73 4.29
C ASP A 185 -19.20 5.58 3.48
N SER A 186 -18.21 5.88 2.65
CA SER A 186 -17.64 4.89 1.74
C SER A 186 -17.13 3.61 2.41
N LYS A 187 -16.66 3.71 3.66
CA LYS A 187 -16.03 2.54 4.28
C LYS A 187 -17.03 1.46 4.70
N ASN A 188 -18.31 1.77 4.65
CA ASN A 188 -19.35 0.77 4.93
C ASN A 188 -19.96 0.18 3.65
N LEU A 189 -19.48 0.63 2.51
CA LEU A 189 -20.07 0.27 1.22
C LEU A 189 -19.39 -0.89 0.52
N ALA A 190 -18.17 -1.21 0.92
CA ALA A 190 -17.44 -2.30 0.28
C ALA A 190 -16.49 -2.91 1.30
N THR A 191 -15.47 -3.61 0.82
CA THR A 191 -14.46 -4.17 1.71
CA THR A 191 -14.45 -4.17 1.69
C THR A 191 -13.53 -3.07 2.20
N HIS A 192 -13.24 -3.09 3.50
CA HIS A 192 -12.31 -2.11 4.10
C HIS A 192 -11.05 -2.80 4.60
N TYR A 193 -9.90 -2.28 4.19
CA TYR A 193 -8.61 -2.87 4.56
C TYR A 193 -7.97 -1.98 5.61
N GLY A 194 -7.42 -2.59 6.67
CA GLY A 194 -6.81 -1.83 7.73
C GLY A 194 -7.81 -1.45 8.83
N PRO A 195 -7.37 -0.63 9.77
CA PRO A 195 -8.25 -0.26 10.88
C PRO A 195 -9.39 0.65 10.41
N ARG A 196 -10.54 0.58 11.08
CA ARG A 196 -11.64 1.49 10.74
C ARG A 196 -11.38 2.90 11.26
N GLY A 197 -10.60 3.01 12.33
CA GLY A 197 -10.19 4.29 12.87
C GLY A 197 -8.94 4.82 12.20
N THR A 198 -8.67 6.11 12.37
CA THR A 198 -7.67 6.79 11.60
C THR A 198 -6.70 7.64 12.43
N PHE A 199 -7.03 7.91 13.68
CA PHE A 199 -6.17 8.78 14.48
C PHE A 199 -5.45 8.02 15.60
N GLN A 200 -4.12 8.04 15.57
CA GLN A 200 -3.33 7.28 16.54
C GLN A 200 -2.46 8.14 17.45
N ASN A 201 -2.50 9.46 17.27
CA ASN A 201 -1.78 10.37 18.17
C ASN A 201 -0.27 10.11 18.20
N PHE A 202 0.28 9.64 17.07
CA PHE A 202 1.71 9.30 16.93
C PHE A 202 2.12 8.12 17.80
N THR A 203 1.17 7.34 18.29
CA THR A 203 1.50 6.19 19.11
C THR A 203 1.55 4.93 18.24
N TYR A 204 2.76 4.48 17.94
CA TYR A 204 3.00 3.36 17.03
C TYR A 204 2.29 2.09 17.51
N THR A 205 2.24 1.90 18.82
CA THR A 205 1.65 0.68 19.39
C THR A 205 0.18 0.84 19.82
N LYS A 206 -0.47 1.90 19.35
CA LYS A 206 -1.85 2.16 19.72
C LYS A 206 -2.74 1.01 19.26
N PRO A 207 -3.47 0.37 20.19
CA PRO A 207 -4.42 -0.69 19.83
C PRO A 207 -5.49 -0.18 18.88
N TRP A 208 -5.84 -0.98 17.88
CA TRP A 208 -6.78 -0.51 16.87
C TRP A 208 -8.13 -0.11 17.46
N ALA A 209 -8.57 -0.80 18.51
CA ALA A 209 -9.84 -0.48 19.14
C ALA A 209 -9.81 0.92 19.76
N GLU A 210 -8.60 1.44 19.99
CA GLU A 210 -8.42 2.75 20.61
C GLU A 210 -8.18 3.89 19.61
N LEU A 211 -8.11 3.57 18.32
CA LEU A 211 -8.00 4.62 17.32
C LEU A 211 -9.27 5.46 17.34
N GLU A 212 -9.14 6.76 17.08
CA GLU A 212 -10.31 7.60 16.88
C GLU A 212 -10.72 7.56 15.41
N GLU A 213 -12.02 7.46 15.15
CA GLU A 213 -12.55 7.49 13.80
CA GLU A 213 -12.55 7.47 13.81
C GLU A 213 -13.01 8.91 13.47
N ILE A 214 -12.08 9.73 13.00
CA ILE A 214 -12.43 11.13 12.77
C ILE A 214 -12.23 11.59 11.32
N ASP A 215 -11.56 10.78 10.50
CA ASP A 215 -11.40 11.08 9.08
C ASP A 215 -12.37 10.24 8.28
N TYR A 216 -12.95 10.83 7.23
CA TYR A 216 -14.01 10.18 6.45
C TYR A 216 -13.91 10.50 4.97
N ILE A 217 -14.37 9.55 4.16
CA ILE A 217 -14.60 9.79 2.76
C ILE A 217 -16.08 9.52 2.49
N TYR A 218 -16.84 10.60 2.33
CA TYR A 218 -18.27 10.51 2.05
C TYR A 218 -18.51 10.67 0.56
N VAL A 219 -19.43 9.88 0.02
CA VAL A 219 -19.66 9.89 -1.43
C VAL A 219 -21.12 10.14 -1.79
N LYS A 220 -21.30 10.85 -2.90
CA LYS A 220 -22.62 11.00 -3.52
C LYS A 220 -22.45 10.82 -5.01
N GLY A 221 -23.11 9.82 -5.57
CA GLY A 221 -23.05 9.56 -7.00
C GLY A 221 -21.88 8.70 -7.43
N TRP A 222 -21.39 7.86 -6.53
CA TRP A 222 -20.25 7.00 -6.81
C TRP A 222 -20.50 5.56 -6.41
N GLN A 223 -19.91 4.64 -7.17
CA GLN A 223 -19.80 3.25 -6.75
C GLN A 223 -18.48 3.11 -6.01
N VAL A 224 -18.52 2.53 -4.82
CA VAL A 224 -17.29 2.30 -4.06
C VAL A 224 -16.82 0.85 -4.21
N GLN A 225 -15.56 0.68 -4.61
CA GLN A 225 -14.96 -0.64 -4.84
C GLN A 225 -14.23 -1.18 -3.62
N GLN A 226 -13.66 -0.26 -2.84
CA GLN A 226 -12.97 -0.62 -1.61
CA GLN A 226 -12.83 -0.63 -1.69
C GLN A 226 -12.42 0.62 -0.93
N THR A 227 -12.11 0.47 0.35
CA THR A 227 -11.53 1.55 1.12
C THR A 227 -10.40 0.96 1.95
N ALA A 228 -9.51 1.83 2.43
CA ALA A 228 -8.42 1.38 3.31
C ALA A 228 -7.91 2.50 4.21
N SER A 229 -7.47 2.12 5.40
CA SER A 229 -6.69 3.02 6.25
C SER A 229 -5.24 2.53 6.18
N LEU A 230 -4.32 3.41 5.83
CA LEU A 230 -2.95 3.00 5.50
C LEU A 230 -2.02 3.15 6.71
N THR A 231 -1.43 2.04 7.15
CA THR A 231 -0.64 2.03 8.39
C THR A 231 0.87 2.14 8.15
N ASP A 232 1.25 2.67 6.98
CA ASP A 232 2.66 2.90 6.67
C ASP A 232 3.40 3.53 7.84
N SER A 233 4.60 3.02 8.12
CA SER A 233 5.37 3.57 9.22
C SER A 233 6.76 3.92 8.72
N ILE A 234 7.48 4.67 9.54
CA ILE A 234 8.88 4.97 9.28
C ILE A 234 9.66 4.59 10.53
N ASP A 235 10.28 3.42 10.50
CA ASP A 235 11.10 2.91 11.61
C ASP A 235 10.52 3.17 13.01
N GLY A 236 9.32 2.64 13.26
CA GLY A 236 8.74 2.68 14.59
C GLY A 236 7.97 3.93 14.93
N ARG A 237 7.73 4.76 13.91
CA ARG A 237 6.92 5.97 14.07
C ARG A 237 5.97 6.06 12.90
N PHE A 238 4.91 6.84 13.05
CA PHE A 238 4.01 7.10 11.92
C PHE A 238 4.35 8.47 11.38
N PRO A 239 4.28 8.63 10.05
CA PRO A 239 4.64 9.90 9.43
C PRO A 239 3.71 11.04 9.86
N SER A 240 2.46 10.74 10.20
CA SER A 240 1.53 11.71 10.75
C SER A 240 0.82 11.06 11.93
N ASP A 241 0.10 11.85 12.73
CA ASP A 241 -0.70 11.28 13.81
C ASP A 241 -2.07 10.78 13.34
N HIS A 242 -2.33 10.94 12.04
CA HIS A 242 -3.44 10.25 11.37
C HIS A 242 -2.88 9.25 10.37
N PHE A 243 -3.62 8.18 10.12
CA PHE A 243 -3.36 7.37 8.92
C PHE A 243 -4.05 8.02 7.73
N PRO A 244 -3.44 7.93 6.54
CA PRO A 244 -4.22 8.26 5.35
C PRO A 244 -5.41 7.32 5.22
N LEU A 245 -6.47 7.83 4.61
CA LEU A 245 -7.66 7.05 4.33
C LEU A 245 -7.84 7.10 2.84
N GLU A 246 -7.95 5.96 2.19
CA GLU A 246 -8.15 5.94 0.75
C GLU A 246 -9.42 5.20 0.32
N ALA A 247 -9.88 5.51 -0.88
CA ALA A 247 -11.01 4.80 -1.48
C ALA A 247 -10.75 4.58 -2.95
N GLU A 248 -11.30 3.50 -3.48
CA GLU A 248 -11.38 3.31 -4.91
C GLU A 248 -12.84 3.49 -5.32
N VAL A 249 -13.09 4.39 -6.27
CA VAL A 249 -14.44 4.74 -6.67
C VAL A 249 -14.59 4.71 -8.19
N ALA A 250 -15.84 4.58 -8.65
CA ALA A 250 -16.14 4.63 -10.07
C ALA A 250 -17.41 5.45 -10.27
N GLY A 251 -17.41 6.32 -11.27
CA GLY A 251 -18.57 7.15 -11.55
C GLY A 251 -19.78 6.32 -11.96
N GLU A 252 -20.97 6.86 -11.75
CA GLU A 252 -22.20 6.16 -12.10
C GLU A 252 -22.59 6.35 -13.57
N MSE B 1 4.14 -3.40 -14.77
CA MSE B 1 3.62 -4.57 -14.08
C MSE B 1 4.11 -4.57 -12.64
O MSE B 1 5.30 -4.32 -12.38
CB MSE B 1 4.05 -5.86 -14.78
CG MSE B 1 3.57 -7.13 -14.09
SE MSE B 1 4.01 -8.78 -15.05
CE MSE B 1 5.94 -8.53 -15.19
N LYS B 2 3.21 -4.85 -11.70
CA LYS B 2 3.57 -5.00 -10.31
C LYS B 2 3.72 -6.48 -9.95
N ILE B 3 4.83 -6.79 -9.29
CA ILE B 3 5.15 -8.15 -8.91
C ILE B 3 5.59 -8.14 -7.46
N ALA B 4 5.47 -9.29 -6.79
CA ALA B 4 5.88 -9.33 -5.39
C ALA B 4 6.38 -10.70 -5.00
N THR B 5 7.10 -10.76 -3.89
CA THR B 5 7.44 -12.03 -3.27
C THR B 5 7.11 -11.91 -1.77
N TYR B 6 6.65 -13.00 -1.18
CA TYR B 6 6.15 -12.96 0.20
C TYR B 6 6.32 -14.32 0.85
N ASN B 7 7.20 -14.39 1.84
CA ASN B 7 7.34 -15.60 2.63
C ASN B 7 6.32 -15.47 3.74
N VAL B 8 5.29 -16.31 3.70
CA VAL B 8 4.13 -16.11 4.56
C VAL B 8 4.21 -16.83 5.89
N ARG B 9 5.36 -17.47 6.14
CA ARG B 9 5.64 -18.26 7.37
C ARG B 9 4.86 -19.56 7.46
N VAL B 10 5.60 -20.66 7.51
CA VAL B 10 4.99 -21.99 7.51
C VAL B 10 4.08 -22.15 8.72
N ASP B 11 2.97 -22.86 8.55
CA ASP B 11 2.09 -23.17 9.65
C ASP B 11 2.83 -24.07 10.64
N THR B 12 3.00 -23.60 11.86
CA THR B 12 3.68 -24.38 12.88
C THR B 12 3.14 -24.07 14.26
N GLU B 13 3.08 -25.08 15.13
CA GLU B 13 2.54 -24.87 16.46
C GLU B 13 3.50 -24.05 17.31
N TYR B 14 4.75 -23.94 16.85
CA TYR B 14 5.72 -23.09 17.53
C TYR B 14 5.24 -21.64 17.62
N ASP B 15 4.39 -21.21 16.69
CA ASP B 15 3.89 -19.83 16.69
C ASP B 15 2.73 -19.59 17.66
N GLN B 16 2.22 -20.68 18.23
CA GLN B 16 1.21 -20.59 19.28
C GLN B 16 -0.01 -19.79 18.86
N ASP B 17 -0.26 -18.66 19.54
CA ASP B 17 -1.46 -17.87 19.24
C ASP B 17 -1.30 -17.04 17.96
N TRP B 18 -0.19 -17.25 17.26
CA TRP B 18 0.04 -16.55 15.99
C TRP B 18 0.43 -17.56 14.93
N GLN B 19 -0.03 -18.80 15.07
CA GLN B 19 0.12 -19.76 13.99
C GLN B 19 -0.83 -19.38 12.85
N TRP B 20 -0.73 -20.10 11.73
CA TRP B 20 -1.41 -19.71 10.50
C TRP B 20 -2.90 -19.43 10.65
N SER B 21 -3.59 -20.27 11.42
CA SER B 21 -5.05 -20.11 11.59
CA SER B 21 -5.04 -20.11 11.56
C SER B 21 -5.41 -18.69 12.00
N PHE B 22 -4.56 -18.08 12.83
CA PHE B 22 -4.82 -16.74 13.35
C PHE B 22 -4.37 -15.65 12.41
N ARG B 23 -3.50 -15.99 11.46
CA ARG B 23 -2.87 -15.03 10.57
C ARG B 23 -3.45 -15.04 9.17
N LYS B 24 -4.19 -16.10 8.83
CA LYS B 24 -4.56 -16.34 7.43
C LYS B 24 -5.37 -15.20 6.81
N GLU B 25 -6.34 -14.67 7.56
CA GLU B 25 -7.15 -13.58 7.04
C GLU B 25 -6.27 -12.36 6.74
N ALA B 26 -5.36 -12.03 7.65
CA ALA B 26 -4.51 -10.86 7.46
C ALA B 26 -3.58 -11.03 6.27
N VAL B 27 -3.02 -12.22 6.11
CA VAL B 27 -2.13 -12.49 4.99
C VAL B 27 -2.90 -12.41 3.68
N CYS B 28 -4.06 -13.06 3.63
CA CYS B 28 -4.83 -13.09 2.39
C CYS B 28 -5.39 -11.73 2.03
N GLN B 29 -5.82 -10.97 3.03
CA GLN B 29 -6.35 -9.64 2.76
C GLN B 29 -5.24 -8.69 2.29
N LEU B 30 -4.04 -8.86 2.81
CA LEU B 30 -2.90 -8.07 2.33
C LEU B 30 -2.69 -8.33 0.85
N ILE B 31 -2.61 -9.61 0.48
CA ILE B 31 -2.42 -10.00 -0.91
C ILE B 31 -3.54 -9.43 -1.79
N ASN B 32 -4.79 -9.57 -1.35
CA ASN B 32 -5.91 -9.03 -2.14
C ASN B 32 -5.86 -7.52 -2.34
N PHE B 33 -5.47 -6.82 -1.29
CA PHE B 33 -5.40 -5.36 -1.33
C PHE B 33 -4.31 -4.85 -2.25
N HIS B 34 -3.14 -5.45 -2.17
CA HIS B 34 -2.03 -5.00 -3.01
C HIS B 34 -2.20 -5.40 -4.47
N ASP B 35 -2.82 -6.56 -4.69
CA ASP B 35 -3.41 -6.89 -5.98
C ASP B 35 -2.41 -6.81 -7.13
N TRP B 36 -1.22 -7.38 -6.92
CA TRP B 36 -0.19 -7.41 -7.95
C TRP B 36 -0.60 -8.29 -9.13
N SER B 37 0.13 -8.19 -10.23
CA SER B 37 -0.03 -9.14 -11.34
C SER B 37 0.29 -10.55 -10.92
N LEU B 38 1.36 -10.69 -10.12
CA LEU B 38 1.77 -12.01 -9.66
C LEU B 38 2.56 -11.88 -8.37
N CYS B 39 2.57 -12.94 -7.57
CA CYS B 39 3.31 -12.94 -6.30
C CYS B 39 3.88 -14.32 -6.04
N CYS B 40 5.20 -14.38 -5.83
CA CYS B 40 5.81 -15.64 -5.40
C CYS B 40 5.62 -15.79 -3.90
N ILE B 41 5.24 -16.99 -3.47
CA ILE B 41 4.95 -17.26 -2.08
C ILE B 41 5.87 -18.37 -1.59
N GLN B 42 6.47 -18.19 -0.42
CA GLN B 42 7.22 -19.27 0.23
C GLN B 42 6.58 -19.71 1.53
N GLU B 43 6.83 -20.97 1.88
CA GLU B 43 6.46 -21.56 3.18
C GLU B 43 4.97 -21.84 3.35
N VAL B 44 4.43 -22.61 2.42
CA VAL B 44 3.02 -22.97 2.50
C VAL B 44 2.80 -24.47 2.50
N ARG B 45 2.31 -24.98 3.61
CA ARG B 45 1.87 -26.36 3.70
C ARG B 45 0.55 -26.49 2.95
N PRO B 46 0.06 -27.72 2.72
CA PRO B 46 -1.15 -27.84 1.89
C PRO B 46 -2.37 -27.05 2.38
N ASN B 47 -2.57 -26.95 3.69
CA ASN B 47 -3.70 -26.19 4.20
C ASN B 47 -3.56 -24.70 3.88
N GLN B 48 -2.33 -24.20 3.92
CA GLN B 48 -2.07 -22.81 3.56
C GLN B 48 -2.33 -22.56 2.08
N VAL B 49 -1.94 -23.51 1.22
CA VAL B 49 -2.24 -23.39 -0.19
C VAL B 49 -3.76 -23.35 -0.42
N ARG B 50 -4.48 -24.24 0.27
CA ARG B 50 -5.94 -24.25 0.19
CA ARG B 50 -5.94 -24.27 0.23
C ARG B 50 -6.52 -22.90 0.59
N ASP B 51 -5.98 -22.31 1.66
CA ASP B 51 -6.45 -21.01 2.12
C ASP B 51 -6.13 -19.89 1.13
N LEU B 52 -4.95 -19.93 0.51
CA LEU B 52 -4.64 -18.91 -0.49
C LEU B 52 -5.64 -18.98 -1.65
N LYS B 53 -5.97 -20.19 -2.09
CA LYS B 53 -6.94 -20.34 -3.17
C LYS B 53 -8.33 -19.88 -2.74
N ALA B 54 -8.71 -20.15 -1.50
CA ALA B 54 -10.06 -19.85 -1.02
C ALA B 54 -10.26 -18.36 -0.69
N TYR B 55 -9.23 -17.76 -0.10
CA TYR B 55 -9.37 -16.41 0.45
C TYR B 55 -8.63 -15.30 -0.29
N THR B 56 -7.86 -15.65 -1.32
CA THR B 56 -7.37 -14.61 -2.22
C THR B 56 -8.09 -14.68 -3.57
N THR B 57 -7.93 -13.62 -4.35
CA THR B 57 -8.56 -13.51 -5.65
C THR B 57 -7.72 -14.16 -6.76
N PHE B 58 -6.56 -14.70 -6.39
CA PHE B 58 -5.56 -15.15 -7.37
C PHE B 58 -5.68 -16.61 -7.81
N THR B 59 -5.22 -16.86 -9.04
CA THR B 59 -4.99 -18.23 -9.49
C THR B 59 -3.70 -18.70 -8.82
N CYS B 60 -3.67 -19.95 -8.40
CA CYS B 60 -2.56 -20.48 -7.62
C CYS B 60 -1.88 -21.67 -8.27
N LEU B 61 -0.62 -21.48 -8.65
CA LEU B 61 0.26 -22.56 -9.07
C LEU B 61 1.06 -22.97 -7.83
N SER B 62 1.12 -24.27 -7.53
CA SER B 62 1.89 -24.69 -6.36
C SER B 62 2.59 -26.03 -6.56
N ALA B 63 3.60 -26.27 -5.73
CA ALA B 63 4.33 -27.54 -5.70
C ALA B 63 4.92 -27.66 -4.30
N GLU B 64 5.23 -28.88 -3.88
CA GLU B 64 5.78 -29.04 -2.54
C GLU B 64 6.97 -29.99 -2.54
N ARG B 65 7.73 -29.96 -1.45
CA ARG B 65 9.08 -30.49 -1.50
C ARG B 65 9.18 -31.97 -1.16
N GLU B 66 8.12 -32.56 -0.63
CA GLU B 66 8.18 -33.99 -0.27
C GLU B 66 7.84 -34.89 -1.44
N GLY B 67 7.02 -34.38 -2.37
CA GLY B 67 6.64 -35.14 -3.54
C GLY B 67 5.31 -35.84 -3.39
N ASP B 68 4.93 -36.13 -2.14
CA ASP B 68 3.65 -36.79 -1.86
C ASP B 68 2.50 -35.79 -1.75
N GLY B 69 2.77 -34.53 -2.12
CA GLY B 69 1.76 -33.49 -2.06
C GLY B 69 1.40 -33.07 -0.65
N GLN B 70 2.15 -33.55 0.33
CA GLN B 70 1.84 -33.29 1.73
C GLN B 70 2.82 -32.35 2.41
N GLY B 71 3.92 -32.03 1.73
CA GLY B 71 4.99 -31.26 2.35
C GLY B 71 4.83 -29.75 2.28
N GLU B 72 5.80 -29.05 2.86
CA GLU B 72 5.87 -27.59 2.75
C GLU B 72 6.22 -27.24 1.32
N GLY B 73 5.59 -26.20 0.80
CA GLY B 73 5.73 -25.92 -0.62
C GLY B 73 5.88 -24.45 -0.96
N LEU B 74 5.84 -24.18 -2.27
CA LEU B 74 5.94 -22.84 -2.81
C LEU B 74 4.70 -22.62 -3.67
N ALA B 75 4.35 -21.36 -3.90
CA ALA B 75 3.28 -21.05 -4.83
C ALA B 75 3.66 -19.84 -5.66
N ILE B 76 3.05 -19.75 -6.83
CA ILE B 76 3.04 -18.50 -7.58
C ILE B 76 1.57 -18.14 -7.77
N LEU B 77 1.17 -17.01 -7.19
CA LEU B 77 -0.19 -16.52 -7.37
C LEU B 77 -0.15 -15.57 -8.54
N TYR B 78 -1.15 -15.64 -9.40
CA TYR B 78 -1.22 -14.69 -10.52
C TYR B 78 -2.64 -14.39 -10.93
N ASN B 79 -2.81 -13.22 -11.55
CA ASN B 79 -4.12 -12.77 -12.02
C ASN B 79 -4.19 -12.99 -13.52
N GLU B 80 -5.06 -13.92 -13.94
CA GLU B 80 -5.14 -14.30 -15.35
C GLU B 80 -5.59 -13.17 -16.29
N GLN B 81 -6.18 -12.13 -15.74
CA GLN B 81 -6.55 -10.98 -16.55
C GLN B 81 -5.34 -10.12 -16.86
N LYS B 82 -4.27 -10.32 -16.10
CA LYS B 82 -3.04 -9.54 -16.24
C LYS B 82 -1.89 -10.34 -16.87
N VAL B 83 -1.75 -11.61 -16.47
CA VAL B 83 -0.72 -12.46 -17.06
C VAL B 83 -1.27 -13.86 -17.24
N GLN B 84 -0.81 -14.56 -18.27
CA GLN B 84 -1.25 -15.93 -18.48
C GLN B 84 -0.06 -16.87 -18.35
N ALA B 85 -0.26 -18.00 -17.69
CA ALA B 85 0.79 -19.00 -17.56
C ALA B 85 0.75 -19.90 -18.78
N ILE B 86 1.87 -19.99 -19.50
CA ILE B 86 1.93 -20.87 -20.66
C ILE B 86 2.76 -22.12 -20.44
N ASP B 87 3.56 -22.13 -19.38
CA ASP B 87 4.30 -23.32 -18.98
C ASP B 87 4.65 -23.20 -17.51
N THR B 88 4.80 -24.34 -16.84
CA THR B 88 5.16 -24.36 -15.42
CA THR B 88 5.20 -24.34 -15.44
C THR B 88 5.93 -25.63 -15.10
N GLY B 89 6.71 -25.60 -14.02
CA GLY B 89 7.41 -26.77 -13.60
C GLY B 89 8.04 -26.57 -12.25
N TYR B 90 8.62 -27.65 -11.72
CA TYR B 90 9.39 -27.55 -10.51
C TYR B 90 10.42 -28.65 -10.46
N PHE B 91 11.42 -28.48 -9.61
CA PHE B 91 12.48 -29.46 -9.50
C PHE B 91 13.16 -29.29 -8.16
N TRP B 92 13.91 -30.31 -7.77
CA TRP B 92 14.61 -30.31 -6.50
C TRP B 92 16.01 -29.71 -6.66
N LEU B 93 16.43 -28.99 -5.63
CA LEU B 93 17.74 -28.34 -5.64
C LEU B 93 18.80 -29.33 -5.17
N SER B 94 19.01 -30.36 -5.97
CA SER B 94 19.84 -31.48 -5.58
C SER B 94 20.62 -31.98 -6.79
N GLU B 95 21.35 -33.07 -6.59
CA GLU B 95 22.10 -33.69 -7.69
C GLU B 95 21.20 -34.52 -8.60
N THR B 96 19.93 -34.67 -8.20
CA THR B 96 18.94 -35.36 -9.03
C THR B 96 17.64 -34.56 -9.01
N PRO B 97 17.62 -33.46 -9.76
CA PRO B 97 16.56 -32.45 -9.70
C PRO B 97 15.16 -32.97 -10.05
N GLN B 98 15.07 -34.08 -10.78
CA GLN B 98 13.74 -34.55 -11.19
C GLN B 98 13.04 -35.43 -10.17
N GLN B 99 13.71 -35.76 -9.08
CA GLN B 99 13.09 -36.61 -8.07
C GLN B 99 13.30 -36.04 -6.69
N PRO B 100 12.36 -36.31 -5.76
CA PRO B 100 12.48 -35.86 -4.37
C PRO B 100 13.82 -36.32 -3.81
N SER B 101 14.62 -35.38 -3.36
CA SER B 101 15.99 -35.65 -2.97
C SER B 101 16.55 -34.50 -2.18
N ILE B 102 17.71 -34.71 -1.57
CA ILE B 102 18.35 -33.68 -0.77
C ILE B 102 19.75 -33.42 -1.29
N HIS B 103 20.13 -32.16 -1.43
CA HIS B 103 21.51 -31.85 -1.81
C HIS B 103 22.46 -32.31 -0.70
N PRO B 104 23.62 -32.86 -1.08
CA PRO B 104 24.59 -33.28 -0.07
C PRO B 104 24.80 -32.25 1.05
N GLU B 105 24.73 -30.96 0.72
CA GLU B 105 25.04 -29.91 1.70
C GLU B 105 23.81 -29.45 2.48
N ALA B 106 22.63 -29.89 2.06
CA ALA B 106 21.39 -29.29 2.58
C ALA B 106 20.77 -30.12 3.69
N GLY B 107 19.90 -29.50 4.48
CA GLY B 107 19.26 -30.17 5.59
C GLY B 107 17.92 -30.80 5.28
N CYS B 108 17.37 -30.52 4.10
CA CYS B 108 16.05 -31.04 3.74
C CYS B 108 15.83 -30.92 2.24
N PRO B 109 14.81 -31.63 1.71
CA PRO B 109 14.49 -31.38 0.30
C PRO B 109 14.12 -29.92 0.11
N ARG B 110 14.53 -29.34 -1.00
CA ARG B 110 14.15 -27.98 -1.36
C ARG B 110 13.79 -28.01 -2.83
N ILE B 111 12.78 -27.23 -3.22
CA ILE B 111 12.42 -27.16 -4.62
C ILE B 111 12.52 -25.73 -5.12
N ALA B 112 12.56 -25.60 -6.45
CA ALA B 112 12.25 -24.33 -7.08
C ALA B 112 11.00 -24.53 -7.94
N LEU B 113 10.14 -23.53 -7.95
CA LEU B 113 8.91 -23.55 -8.73
C LEU B 113 9.03 -22.42 -9.75
N TRP B 114 8.77 -22.72 -11.01
CA TRP B 114 8.88 -21.69 -12.04
C TRP B 114 7.66 -21.64 -12.94
N GLY B 115 7.46 -20.51 -13.60
CA GLY B 115 6.40 -20.40 -14.59
C GLY B 115 6.85 -19.53 -15.73
N LEU B 116 6.42 -19.87 -16.94
CA LEU B 116 6.62 -19.02 -18.10
C LEU B 116 5.29 -18.32 -18.33
N PHE B 117 5.33 -16.99 -18.34
CA PHE B 117 4.11 -16.19 -18.37
C PHE B 117 4.14 -15.25 -19.56
N LYS B 118 2.98 -14.69 -19.89
CA LYS B 118 2.90 -13.59 -20.84
C LYS B 118 1.95 -12.55 -20.30
N GLU B 119 2.33 -11.28 -20.36
CA GLU B 119 1.39 -10.22 -20.01
C GLU B 119 0.31 -10.17 -21.07
N THR B 120 -0.90 -9.83 -20.64
CA THR B 120 -2.02 -9.75 -21.58
C THR B 120 -1.72 -8.90 -22.81
N THR B 121 -1.08 -7.76 -22.60
CA THR B 121 -0.80 -6.82 -23.68
C THR B 121 0.43 -7.20 -24.53
N GLN B 122 1.43 -7.80 -23.88
CA GLN B 122 2.70 -8.08 -24.55
C GLN B 122 2.65 -9.39 -25.34
N ASN B 123 3.58 -9.53 -26.29
CA ASN B 123 3.63 -10.72 -27.13
C ASN B 123 4.66 -11.76 -26.68
N THR B 124 5.72 -11.30 -26.03
CA THR B 124 6.81 -12.18 -25.64
C THR B 124 6.69 -12.66 -24.19
N PRO B 125 7.07 -13.91 -23.94
CA PRO B 125 6.97 -14.58 -22.64
C PRO B 125 8.06 -14.09 -21.69
N PHE B 126 7.83 -14.25 -20.40
CA PHE B 126 8.90 -14.06 -19.42
C PHE B 126 8.90 -15.19 -18.39
N LEU B 127 10.05 -15.38 -17.76
CA LEU B 127 10.23 -16.47 -16.81
C LEU B 127 10.16 -15.93 -15.38
N VAL B 128 9.42 -16.63 -14.53
CA VAL B 128 9.39 -16.33 -13.09
C VAL B 128 9.93 -17.54 -12.34
N ILE B 129 10.93 -17.32 -11.47
CA ILE B 129 11.50 -18.39 -10.66
C ILE B 129 11.32 -18.05 -9.19
N ASN B 130 10.59 -18.91 -8.47
CA ASN B 130 10.33 -18.75 -7.04
C ASN B 130 11.44 -19.45 -6.25
N VAL B 131 12.21 -18.64 -5.54
CA VAL B 131 13.38 -19.05 -4.79
C VAL B 131 13.09 -19.24 -3.30
N HIS B 132 13.50 -20.39 -2.74
CA HIS B 132 13.61 -20.49 -1.28
C HIS B 132 14.79 -21.36 -0.92
N LEU B 133 15.89 -20.70 -0.63
CA LEU B 133 17.15 -21.43 -0.44
C LEU B 133 17.27 -21.92 0.98
N ASP B 134 18.13 -22.90 1.20
CA ASP B 134 18.29 -23.56 2.49
C ASP B 134 18.83 -22.59 3.54
N HIS B 135 18.38 -22.72 4.77
CA HIS B 135 18.85 -21.83 5.83
C HIS B 135 20.11 -22.37 6.51
N ILE B 136 20.42 -23.64 6.27
CA ILE B 136 21.48 -24.33 7.01
C ILE B 136 22.88 -23.70 6.88
N SER B 137 23.27 -23.33 5.67
CA SER B 137 24.61 -22.77 5.47
C SER B 137 24.74 -21.97 4.18
N ALA B 138 25.74 -21.10 4.13
CA ALA B 138 26.03 -20.36 2.91
C ALA B 138 26.41 -21.31 1.78
N HIS B 139 27.14 -22.37 2.10
CA HIS B 139 27.48 -23.35 1.08
C HIS B 139 26.24 -24.03 0.47
N ALA B 140 25.27 -24.37 1.32
CA ALA B 140 24.03 -24.97 0.85
C ALA B 140 23.27 -24.02 -0.07
N ARG B 141 23.29 -22.74 0.26
CA ARG B 141 22.62 -21.75 -0.58
C ARG B 141 23.27 -21.61 -1.93
N LEU B 142 24.59 -21.50 -1.94
CA LEU B 142 25.32 -21.45 -3.21
C LEU B 142 25.01 -22.68 -4.03
N ALA B 143 25.05 -23.85 -3.38
CA ALA B 143 24.79 -25.10 -4.10
C ALA B 143 23.38 -25.16 -4.67
N GLY B 144 22.40 -24.74 -3.89
CA GLY B 144 21.01 -24.73 -4.32
C GLY B 144 20.77 -23.81 -5.51
N MSE B 145 21.34 -22.61 -5.45
CA MSE B 145 21.22 -21.66 -6.55
C MSE B 145 21.94 -22.14 -7.80
O MSE B 145 21.50 -21.88 -8.92
CB MSE B 145 21.73 -20.28 -6.14
CG MSE B 145 21.64 -19.22 -7.23
SE MSE B 145 19.83 -18.91 -7.91
CE MSE B 145 19.06 -18.16 -6.30
N THR B 146 23.04 -22.87 -7.62
CA THR B 146 23.77 -23.41 -8.75
C THR B 146 22.86 -24.36 -9.53
N VAL B 147 22.11 -25.19 -8.81
CA VAL B 147 21.15 -26.09 -9.45
C VAL B 147 20.07 -25.31 -10.22
N ILE B 148 19.51 -24.27 -9.61
CA ILE B 148 18.53 -23.45 -10.31
C ILE B 148 19.11 -22.90 -11.62
N LEU B 149 20.28 -22.29 -11.53
CA LEU B 149 20.86 -21.62 -12.70
C LEU B 149 21.25 -22.61 -13.79
N GLU B 150 21.60 -23.82 -13.39
CA GLU B 150 21.96 -24.85 -14.36
C GLU B 150 20.70 -25.47 -14.97
N GLU B 151 19.76 -25.83 -14.10
CA GLU B 151 18.57 -26.53 -14.53
C GLU B 151 17.74 -25.64 -15.47
N LEU B 152 17.70 -24.34 -15.20
CA LEU B 152 16.94 -23.42 -16.02
C LEU B 152 17.82 -22.56 -16.94
N HIS B 153 19.06 -22.98 -17.16
CA HIS B 153 20.01 -22.17 -17.91
C HIS B 153 19.45 -21.72 -19.25
N ASP B 154 18.87 -22.66 -20.00
CA ASP B 154 18.32 -22.36 -21.33
C ASP B 154 17.19 -21.33 -21.28
N LYS B 155 16.26 -21.50 -20.34
CA LYS B 155 15.12 -20.57 -20.22
C LYS B 155 15.56 -19.18 -19.80
N ILE B 156 16.47 -19.11 -18.83
CA ILE B 156 17.00 -17.84 -18.36
C ILE B 156 17.69 -17.09 -19.49
N ALA B 157 18.44 -17.80 -20.32
CA ALA B 157 19.16 -17.18 -21.42
C ALA B 157 18.18 -16.63 -22.46
N GLN B 158 17.07 -17.32 -22.65
CA GLN B 158 16.14 -17.01 -23.72
C GLN B 158 15.15 -15.88 -23.36
N TYR B 159 14.77 -15.80 -22.09
CA TYR B 159 13.67 -14.91 -21.67
C TYR B 159 14.07 -13.87 -20.61
N PRO B 160 13.41 -12.69 -20.64
CA PRO B 160 13.51 -11.82 -19.46
C PRO B 160 13.06 -12.62 -18.26
N THR B 161 13.78 -12.52 -17.15
CA THR B 161 13.54 -13.42 -16.02
C THR B 161 13.44 -12.65 -14.72
N LEU B 162 12.51 -13.07 -13.86
CA LEU B 162 12.34 -12.53 -12.52
C LEU B 162 12.69 -13.65 -11.56
N LEU B 163 13.78 -13.46 -10.83
CA LEU B 163 14.26 -14.45 -9.87
C LEU B 163 13.94 -13.88 -8.51
N MSE B 164 12.93 -14.45 -7.85
CA MSE B 164 12.28 -13.81 -6.69
C MSE B 164 12.15 -14.76 -5.53
O MSE B 164 11.71 -15.90 -5.71
CB MSE B 164 10.86 -13.36 -7.07
CG MSE B 164 10.75 -12.74 -8.43
SE MSE B 164 8.91 -12.29 -8.86
CE MSE B 164 8.71 -10.85 -7.60
N GLY B 165 12.48 -14.32 -4.33
CA GLY B 165 12.14 -15.11 -3.18
C GLY B 165 13.05 -14.92 -2.00
N ASP B 166 13.06 -15.93 -1.15
CA ASP B 166 13.78 -15.90 0.11
C ASP B 166 15.10 -16.62 -0.08
N PHE B 167 16.17 -15.83 -0.16
CA PHE B 167 17.51 -16.37 -0.39
C PHE B 167 18.14 -16.85 0.89
N ASN B 168 17.54 -16.49 2.03
CA ASN B 168 18.12 -16.83 3.34
C ASN B 168 19.56 -16.33 3.45
N ALA B 169 19.88 -15.25 2.74
CA ALA B 169 21.26 -14.78 2.67
C ALA B 169 21.31 -13.26 2.61
N GLU B 170 22.12 -12.66 3.49
CA GLU B 170 22.39 -11.23 3.40
C GLU B 170 23.26 -10.97 2.16
N SER B 171 23.36 -9.70 1.77
CA SER B 171 23.86 -9.31 0.46
C SER B 171 25.29 -9.73 0.15
N GLY B 172 26.09 -9.94 1.19
CA GLY B 172 27.49 -10.25 1.01
C GLY B 172 27.83 -11.70 0.71
N GLU B 173 26.84 -12.60 0.80
CA GLU B 173 27.11 -14.04 0.58
C GLU B 173 27.49 -14.36 -0.86
N GLU B 174 28.23 -15.45 -1.03
CA GLU B 174 28.67 -15.89 -2.36
C GLU B 174 27.52 -16.12 -3.32
N VAL B 175 26.40 -16.61 -2.82
CA VAL B 175 25.26 -16.87 -3.69
C VAL B 175 24.83 -15.61 -4.45
N HIS B 176 24.89 -14.45 -3.79
CA HIS B 176 24.56 -13.20 -4.47
C HIS B 176 25.58 -12.84 -5.55
N GLN B 177 26.85 -13.13 -5.30
CA GLN B 177 27.86 -12.87 -6.31
C GLN B 177 27.58 -13.70 -7.56
N LEU B 178 27.12 -14.93 -7.36
CA LEU B 178 26.84 -15.82 -8.48
C LEU B 178 25.63 -15.29 -9.25
N VAL B 179 24.58 -14.94 -8.52
CA VAL B 179 23.37 -14.45 -9.15
C VAL B 179 23.63 -13.16 -9.93
N GLN B 180 24.51 -12.33 -9.39
CA GLN B 180 24.80 -11.02 -10.00
C GLN B 180 25.61 -11.07 -11.30
N LYS B 181 26.12 -12.25 -11.65
CA LYS B 181 26.72 -12.45 -12.96
C LYS B 181 25.68 -12.23 -14.06
N LYS B 182 24.41 -12.54 -13.77
CA LYS B 182 23.37 -12.47 -14.78
C LYS B 182 22.18 -11.57 -14.41
N PHE B 183 22.00 -11.29 -13.12
CA PHE B 183 20.84 -10.52 -12.66
C PHE B 183 21.26 -9.26 -11.93
N GLN B 184 20.34 -8.31 -11.84
CA GLN B 184 20.52 -7.14 -10.99
C GLN B 184 19.48 -7.12 -9.87
N ASP B 185 19.91 -6.70 -8.69
CA ASP B 185 19.00 -6.52 -7.56
C ASP B 185 18.12 -5.30 -7.81
N SER B 186 16.83 -5.52 -8.00
CA SER B 186 15.89 -4.45 -8.35
C SER B 186 15.85 -3.26 -7.37
N LYS B 187 16.10 -3.52 -6.08
CA LYS B 187 15.93 -2.45 -5.10
C LYS B 187 17.01 -1.39 -5.16
N ASN B 188 18.07 -1.65 -5.94
CA ASN B 188 19.13 -0.66 -6.13
C ASN B 188 19.02 0.07 -7.46
N LEU B 189 17.98 -0.25 -8.24
CA LEU B 189 17.85 0.26 -9.60
C LEU B 189 16.93 1.47 -9.71
N ALA B 190 16.11 1.67 -8.69
CA ALA B 190 15.18 2.79 -8.71
C ALA B 190 14.94 3.27 -7.30
N THR B 191 13.85 3.98 -7.08
CA THR B 191 13.51 4.42 -5.73
CA THR B 191 13.48 4.43 -5.74
C THR B 191 12.92 3.25 -4.94
N HIS B 192 13.36 3.11 -3.69
CA HIS B 192 12.84 2.07 -2.81
C HIS B 192 12.04 2.66 -1.65
N TYR B 193 10.83 2.15 -1.45
CA TYR B 193 9.95 2.65 -0.38
C TYR B 193 9.92 1.63 0.75
N GLY B 194 10.01 2.11 1.98
CA GLY B 194 10.07 1.22 3.13
C GLY B 194 11.47 0.77 3.46
N PRO B 195 11.60 -0.16 4.42
CA PRO B 195 12.91 -0.64 4.85
C PRO B 195 13.60 -1.46 3.75
N ARG B 196 14.93 -1.43 3.71
CA ARG B 196 15.64 -2.27 2.73
C ARG B 196 15.62 -3.73 3.17
N GLY B 197 15.50 -3.95 4.48
CA GLY B 197 15.40 -5.30 5.02
C GLY B 197 13.97 -5.80 5.03
N THR B 198 13.79 -7.11 5.17
CA THR B 198 12.47 -7.71 5.06
C THR B 198 12.10 -8.68 6.17
N PHE B 199 13.07 -9.11 6.98
CA PHE B 199 12.74 -10.08 8.01
C PHE B 199 12.71 -9.47 9.41
N GLN B 200 11.55 -9.50 10.07
CA GLN B 200 11.41 -8.89 11.39
C GLN B 200 11.12 -9.88 12.52
N ASN B 201 11.01 -11.17 12.19
CA ASN B 201 10.87 -12.19 13.23
C ASN B 201 9.61 -11.99 14.08
N PHE B 202 8.55 -11.45 13.47
CA PHE B 202 7.29 -11.12 14.16
C PHE B 202 7.44 -10.04 15.24
N THR B 203 8.52 -9.28 15.20
CA THR B 203 8.71 -8.24 16.22
C THR B 203 8.25 -6.89 15.67
N TYR B 204 7.07 -6.46 16.11
CA TYR B 204 6.42 -5.27 15.58
C TYR B 204 7.31 -4.04 15.75
N THR B 205 8.07 -3.99 16.84
CA THR B 205 8.89 -2.83 17.12
C THR B 205 10.36 -2.99 16.71
N LYS B 206 10.63 -3.97 15.85
CA LYS B 206 12.00 -4.20 15.39
C LYS B 206 12.54 -2.98 14.68
N PRO B 207 13.68 -2.44 15.14
CA PRO B 207 14.32 -1.33 14.45
C PRO B 207 14.69 -1.70 13.01
N TRP B 208 14.49 -0.79 12.08
CA TRP B 208 14.76 -1.10 10.69
C TRP B 208 16.21 -1.52 10.43
N ALA B 209 17.16 -0.94 11.16
CA ALA B 209 18.57 -1.29 10.99
C ALA B 209 18.84 -2.75 11.38
N GLU B 210 17.92 -3.32 12.12
CA GLU B 210 18.05 -4.71 12.60
C GLU B 210 17.26 -5.74 11.77
N LEU B 211 16.54 -5.28 10.77
CA LEU B 211 15.88 -6.22 9.86
C LEU B 211 16.93 -7.00 9.09
N GLU B 212 16.67 -8.29 8.83
CA GLU B 212 17.55 -9.04 7.95
C GLU B 212 17.11 -8.85 6.49
N GLU B 213 18.08 -8.67 5.61
CA GLU B 213 17.82 -8.53 4.19
CA GLU B 213 17.81 -8.53 4.19
C GLU B 213 18.00 -9.89 3.54
N ILE B 214 16.94 -10.70 3.53
CA ILE B 214 17.07 -12.06 3.00
C ILE B 214 16.15 -12.36 1.82
N ASP B 215 15.18 -11.50 1.58
CA ASP B 215 14.28 -11.64 0.43
C ASP B 215 14.71 -10.68 -0.67
N TYR B 216 14.61 -11.12 -1.93
CA TYR B 216 15.13 -10.38 -3.06
C TYR B 216 14.25 -10.50 -4.30
N ILE B 217 14.28 -9.47 -5.13
CA ILE B 217 13.71 -9.54 -6.46
C ILE B 217 14.84 -9.18 -7.43
N TYR B 218 15.38 -10.21 -8.08
CA TYR B 218 16.45 -10.05 -9.07
C TYR B 218 15.84 -10.05 -10.46
N VAL B 219 16.36 -9.18 -11.32
CA VAL B 219 15.81 -9.02 -12.65
C VAL B 219 16.85 -9.18 -13.75
N LYS B 220 16.41 -9.77 -14.86
CA LYS B 220 17.19 -9.82 -16.10
C LYS B 220 16.26 -9.49 -17.24
N GLY B 221 16.56 -8.41 -17.95
CA GLY B 221 15.76 -7.97 -19.08
C GLY B 221 14.55 -7.12 -18.71
N TRP B 222 14.66 -6.38 -17.62
CA TRP B 222 13.57 -5.52 -17.15
C TRP B 222 14.04 -4.13 -16.79
N GLN B 223 13.21 -3.12 -17.08
CA GLN B 223 13.37 -1.79 -16.50
C GLN B 223 12.63 -1.76 -15.18
N VAL B 224 13.32 -1.36 -14.11
CA VAL B 224 12.68 -1.26 -12.80
C VAL B 224 12.24 0.18 -12.53
N GLN B 225 10.98 0.35 -12.13
CA GLN B 225 10.40 1.66 -11.88
C GLN B 225 10.39 2.06 -10.42
N GLN B 226 10.34 1.05 -9.56
CA GLN B 226 10.15 1.27 -8.14
CA GLN B 226 10.16 1.28 -8.13
C GLN B 226 10.18 -0.06 -7.41
N THR B 227 10.59 -0.05 -6.14
CA THR B 227 10.49 -1.24 -5.31
C THR B 227 9.98 -0.81 -3.94
N ALA B 228 9.47 -1.76 -3.17
CA ALA B 228 9.01 -1.44 -1.82
C ALA B 228 9.00 -2.67 -0.91
N SER B 229 9.26 -2.43 0.37
CA SER B 229 9.03 -3.42 1.40
C SER B 229 7.77 -2.98 2.15
N LEU B 230 6.79 -3.87 2.28
CA LEU B 230 5.47 -3.47 2.77
C LEU B 230 5.30 -3.77 4.25
N THR B 231 5.07 -2.72 5.04
CA THR B 231 5.03 -2.87 6.50
C THR B 231 3.62 -3.01 7.08
N ASP B 232 2.68 -3.43 6.24
CA ASP B 232 1.29 -3.64 6.67
C ASP B 232 1.25 -4.42 7.98
N SER B 233 0.42 -3.97 8.91
CA SER B 233 0.29 -4.66 10.17
C SER B 233 -1.15 -5.01 10.43
N ILE B 234 -1.35 -5.85 11.43
CA ILE B 234 -2.70 -6.17 11.90
C ILE B 234 -2.71 -5.99 13.42
N ASP B 235 -3.19 -4.82 13.85
CA ASP B 235 -3.29 -4.47 15.28
C ASP B 235 -2.06 -4.85 16.12
N GLY B 236 -0.90 -4.33 15.77
CA GLY B 236 0.28 -4.49 16.60
C GLY B 236 1.06 -5.76 16.34
N ARG B 237 0.67 -6.48 15.29
CA ARG B 237 1.43 -7.66 14.84
C ARG B 237 1.64 -7.58 13.34
N PHE B 238 2.59 -8.34 12.82
CA PHE B 238 2.76 -8.45 11.38
C PHE B 238 2.15 -9.76 10.93
N PRO B 239 1.53 -9.78 9.74
CA PRO B 239 0.85 -11.00 9.28
C PRO B 239 1.82 -12.15 9.01
N SER B 240 3.07 -11.84 8.66
CA SER B 240 4.13 -12.84 8.57
C SER B 240 5.36 -12.30 9.26
N ASP B 241 6.38 -13.13 9.46
CA ASP B 241 7.64 -12.65 10.02
C ASP B 241 8.57 -12.04 8.95
N HIS B 242 8.11 -12.04 7.69
CA HIS B 242 8.73 -11.24 6.64
C HIS B 242 7.77 -10.16 6.20
N PHE B 243 8.31 -9.06 5.70
CA PHE B 243 7.48 -8.13 4.93
C PHE B 243 7.40 -8.65 3.49
N PRO B 244 6.26 -8.44 2.82
CA PRO B 244 6.27 -8.63 1.37
C PRO B 244 7.24 -7.64 0.73
N LEU B 245 7.85 -8.06 -0.38
CA LEU B 245 8.72 -7.19 -1.15
C LEU B 245 8.07 -7.08 -2.53
N GLU B 246 7.90 -5.87 -3.04
CA GLU B 246 7.29 -5.71 -4.34
C GLU B 246 8.15 -4.87 -5.28
N ALA B 247 7.90 -5.00 -6.58
CA ALA B 247 8.59 -4.20 -7.57
C ALA B 247 7.62 -3.82 -8.66
N GLU B 248 7.86 -2.69 -9.29
CA GLU B 248 7.18 -2.32 -10.52
C GLU B 248 8.19 -2.42 -11.65
N VAL B 249 7.87 -3.26 -12.65
CA VAL B 249 8.80 -3.50 -13.76
C VAL B 249 8.13 -3.30 -15.12
N ALA B 250 8.95 -3.09 -16.14
CA ALA B 250 8.45 -2.97 -17.50
C ALA B 250 9.41 -3.71 -18.42
N GLY B 251 8.86 -4.47 -19.36
CA GLY B 251 9.65 -5.22 -20.32
C GLY B 251 10.45 -4.31 -21.23
N GLU B 252 11.53 -4.82 -21.80
CA GLU B 252 12.42 -4.02 -22.65
C GLU B 252 12.11 -4.18 -24.13
N MSE C 1 -25.44 -33.14 5.01
CA MSE C 1 -24.79 -32.30 4.02
C MSE C 1 -25.72 -31.17 3.62
O MSE C 1 -26.90 -31.40 3.37
CB MSE C 1 -24.41 -33.12 2.79
CG MSE C 1 -23.74 -32.30 1.69
SE MSE C 1 -23.06 -33.36 0.22
CE MSE C 1 -24.70 -34.27 -0.26
N LYS C 2 -25.18 -29.96 3.54
CA LYS C 2 -25.93 -28.82 3.03
C LYS C 2 -25.60 -28.56 1.58
N ILE C 3 -26.64 -28.41 0.77
CA ILE C 3 -26.50 -28.19 -0.66
C ILE C 3 -27.42 -27.04 -1.06
N ALA C 4 -27.13 -26.41 -2.19
CA ALA C 4 -27.94 -25.28 -2.61
C ALA C 4 -27.95 -25.13 -4.11
N THR C 5 -28.95 -24.40 -4.61
CA THR C 5 -28.95 -23.98 -6.00
C THR C 5 -29.26 -22.49 -6.05
N TYR C 6 -28.64 -21.76 -6.96
CA TYR C 6 -28.77 -20.32 -6.97
C TYR C 6 -28.58 -19.80 -8.38
N ASN C 7 -29.66 -19.27 -8.95
CA ASN C 7 -29.58 -18.58 -10.23
C ASN C 7 -29.18 -17.15 -9.92
N VAL C 8 -27.96 -16.78 -10.33
CA VAL C 8 -27.40 -15.51 -9.86
C VAL C 8 -27.65 -14.34 -10.80
N ARG C 9 -28.44 -14.57 -11.85
CA ARG C 9 -28.82 -13.56 -12.86
C ARG C 9 -27.66 -13.19 -13.80
N VAL C 10 -27.86 -13.46 -15.08
CA VAL C 10 -26.81 -13.23 -16.07
C VAL C 10 -26.42 -11.75 -16.08
N ASP C 11 -25.14 -11.49 -16.30
CA ASP C 11 -24.67 -10.12 -16.47
C ASP C 11 -25.30 -9.54 -17.73
N THR C 12 -26.08 -8.48 -17.56
CA THR C 12 -26.72 -7.81 -18.69
C THR C 12 -26.89 -6.32 -18.42
N GLU C 13 -26.69 -5.52 -19.46
CA GLU C 13 -26.82 -4.07 -19.30
C GLU C 13 -28.27 -3.67 -19.09
N TYR C 14 -29.18 -4.59 -19.38
CA TYR C 14 -30.59 -4.36 -19.11
C TYR C 14 -30.83 -4.06 -17.62
N ASP C 15 -29.96 -4.58 -16.76
CA ASP C 15 -30.11 -4.35 -15.31
C ASP C 15 -29.59 -2.99 -14.83
N GLN C 16 -28.97 -2.25 -15.73
CA GLN C 16 -28.54 -0.88 -15.45
C GLN C 16 -27.69 -0.77 -14.19
N ASP C 17 -28.19 -0.06 -13.18
CA ASP C 17 -27.41 0.15 -11.96
C ASP C 17 -27.38 -1.07 -11.04
N TRP C 18 -27.94 -2.18 -11.52
CA TRP C 18 -27.95 -3.42 -10.74
C TRP C 18 -27.48 -4.57 -11.63
N GLN C 19 -26.64 -4.26 -12.61
CA GLN C 19 -25.97 -5.32 -13.35
C GLN C 19 -24.89 -5.98 -12.47
N TRP C 20 -24.30 -7.06 -12.97
CA TRP C 20 -23.44 -7.91 -12.15
C TRP C 20 -22.35 -7.16 -11.38
N SER C 21 -21.72 -6.19 -12.02
CA SER C 21 -20.63 -5.46 -11.36
C SER C 21 -21.07 -4.91 -10.00
N PHE C 22 -22.33 -4.51 -9.90
CA PHE C 22 -22.85 -3.91 -8.67
C PHE C 22 -23.33 -4.96 -7.67
N ARG C 23 -23.53 -6.18 -8.14
CA ARG C 23 -24.12 -7.25 -7.34
C ARG C 23 -23.11 -8.29 -6.92
N LYS C 24 -21.95 -8.33 -7.58
CA LYS C 24 -21.02 -9.43 -7.41
C LYS C 24 -20.60 -9.64 -5.96
N GLU C 25 -20.27 -8.55 -5.26
CA GLU C 25 -19.86 -8.66 -3.86
C GLU C 25 -20.96 -9.31 -3.01
N ALA C 26 -22.19 -8.84 -3.17
CA ALA C 26 -23.30 -9.36 -2.38
C ALA C 26 -23.56 -10.83 -2.69
N VAL C 27 -23.53 -11.19 -3.98
CA VAL C 27 -23.73 -12.58 -4.35
C VAL C 27 -22.64 -13.47 -3.78
N CYS C 28 -21.38 -13.07 -3.95
CA CYS C 28 -20.27 -13.89 -3.47
C CYS C 28 -20.19 -13.97 -1.95
N GLN C 29 -20.51 -12.87 -1.28
CA GLN C 29 -20.54 -12.88 0.18
C GLN C 29 -21.66 -13.77 0.73
N LEU C 30 -22.79 -13.79 0.04
CA LEU C 30 -23.87 -14.68 0.43
C LEU C 30 -23.42 -16.13 0.36
N ILE C 31 -22.84 -16.50 -0.77
CA ILE C 31 -22.33 -17.86 -0.97
C ILE C 31 -21.29 -18.21 0.12
N ASN C 32 -20.36 -17.30 0.39
CA ASN C 32 -19.35 -17.57 1.41
C ASN C 32 -19.93 -17.75 2.80
N PHE C 33 -20.93 -16.92 3.13
CA PHE C 33 -21.55 -16.96 4.45
C PHE C 33 -22.31 -18.26 4.67
N HIS C 34 -23.12 -18.65 3.68
CA HIS C 34 -23.91 -19.86 3.83
C HIS C 34 -23.07 -21.13 3.75
N ASP C 35 -22.00 -21.09 2.96
CA ASP C 35 -20.91 -22.04 3.10
C ASP C 35 -21.36 -23.51 3.00
N TRP C 36 -22.20 -23.80 2.01
CA TRP C 36 -22.69 -25.16 1.80
C TRP C 36 -21.56 -26.09 1.35
N SER C 37 -21.82 -27.40 1.36
CA SER C 37 -20.88 -28.35 0.73
C SER C 37 -20.74 -28.10 -0.76
N LEU C 38 -21.87 -27.80 -1.41
CA LEU C 38 -21.84 -27.55 -2.84
C LEU C 38 -23.03 -26.69 -3.23
N CYS C 39 -22.90 -25.95 -4.33
CA CYS C 39 -23.97 -25.08 -4.82
C CYS C 39 -24.00 -25.12 -6.34
N CYS C 40 -25.16 -25.46 -6.91
CA CYS C 40 -25.35 -25.32 -8.35
C CYS C 40 -25.68 -23.86 -8.67
N ILE C 41 -25.05 -23.33 -9.70
CA ILE C 41 -25.20 -21.94 -10.08
C ILE C 41 -25.69 -21.88 -11.52
N GLN C 42 -26.70 -21.05 -11.79
CA GLN C 42 -27.12 -20.77 -13.16
C GLN C 42 -26.86 -19.32 -13.55
N GLU C 43 -26.75 -19.10 -14.86
CA GLU C 43 -26.64 -17.77 -15.47
C GLU C 43 -25.33 -17.04 -15.21
N VAL C 44 -24.23 -17.67 -15.58
CA VAL C 44 -22.93 -17.03 -15.40
C VAL C 44 -22.14 -16.97 -16.69
N ARG C 45 -21.93 -15.76 -17.18
CA ARG C 45 -21.03 -15.53 -18.29
C ARG C 45 -19.60 -15.66 -17.78
N PRO C 46 -18.60 -15.70 -18.70
CA PRO C 46 -17.24 -15.96 -18.25
C PRO C 46 -16.72 -15.01 -17.16
N ASN C 47 -17.08 -13.73 -17.23
CA ASN C 47 -16.63 -12.80 -16.20
C ASN C 47 -17.22 -13.13 -14.82
N GLN C 48 -18.46 -13.60 -14.81
CA GLN C 48 -19.11 -14.02 -13.57
C GLN C 48 -18.46 -15.27 -13.00
N VAL C 49 -18.09 -16.20 -13.87
CA VAL C 49 -17.38 -17.40 -13.42
C VAL C 49 -16.05 -16.99 -12.80
N ARG C 50 -15.34 -16.07 -13.45
CA ARG C 50 -14.08 -15.57 -12.93
CA ARG C 50 -14.08 -15.54 -12.94
C ARG C 50 -14.28 -14.94 -11.55
N ASP C 51 -15.34 -14.15 -11.40
CA ASP C 51 -15.64 -13.54 -10.11
C ASP C 51 -15.98 -14.57 -9.02
N LEU C 52 -16.74 -15.61 -9.36
CA LEU C 52 -17.05 -16.65 -8.38
C LEU C 52 -15.76 -17.32 -7.89
N LYS C 53 -14.85 -17.61 -8.82
CA LYS C 53 -13.57 -18.19 -8.42
C LYS C 53 -12.74 -17.25 -7.56
N ALA C 54 -12.77 -15.95 -7.87
CA ALA C 54 -11.93 -14.98 -7.20
C ALA C 54 -12.45 -14.57 -5.83
N TYR C 55 -13.78 -14.47 -5.73
CA TYR C 55 -14.41 -13.87 -4.55
C TYR C 55 -15.19 -14.83 -3.66
N THR C 56 -15.33 -16.09 -4.08
CA THR C 56 -15.85 -17.10 -3.15
C THR C 56 -14.73 -18.02 -2.72
N THR C 57 -15.02 -18.81 -1.70
CA THR C 57 -14.05 -19.73 -1.13
C THR C 57 -14.09 -21.10 -1.84
N PHE C 58 -14.94 -21.23 -2.85
CA PHE C 58 -15.25 -22.54 -3.45
C PHE C 58 -14.42 -22.92 -4.66
N THR C 59 -14.25 -24.23 -4.85
CA THR C 59 -13.76 -24.75 -6.13
C THR C 59 -14.90 -24.65 -7.12
N CYS C 60 -14.57 -24.31 -8.37
CA CYS C 60 -15.57 -24.03 -9.38
C CYS C 60 -15.43 -24.92 -10.60
N LEU C 61 -16.41 -25.78 -10.82
CA LEU C 61 -16.56 -26.51 -12.07
C LEU C 61 -17.51 -25.70 -12.94
N SER C 62 -17.16 -25.49 -14.21
CA SER C 62 -18.06 -24.73 -15.08
C SER C 62 -18.05 -25.20 -16.52
N ALA C 63 -19.09 -24.82 -17.26
CA ALA C 63 -19.19 -25.11 -18.69
C ALA C 63 -20.15 -24.08 -19.25
N GLU C 64 -20.03 -23.77 -20.53
CA GLU C 64 -20.95 -22.80 -21.11
C GLU C 64 -21.59 -23.29 -22.41
N ARG C 65 -22.62 -22.60 -22.84
CA ARG C 65 -23.53 -23.18 -23.81
C ARG C 65 -23.16 -22.92 -25.27
N GLU C 66 -22.22 -22.01 -25.52
CA GLU C 66 -21.84 -21.72 -26.90
C GLU C 66 -20.72 -22.65 -27.38
N GLY C 67 -19.87 -23.10 -26.45
CA GLY C 67 -18.79 -23.99 -26.79
C GLY C 67 -17.43 -23.31 -26.87
N ASP C 68 -17.43 -21.99 -27.07
CA ASP C 68 -16.19 -21.21 -27.14
C ASP C 68 -15.54 -21.07 -25.78
N GLY C 69 -16.35 -21.19 -24.74
CA GLY C 69 -15.96 -20.74 -23.42
C GLY C 69 -16.35 -19.27 -23.30
N GLN C 70 -17.10 -18.77 -24.29
CA GLN C 70 -17.48 -17.37 -24.31
C GLN C 70 -18.93 -17.10 -23.90
N GLY C 71 -19.77 -18.14 -23.89
CA GLY C 71 -21.19 -17.95 -23.67
C GLY C 71 -21.65 -17.98 -22.22
N GLU C 72 -22.95 -17.84 -22.01
CA GLU C 72 -23.57 -17.98 -20.70
C GLU C 72 -23.48 -19.43 -20.27
N GLY C 73 -23.21 -19.67 -19.00
CA GLY C 73 -22.95 -21.02 -18.57
C GLY C 73 -23.50 -21.37 -17.20
N LEU C 74 -23.10 -22.53 -16.73
CA LEU C 74 -23.50 -23.06 -15.44
C LEU C 74 -22.23 -23.33 -14.65
N ALA C 75 -22.36 -23.40 -13.33
CA ALA C 75 -21.24 -23.81 -12.50
C ALA C 75 -21.73 -24.68 -11.36
N ILE C 76 -20.84 -25.55 -10.89
CA ILE C 76 -21.07 -26.20 -9.61
C ILE C 76 -19.92 -25.79 -8.71
N LEU C 77 -20.23 -25.10 -7.61
CA LEU C 77 -19.22 -24.71 -6.64
C LEU C 77 -19.19 -25.79 -5.59
N TYR C 78 -18.01 -26.17 -5.13
CA TYR C 78 -17.94 -27.16 -4.06
C TYR C 78 -16.74 -26.96 -3.18
N ASN C 79 -16.84 -27.46 -1.97
CA ASN C 79 -15.76 -27.35 -0.98
C ASN C 79 -15.05 -28.69 -0.93
N GLU C 80 -13.80 -28.73 -1.41
CA GLU C 80 -13.07 -30.00 -1.46
C GLU C 80 -12.81 -30.66 -0.12
N GLN C 81 -12.92 -29.91 0.97
CA GLN C 81 -12.76 -30.50 2.29
C GLN C 81 -14.02 -31.28 2.68
N LYS C 82 -15.11 -31.02 1.98
CA LYS C 82 -16.40 -31.62 2.28
C LYS C 82 -16.82 -32.66 1.24
N VAL C 83 -16.59 -32.36 -0.04
CA VAL C 83 -16.89 -33.32 -1.10
C VAL C 83 -15.78 -33.26 -2.14
N GLN C 84 -15.50 -34.41 -2.76
CA GLN C 84 -14.52 -34.45 -3.85
C GLN C 84 -15.22 -34.80 -5.15
N ALA C 85 -14.82 -34.12 -6.22
CA ALA C 85 -15.35 -34.43 -7.53
C ALA C 85 -14.51 -35.54 -8.14
N ILE C 86 -15.14 -36.64 -8.51
CA ILE C 86 -14.40 -37.75 -9.14
C ILE C 86 -14.67 -37.90 -10.62
N ASP C 87 -15.72 -37.23 -11.11
CA ASP C 87 -16.00 -37.19 -12.55
C ASP C 87 -16.89 -35.99 -12.81
N THR C 88 -16.83 -35.46 -14.02
CA THR C 88 -17.68 -34.34 -14.41
CA THR C 88 -17.65 -34.31 -14.42
C THR C 88 -17.88 -34.34 -15.91
N GLY C 89 -18.93 -33.65 -16.36
CA GLY C 89 -19.20 -33.56 -17.77
C GLY C 89 -20.32 -32.59 -18.03
N TYR C 90 -20.58 -32.35 -19.31
CA TYR C 90 -21.70 -31.53 -19.71
C TYR C 90 -22.13 -31.91 -21.11
N PHE C 91 -23.36 -31.54 -21.45
CA PHE C 91 -23.89 -31.86 -22.76
C PHE C 91 -25.03 -30.90 -23.09
N TRP C 92 -25.39 -30.86 -24.36
CA TRP C 92 -26.45 -29.98 -24.83
C TRP C 92 -27.80 -30.69 -24.78
N LEU C 93 -28.83 -29.92 -24.44
CA LEU C 93 -30.19 -30.44 -24.31
C LEU C 93 -30.85 -30.43 -25.67
N SER C 94 -30.33 -31.27 -26.56
CA SER C 94 -30.73 -31.25 -27.96
C SER C 94 -30.75 -32.66 -28.51
N GLU C 95 -30.98 -32.78 -29.81
CA GLU C 95 -30.95 -34.08 -30.47
C GLU C 95 -29.52 -34.55 -30.75
N THR C 96 -28.55 -33.68 -30.50
CA THR C 96 -27.14 -34.05 -30.61
C THR C 96 -26.38 -33.55 -29.39
N PRO C 97 -26.54 -34.24 -28.25
CA PRO C 97 -26.05 -33.72 -26.97
C PRO C 97 -24.54 -33.48 -26.89
N GLN C 98 -23.75 -34.12 -27.75
CA GLN C 98 -22.30 -33.98 -27.62
C GLN C 98 -21.73 -32.76 -28.34
N GLN C 99 -22.56 -32.04 -29.05
CA GLN C 99 -22.07 -30.87 -29.77
C GLN C 99 -22.97 -29.68 -29.54
N PRO C 100 -22.39 -28.47 -29.61
CA PRO C 100 -23.18 -27.24 -29.46
C PRO C 100 -24.31 -27.28 -30.48
N SER C 101 -25.53 -27.12 -29.99
CA SER C 101 -26.71 -27.34 -30.81
C SER C 101 -27.94 -26.85 -30.08
N ILE C 102 -29.05 -26.75 -30.81
CA ILE C 102 -30.29 -26.27 -30.22
C ILE C 102 -31.40 -27.28 -30.44
N HIS C 103 -32.18 -27.55 -29.40
CA HIS C 103 -33.32 -28.45 -29.56
C HIS C 103 -34.33 -27.80 -30.49
N PRO C 104 -34.99 -28.61 -31.33
CA PRO C 104 -36.02 -28.09 -32.22
C PRO C 104 -37.02 -27.15 -31.54
N GLU C 105 -37.37 -27.42 -30.29
CA GLU C 105 -38.39 -26.65 -29.59
C GLU C 105 -37.82 -25.43 -28.86
N ALA C 106 -36.50 -25.36 -28.77
CA ALA C 106 -35.87 -24.41 -27.85
C ALA C 106 -35.44 -23.15 -28.58
N GLY C 107 -35.27 -22.07 -27.81
CA GLY C 107 -34.88 -20.79 -28.38
C GLY C 107 -33.39 -20.53 -28.42
N CYS C 108 -32.61 -21.40 -27.78
CA CYS C 108 -31.17 -21.20 -27.69
C CYS C 108 -30.48 -22.48 -27.23
N PRO C 109 -29.15 -22.57 -27.44
CA PRO C 109 -28.45 -23.73 -26.89
C PRO C 109 -28.63 -23.74 -25.37
N ARG C 110 -28.80 -24.94 -24.82
CA ARG C 110 -28.91 -25.11 -23.38
C ARG C 110 -28.03 -26.28 -23.02
N ILE C 111 -27.35 -26.21 -21.89
CA ILE C 111 -26.56 -27.33 -21.44
C ILE C 111 -27.02 -27.84 -20.09
N ALA C 112 -26.62 -29.05 -19.77
CA ALA C 112 -26.65 -29.53 -18.40
C ALA C 112 -25.21 -29.81 -17.99
N LEU C 113 -24.87 -29.45 -16.75
CA LEU C 113 -23.55 -29.68 -16.19
C LEU C 113 -23.72 -30.63 -15.03
N TRP C 114 -22.91 -31.69 -14.98
CA TRP C 114 -23.06 -32.66 -13.91
C TRP C 114 -21.72 -33.03 -13.27
N GLY C 115 -21.77 -33.55 -12.06
CA GLY C 115 -20.58 -34.00 -11.39
C GLY C 115 -20.89 -35.23 -10.57
N LEU C 116 -19.94 -36.16 -10.52
CA LEU C 116 -20.03 -37.29 -9.61
C LEU C 116 -19.10 -36.96 -8.45
N PHE C 117 -19.66 -36.97 -7.25
CA PHE C 117 -18.97 -36.49 -6.06
C PHE C 117 -18.93 -37.57 -5.00
N LYS C 118 -18.05 -37.40 -4.02
CA LYS C 118 -18.07 -38.26 -2.84
C LYS C 118 -17.87 -37.38 -1.62
N GLU C 119 -18.68 -37.59 -0.58
CA GLU C 119 -18.46 -36.90 0.68
C GLU C 119 -17.17 -37.42 1.33
N THR C 120 -16.46 -36.54 2.01
CA THR C 120 -15.23 -36.93 2.69
C THR C 120 -15.39 -38.19 3.55
N THR C 121 -16.47 -38.24 4.31
CA THR C 121 -16.69 -39.32 5.28
C THR C 121 -17.36 -40.57 4.68
N GLN C 122 -17.98 -40.41 3.51
CA GLN C 122 -18.70 -41.51 2.90
C GLN C 122 -17.82 -42.23 1.87
N ASN C 123 -18.22 -43.45 1.50
CA ASN C 123 -17.45 -44.20 0.50
C ASN C 123 -18.13 -44.28 -0.87
N THR C 124 -19.45 -44.11 -0.88
CA THR C 124 -20.21 -44.21 -2.12
C THR C 124 -20.42 -42.83 -2.76
N PRO C 125 -20.33 -42.78 -4.10
CA PRO C 125 -20.49 -41.53 -4.85
C PRO C 125 -21.95 -41.12 -4.98
N PHE C 126 -22.17 -39.84 -5.30
CA PHE C 126 -23.50 -39.38 -5.66
C PHE C 126 -23.40 -38.45 -6.86
N LEU C 127 -24.51 -38.31 -7.58
CA LEU C 127 -24.54 -37.51 -8.80
C LEU C 127 -25.23 -36.18 -8.55
N VAL C 128 -24.61 -35.10 -9.03
CA VAL C 128 -25.26 -33.78 -9.03
C VAL C 128 -25.51 -33.33 -10.46
N ILE C 129 -26.74 -32.92 -10.76
CA ILE C 129 -27.09 -32.44 -12.08
C ILE C 129 -27.61 -31.02 -11.95
N ASN C 130 -26.92 -30.10 -12.60
CA ASN C 130 -27.29 -28.68 -12.59
C ASN C 130 -28.23 -28.38 -13.75
N VAL C 131 -29.47 -28.01 -13.40
CA VAL C 131 -30.56 -27.82 -14.34
C VAL C 131 -30.80 -26.36 -14.67
N HIS C 132 -30.89 -26.03 -15.96
CA HIS C 132 -31.46 -24.73 -16.35
C HIS C 132 -32.23 -24.89 -17.64
N LEU C 133 -33.54 -25.08 -17.51
CA LEU C 133 -34.36 -25.39 -18.67
C LEU C 133 -34.78 -24.12 -19.39
N ASP C 134 -35.17 -24.27 -20.65
CA ASP C 134 -35.50 -23.14 -21.52
C ASP C 134 -36.74 -22.42 -21.00
N HIS C 135 -36.77 -21.10 -21.14
CA HIS C 135 -37.90 -20.30 -20.67
C HIS C 135 -39.00 -20.19 -21.73
N ILE C 136 -38.68 -20.59 -22.96
CA ILE C 136 -39.57 -20.31 -24.08
C ILE C 136 -40.95 -20.98 -24.00
N SER C 137 -41.00 -22.24 -23.59
CA SER C 137 -42.27 -22.96 -23.55
C SER C 137 -42.20 -24.20 -22.67
N ALA C 138 -43.36 -24.66 -22.23
CA ALA C 138 -43.46 -25.89 -21.46
C ALA C 138 -42.95 -27.09 -22.27
N HIS C 139 -43.28 -27.12 -23.55
CA HIS C 139 -42.79 -28.18 -24.44
C HIS C 139 -41.27 -28.22 -24.51
N ALA C 140 -40.63 -27.05 -24.60
CA ALA C 140 -39.18 -26.97 -24.60
C ALA C 140 -38.59 -27.47 -23.30
N ARG C 141 -39.24 -27.16 -22.18
CA ARG C 141 -38.76 -27.65 -20.89
C ARG C 141 -38.87 -29.17 -20.78
N LEU C 142 -40.02 -29.72 -21.17
CA LEU C 142 -40.20 -31.17 -21.16
C LEU C 142 -39.14 -31.83 -22.04
N ALA C 143 -38.92 -31.25 -23.22
CA ALA C 143 -37.95 -31.80 -24.16
C ALA C 143 -36.53 -31.78 -23.60
N GLY C 144 -36.17 -30.65 -22.99
CA GLY C 144 -34.84 -30.52 -22.40
C GLY C 144 -34.58 -31.52 -21.28
N MSE C 145 -35.57 -31.68 -20.39
CA MSE C 145 -35.45 -32.62 -19.29
C MSE C 145 -35.39 -34.06 -19.79
O MSE C 145 -34.70 -34.89 -19.22
CB MSE C 145 -36.58 -32.43 -18.27
CG MSE C 145 -36.53 -33.41 -17.09
SE MSE C 145 -34.89 -33.29 -16.03
CE MSE C 145 -35.13 -31.50 -15.34
N THR C 146 -36.12 -34.33 -20.87
CA THR C 146 -36.09 -35.67 -21.46
C THR C 146 -34.66 -36.03 -21.87
N VAL C 147 -33.95 -35.07 -22.48
CA VAL C 147 -32.55 -35.29 -22.85
C VAL C 147 -31.69 -35.54 -21.61
N ILE C 148 -31.88 -34.75 -20.56
CA ILE C 148 -31.14 -35.00 -19.32
C ILE C 148 -31.35 -36.43 -18.82
N LEU C 149 -32.61 -36.82 -18.70
CA LEU C 149 -32.92 -38.11 -18.08
C LEU C 149 -32.46 -39.28 -18.95
N GLU C 150 -32.46 -39.08 -20.26
CA GLU C 150 -31.98 -40.10 -21.18
C GLU C 150 -30.45 -40.15 -21.18
N GLU C 151 -29.83 -38.99 -21.32
CA GLU C 151 -28.38 -38.92 -21.44
C GLU C 151 -27.67 -39.42 -20.18
N LEU C 152 -28.26 -39.14 -19.01
CA LEU C 152 -27.68 -39.57 -17.75
C LEU C 152 -28.45 -40.74 -17.11
N HIS C 153 -29.24 -41.45 -17.91
CA HIS C 153 -30.09 -42.52 -17.40
C HIS C 153 -29.31 -43.53 -16.56
N ASP C 154 -28.17 -43.98 -17.09
CA ASP C 154 -27.35 -44.97 -16.39
C ASP C 154 -26.80 -44.47 -15.05
N LYS C 155 -26.30 -43.24 -15.02
CA LYS C 155 -25.77 -42.65 -13.79
C LYS C 155 -26.86 -42.44 -12.75
N ILE C 156 -28.01 -41.91 -13.19
CA ILE C 156 -29.12 -41.68 -12.28
C ILE C 156 -29.59 -42.99 -11.64
N ALA C 157 -29.60 -44.06 -12.42
CA ALA C 157 -30.05 -45.36 -11.93
C ALA C 157 -29.07 -45.92 -10.91
N GLN C 158 -27.80 -45.62 -11.12
CA GLN C 158 -26.73 -46.21 -10.32
C GLN C 158 -26.49 -45.48 -9.00
N TYR C 159 -26.69 -44.16 -8.98
CA TYR C 159 -26.29 -43.35 -7.83
C TYR C 159 -27.40 -42.53 -7.19
N PRO C 160 -27.30 -42.29 -5.88
CA PRO C 160 -28.18 -41.26 -5.30
C PRO C 160 -27.94 -39.98 -6.08
N THR C 161 -29.00 -39.25 -6.42
CA THR C 161 -28.86 -38.13 -7.35
C THR C 161 -29.54 -36.88 -6.84
N LEU C 162 -28.89 -35.74 -7.01
CA LEU C 162 -29.47 -34.44 -6.71
C LEU C 162 -29.67 -33.70 -8.02
N LEU C 163 -30.93 -33.47 -8.36
CA LEU C 163 -31.29 -32.79 -9.61
C LEU C 163 -31.75 -31.39 -9.20
N MSE C 164 -30.91 -30.39 -9.47
CA MSE C 164 -31.07 -29.08 -8.84
C MSE C 164 -30.96 -27.97 -9.85
O MSE C 164 -30.05 -27.96 -10.68
CB MSE C 164 -29.91 -28.85 -7.84
CG MSE C 164 -29.51 -30.05 -7.03
SE MSE C 164 -28.01 -29.70 -5.83
CE MSE C 164 -28.93 -28.46 -4.69
N GLY C 165 -31.85 -27.00 -9.75
CA GLY C 165 -31.67 -25.79 -10.54
C GLY C 165 -32.95 -25.10 -10.93
N ASP C 166 -32.86 -24.35 -12.01
CA ASP C 166 -33.93 -23.48 -12.45
C ASP C 166 -34.70 -24.18 -13.56
N PHE C 167 -35.88 -24.67 -13.22
CA PHE C 167 -36.71 -25.44 -14.14
C PHE C 167 -37.53 -24.52 -15.03
N ASN C 168 -37.58 -23.23 -14.66
CA ASN C 168 -38.41 -22.28 -15.41
C ASN C 168 -39.85 -22.76 -15.51
N ALA C 169 -40.27 -23.55 -14.54
CA ALA C 169 -41.61 -24.16 -14.57
C ALA C 169 -42.23 -24.20 -13.17
N GLU C 170 -43.48 -23.73 -13.08
CA GLU C 170 -44.26 -23.87 -11.86
C GLU C 170 -44.66 -25.34 -11.70
N SER C 171 -45.09 -25.70 -10.50
CA SER C 171 -45.21 -27.11 -10.10
C SER C 171 -46.12 -27.96 -10.97
N GLY C 172 -47.06 -27.32 -11.66
CA GLY C 172 -48.06 -28.06 -12.42
C GLY C 172 -47.65 -28.52 -13.81
N GLU C 173 -46.49 -28.05 -14.29
CA GLU C 173 -46.07 -28.36 -15.65
C GLU C 173 -45.72 -29.83 -15.86
N GLU C 174 -45.84 -30.28 -17.12
CA GLU C 174 -45.57 -31.67 -17.47
C GLU C 174 -44.15 -32.10 -17.08
N VAL C 175 -43.19 -31.20 -17.20
CA VAL C 175 -41.82 -31.57 -16.85
C VAL C 175 -41.71 -32.08 -15.41
N HIS C 176 -42.49 -31.53 -14.49
CA HIS C 176 -42.43 -31.99 -13.11
C HIS C 176 -43.04 -33.37 -12.96
N GLN C 177 -44.06 -33.67 -13.75
CA GLN C 177 -44.66 -34.99 -13.68
C GLN C 177 -43.64 -36.03 -14.16
N LEU C 178 -42.86 -35.68 -15.18
CA LEU C 178 -41.82 -36.56 -15.68
C LEU C 178 -40.74 -36.80 -14.63
N VAL C 179 -40.25 -35.71 -14.05
CA VAL C 179 -39.21 -35.79 -13.04
C VAL C 179 -39.66 -36.60 -11.83
N GLN C 180 -40.93 -36.48 -11.47
CA GLN C 180 -41.45 -37.10 -10.26
C GLN C 180 -41.66 -38.61 -10.39
N LYS C 181 -41.50 -39.13 -11.60
CA LYS C 181 -41.46 -40.57 -11.78
C LYS C 181 -40.25 -41.17 -11.05
N LYS C 182 -39.17 -40.41 -10.92
CA LYS C 182 -37.94 -40.93 -10.28
C LYS C 182 -37.46 -40.10 -9.09
N PHE C 183 -37.88 -38.85 -8.99
CA PHE C 183 -37.39 -37.95 -7.94
C PHE C 183 -38.51 -37.43 -7.05
N GLN C 184 -38.13 -36.98 -5.86
CA GLN C 184 -39.06 -36.27 -4.98
C GLN C 184 -38.61 -34.83 -4.80
N ASP C 185 -39.59 -33.92 -4.76
CA ASP C 185 -39.31 -32.52 -4.46
C ASP C 185 -38.95 -32.37 -2.99
N SER C 186 -37.70 -32.01 -2.71
CA SER C 186 -37.23 -31.95 -1.33
C SER C 186 -38.04 -31.04 -0.40
N LYS C 187 -38.61 -29.96 -0.92
CA LYS C 187 -39.27 -29.00 -0.04
C LYS C 187 -40.58 -29.50 0.56
N ASN C 188 -41.09 -30.62 0.05
CA ASN C 188 -42.30 -31.21 0.61
C ASN C 188 -42.02 -32.38 1.57
N LEU C 189 -40.74 -32.68 1.77
CA LEU C 189 -40.34 -33.86 2.53
C LEU C 189 -40.03 -33.57 3.99
N ALA C 190 -39.78 -32.31 4.30
CA ALA C 190 -39.43 -31.95 5.67
C ALA C 190 -39.93 -30.54 5.93
N THR C 191 -39.39 -29.90 6.96
CA THR C 191 -39.75 -28.52 7.26
CA THR C 191 -39.74 -28.51 7.26
C THR C 191 -39.08 -27.59 6.26
N HIS C 192 -39.85 -26.62 5.75
CA HIS C 192 -39.31 -25.61 4.82
C HIS C 192 -39.30 -24.24 5.47
N TYR C 193 -38.16 -23.55 5.41
CA TYR C 193 -38.03 -22.23 6.02
C TYR C 193 -38.00 -21.20 4.90
N GLY C 194 -38.71 -20.09 5.08
CA GLY C 194 -38.79 -19.08 4.05
C GLY C 194 -39.93 -19.32 3.08
N PRO C 195 -40.00 -18.53 2.03
CA PRO C 195 -41.08 -18.66 1.06
C PRO C 195 -40.94 -19.95 0.23
N ARG C 196 -42.05 -20.52 -0.22
CA ARG C 196 -41.97 -21.69 -1.09
C ARG C 196 -41.52 -21.31 -2.51
N GLY C 197 -41.81 -20.08 -2.92
CA GLY C 197 -41.35 -19.57 -4.20
C GLY C 197 -39.96 -18.97 -4.13
N THR C 198 -39.31 -18.80 -5.28
CA THR C 198 -37.92 -18.37 -5.31
C THR C 198 -37.64 -17.17 -6.21
N PHE C 199 -38.55 -16.86 -7.12
CA PHE C 199 -38.29 -15.79 -8.07
C PHE C 199 -39.02 -14.50 -7.75
N GLN C 200 -38.29 -13.41 -7.48
CA GLN C 200 -38.90 -12.14 -7.10
C GLN C 200 -38.67 -11.00 -8.09
N ASN C 201 -37.97 -11.28 -9.19
CA ASN C 201 -37.80 -10.28 -10.24
C ASN C 201 -37.12 -9.00 -9.74
N PHE C 202 -36.25 -9.14 -8.74
CA PHE C 202 -35.57 -7.99 -8.10
C PHE C 202 -36.51 -7.05 -7.36
N THR C 203 -37.73 -7.49 -7.06
CA THR C 203 -38.65 -6.64 -6.32
C THR C 203 -38.58 -6.96 -4.82
N TYR C 204 -37.93 -6.07 -4.08
CA TYR C 204 -37.66 -6.28 -2.66
C TYR C 204 -38.98 -6.46 -1.89
N THR C 205 -40.01 -5.75 -2.30
CA THR C 205 -41.31 -5.81 -1.60
C THR C 205 -42.31 -6.80 -2.19
N LYS C 206 -41.84 -7.71 -3.04
CA LYS C 206 -42.73 -8.68 -3.69
C LYS C 206 -43.43 -9.53 -2.64
N PRO C 207 -44.77 -9.55 -2.65
CA PRO C 207 -45.50 -10.43 -1.72
C PRO C 207 -45.14 -11.89 -1.97
N TRP C 208 -44.99 -12.66 -0.89
CA TRP C 208 -44.60 -14.05 -1.05
C TRP C 208 -45.55 -14.87 -1.93
N ALA C 209 -46.85 -14.57 -1.87
CA ALA C 209 -47.81 -15.31 -2.68
C ALA C 209 -47.57 -15.07 -4.17
N GLU C 210 -46.87 -14.00 -4.49
CA GLU C 210 -46.59 -13.63 -5.88
C GLU C 210 -45.22 -14.10 -6.40
N LEU C 211 -44.42 -14.72 -5.55
CA LEU C 211 -43.15 -15.28 -6.03
C LEU C 211 -43.46 -16.42 -7.00
N GLU C 212 -42.60 -16.58 -8.01
CA GLU C 212 -42.71 -17.75 -8.88
C GLU C 212 -41.92 -18.91 -8.29
N GLU C 213 -42.49 -20.10 -8.35
CA GLU C 213 -41.81 -21.31 -7.87
CA GLU C 213 -41.82 -21.30 -7.87
C GLU C 213 -41.18 -22.01 -9.06
N ILE C 214 -39.96 -21.59 -9.41
CA ILE C 214 -39.32 -22.14 -10.61
C ILE C 214 -37.99 -22.85 -10.35
N ASP C 215 -37.43 -22.66 -9.15
CA ASP C 215 -36.19 -23.36 -8.76
C ASP C 215 -36.54 -24.53 -7.85
N TYR C 216 -35.83 -25.65 -8.03
CA TYR C 216 -36.15 -26.89 -7.34
C TYR C 216 -34.90 -27.67 -6.92
N ILE C 217 -35.04 -28.41 -5.82
CA ILE C 217 -34.07 -29.42 -5.46
C ILE C 217 -34.80 -30.74 -5.38
N TYR C 218 -34.61 -31.56 -6.42
CA TYR C 218 -35.18 -32.89 -6.51
C TYR C 218 -34.17 -33.93 -6.05
N VAL C 219 -34.64 -34.91 -5.30
CA VAL C 219 -33.74 -35.89 -4.72
C VAL C 219 -34.15 -37.33 -5.06
N LYS C 220 -33.13 -38.17 -5.23
CA LYS C 220 -33.34 -39.62 -5.37
C LYS C 220 -32.26 -40.30 -4.53
N GLY C 221 -32.70 -41.07 -3.53
CA GLY C 221 -31.77 -41.78 -2.66
C GLY C 221 -31.25 -40.96 -1.49
N TRP C 222 -32.04 -39.99 -1.04
CA TRP C 222 -31.65 -39.11 0.07
C TRP C 222 -32.73 -38.96 1.12
N GLN C 223 -32.32 -38.88 2.38
CA GLN C 223 -33.19 -38.40 3.44
C GLN C 223 -33.08 -36.88 3.49
N VAL C 224 -34.21 -36.18 3.48
CA VAL C 224 -34.18 -34.72 3.56
C VAL C 224 -34.49 -34.28 5.00
N GLN C 225 -33.64 -33.43 5.55
CA GLN C 225 -33.79 -32.98 6.93
CA GLN C 225 -33.77 -32.97 6.94
C GLN C 225 -34.47 -31.62 7.02
N GLN C 226 -34.31 -30.81 5.97
CA GLN C 226 -34.76 -29.43 5.99
CA GLN C 226 -34.82 -29.46 5.96
C GLN C 226 -34.54 -28.79 4.62
N THR C 227 -35.35 -27.80 4.28
CA THR C 227 -35.10 -26.99 3.10
C THR C 227 -35.35 -25.52 3.45
N ALA C 228 -34.82 -24.62 2.64
CA ALA C 228 -35.06 -23.20 2.86
C ALA C 228 -34.88 -22.38 1.60
N SER C 229 -35.65 -21.30 1.51
CA SER C 229 -35.44 -20.27 0.49
C SER C 229 -34.86 -19.10 1.23
N LEU C 230 -33.71 -18.60 0.76
CA LEU C 230 -32.92 -17.61 1.51
C LEU C 230 -33.20 -16.17 1.04
N THR C 231 -33.74 -15.34 1.95
CA THR C 231 -34.17 -14.00 1.58
C THR C 231 -33.14 -12.92 1.89
N ASP C 232 -31.88 -13.32 2.00
CA ASP C 232 -30.78 -12.37 2.21
C ASP C 232 -30.92 -11.15 1.29
N SER C 233 -30.73 -9.96 1.85
CA SER C 233 -30.81 -8.75 1.06
C SER C 233 -29.55 -7.92 1.22
N ILE C 234 -29.40 -6.92 0.36
CA ILE C 234 -28.31 -5.95 0.46
C ILE C 234 -28.95 -4.57 0.39
N ASP C 235 -29.19 -3.99 1.56
CA ASP C 235 -29.77 -2.64 1.69
C ASP C 235 -30.93 -2.36 0.73
N GLY C 236 -31.99 -3.15 0.84
CA GLY C 236 -33.23 -2.87 0.14
C GLY C 236 -33.28 -3.43 -1.27
N ARG C 237 -32.29 -4.25 -1.60
CA ARG C 237 -32.29 -4.97 -2.88
C ARG C 237 -31.92 -6.42 -2.63
N PHE C 238 -32.24 -7.28 -3.58
CA PHE C 238 -31.81 -8.68 -3.51
C PHE C 238 -30.61 -8.85 -4.41
N PRO C 239 -29.65 -9.68 -4.00
CA PRO C 239 -28.42 -9.84 -4.78
C PRO C 239 -28.69 -10.49 -6.14
N SER C 240 -29.74 -11.31 -6.26
CA SER C 240 -30.17 -11.84 -7.55
C SER C 240 -31.68 -11.69 -7.63
N ASP C 241 -32.25 -11.92 -8.81
CA ASP C 241 -33.71 -11.92 -8.93
C ASP C 241 -34.34 -13.26 -8.53
N HIS C 242 -33.50 -14.22 -8.13
CA HIS C 242 -33.96 -15.44 -7.47
C HIS C 242 -33.43 -15.43 -6.05
N PHE C 243 -34.13 -16.09 -5.14
CA PHE C 243 -33.53 -16.47 -3.87
C PHE C 243 -32.75 -17.76 -4.07
N PRO C 244 -31.64 -17.92 -3.34
CA PRO C 244 -31.04 -19.25 -3.25
C PRO C 244 -32.01 -20.22 -2.61
N LEU C 245 -31.92 -21.49 -3.01
CA LEU C 245 -32.71 -22.55 -2.41
C LEU C 245 -31.72 -23.55 -1.85
N GLU C 246 -31.88 -23.92 -0.59
CA GLU C 246 -30.97 -24.86 0.03
C GLU C 246 -31.68 -26.06 0.64
N ALA C 247 -30.96 -27.16 0.80
CA ALA C 247 -31.50 -28.33 1.45
C ALA C 247 -30.43 -28.91 2.35
N GLU C 248 -30.86 -29.57 3.42
CA GLU C 248 -29.97 -30.41 4.20
C GLU C 248 -30.36 -31.86 3.93
N VAL C 249 -29.41 -32.67 3.46
CA VAL C 249 -29.68 -34.06 3.07
C VAL C 249 -28.70 -35.03 3.72
N ALA C 250 -29.09 -36.30 3.79
CA ALA C 250 -28.23 -37.34 4.33
C ALA C 250 -28.41 -38.57 3.46
N GLY C 251 -27.30 -39.22 3.11
CA GLY C 251 -27.36 -40.40 2.26
C GLY C 251 -28.08 -41.54 2.94
N GLU C 252 -28.58 -42.48 2.12
CA GLU C 252 -29.25 -43.67 2.65
C GLU C 252 -28.25 -44.81 2.86
N MSE D 1 -17.84 -22.52 17.40
CA MSE D 1 -19.16 -22.47 18.02
C MSE D 1 -19.92 -21.27 17.48
O MSE D 1 -19.35 -20.19 17.37
CB MSE D 1 -19.03 -22.35 19.54
CG MSE D 1 -20.37 -22.27 20.27
SE MSE D 1 -20.22 -22.26 22.21
CE MSE D 1 -19.00 -20.77 22.43
N LYS D 2 -21.19 -21.48 17.14
CA LYS D 2 -22.05 -20.38 16.72
C LYS D 2 -22.89 -19.89 17.88
N ILE D 3 -22.90 -18.58 18.08
CA ILE D 3 -23.63 -17.96 19.17
C ILE D 3 -24.41 -16.77 18.63
N ALA D 4 -25.46 -16.37 19.34
CA ALA D 4 -26.26 -15.26 18.85
C ALA D 4 -26.92 -14.49 19.98
N THR D 5 -27.37 -13.28 19.66
CA THR D 5 -28.21 -12.51 20.56
C THR D 5 -29.37 -11.96 19.74
N TYR D 6 -30.55 -11.92 20.35
CA TYR D 6 -31.74 -11.54 19.62
C TYR D 6 -32.75 -10.91 20.57
N ASN D 7 -33.01 -9.62 20.37
CA ASN D 7 -34.06 -8.94 21.11
C ASN D 7 -35.33 -9.18 20.31
N VAL D 8 -36.25 -9.97 20.86
CA VAL D 8 -37.38 -10.45 20.09
C VAL D 8 -38.62 -9.57 20.18
N ARG D 9 -38.48 -8.44 20.89
CA ARG D 9 -39.55 -7.43 21.07
C ARG D 9 -40.65 -7.88 22.02
N VAL D 10 -40.81 -7.15 23.11
CA VAL D 10 -41.74 -7.52 24.17
C VAL D 10 -43.17 -7.60 23.61
N ASP D 11 -43.97 -8.53 24.12
CA ASP D 11 -45.36 -8.61 23.73
C ASP D 11 -46.08 -7.36 24.23
N THR D 12 -46.62 -6.58 23.31
CA THR D 12 -47.34 -5.36 23.65
C THR D 12 -48.45 -5.05 22.65
N GLU D 13 -49.58 -4.56 23.15
CA GLU D 13 -50.70 -4.25 22.26
C GLU D 13 -50.38 -3.05 21.40
N TYR D 14 -49.35 -2.30 21.76
CA TYR D 14 -48.92 -1.19 20.93
C TYR D 14 -48.57 -1.64 19.51
N ASP D 15 -48.18 -2.91 19.36
CA ASP D 15 -47.81 -3.45 18.05
C ASP D 15 -49.00 -3.92 17.22
N GLN D 16 -50.17 -3.90 17.83
CA GLN D 16 -51.43 -4.14 17.10
C GLN D 16 -51.41 -5.46 16.33
N ASP D 17 -51.48 -5.39 15.00
CA ASP D 17 -51.53 -6.61 14.20
C ASP D 17 -50.15 -7.29 14.06
N TRP D 18 -49.17 -6.77 14.78
CA TRP D 18 -47.82 -7.36 14.75
C TRP D 18 -47.32 -7.55 16.19
N GLN D 19 -48.25 -7.74 17.11
CA GLN D 19 -47.85 -8.16 18.46
C GLN D 19 -47.38 -9.62 18.45
N TRP D 20 -46.84 -10.07 19.57
CA TRP D 20 -46.17 -11.36 19.65
C TRP D 20 -46.97 -12.51 19.06
N SER D 21 -48.27 -12.55 19.31
CA SER D 21 -49.10 -13.63 18.82
CA SER D 21 -49.08 -13.65 18.82
C SER D 21 -48.91 -13.84 17.31
N PHE D 22 -48.75 -12.75 16.58
CA PHE D 22 -48.62 -12.82 15.13
C PHE D 22 -47.20 -13.10 14.65
N ARG D 23 -46.23 -12.88 15.54
CA ARG D 23 -44.81 -12.96 15.18
C ARG D 23 -44.15 -14.23 15.71
N LYS D 24 -44.78 -14.89 16.67
CA LYS D 24 -44.13 -15.96 17.40
C LYS D 24 -43.61 -17.09 16.50
N GLU D 25 -44.44 -17.53 15.55
CA GLU D 25 -44.00 -18.59 14.65
C GLU D 25 -42.75 -18.18 13.88
N ALA D 26 -42.73 -16.95 13.35
CA ALA D 26 -41.59 -16.49 12.58
C ALA D 26 -40.32 -16.39 13.44
N VAL D 27 -40.47 -15.86 14.66
CA VAL D 27 -39.33 -15.74 15.55
C VAL D 27 -38.79 -17.12 15.90
N CYS D 28 -39.68 -18.05 16.26
CA CYS D 28 -39.23 -19.36 16.70
C CYS D 28 -38.63 -20.17 15.54
N GLN D 29 -39.21 -20.02 14.35
CA GLN D 29 -38.69 -20.75 13.19
C GLN D 29 -37.32 -20.22 12.77
N LEU D 30 -37.12 -18.91 12.95
CA LEU D 30 -35.81 -18.32 12.68
C LEU D 30 -34.76 -18.93 13.60
N ILE D 31 -35.08 -18.94 14.89
CA ILE D 31 -34.18 -19.53 15.88
C ILE D 31 -33.89 -21.00 15.55
N ASN D 32 -34.93 -21.77 15.22
CA ASN D 32 -34.71 -23.18 14.90
C ASN D 32 -33.85 -23.39 13.66
N PHE D 33 -34.07 -22.55 12.65
CA PHE D 33 -33.32 -22.65 11.40
C PHE D 33 -31.85 -22.33 11.58
N HIS D 34 -31.55 -21.25 12.28
CA HIS D 34 -30.16 -20.87 12.47
C HIS D 34 -29.42 -21.79 13.43
N ASP D 35 -30.14 -22.31 14.44
CA ASP D 35 -29.70 -23.49 15.18
C ASP D 35 -28.33 -23.32 15.81
N TRP D 36 -28.12 -22.17 16.44
CA TRP D 36 -26.84 -21.89 17.11
C TRP D 36 -26.65 -22.81 18.31
N SER D 37 -25.41 -22.85 18.84
CA SER D 37 -25.17 -23.50 20.13
C SER D 37 -25.96 -22.86 21.24
N LEU D 38 -26.01 -21.52 21.22
CA LEU D 38 -26.74 -20.79 22.24
C LEU D 38 -27.16 -19.42 21.73
N CYS D 39 -28.22 -18.87 22.31
CA CYS D 39 -28.72 -17.56 21.90
C CYS D 39 -29.22 -16.79 23.12
N CYS D 40 -28.69 -15.58 23.33
CA CYS D 40 -29.25 -14.70 24.36
C CYS D 40 -30.48 -14.01 23.79
N ILE D 41 -31.54 -13.96 24.59
CA ILE D 41 -32.81 -13.39 24.16
C ILE D 41 -33.16 -12.25 25.11
N GLN D 42 -33.58 -11.12 24.56
CA GLN D 42 -34.14 -10.04 25.38
C GLN D 42 -35.62 -9.80 25.09
N GLU D 43 -36.31 -9.24 26.08
CA GLU D 43 -37.69 -8.77 25.95
C GLU D 43 -38.73 -9.88 25.85
N VAL D 44 -38.72 -10.79 26.82
CA VAL D 44 -39.70 -11.87 26.81
C VAL D 44 -40.52 -11.89 28.11
N ARG D 45 -41.81 -11.65 27.96
CA ARG D 45 -42.75 -11.82 29.07
C ARG D 45 -43.00 -13.32 29.25
N PRO D 46 -43.67 -13.71 30.34
CA PRO D 46 -43.80 -15.16 30.59
C PRO D 46 -44.43 -15.96 29.43
N ASN D 47 -45.41 -15.39 28.75
CA ASN D 47 -46.02 -16.10 27.63
C ASN D 47 -45.03 -16.31 26.48
N GLN D 48 -44.15 -15.34 26.26
CA GLN D 48 -43.10 -15.45 25.26
C GLN D 48 -42.08 -16.53 25.64
N VAL D 49 -41.72 -16.59 26.92
CA VAL D 49 -40.82 -17.63 27.39
C VAL D 49 -41.46 -19.01 27.15
N ARG D 50 -42.74 -19.12 27.48
CA ARG D 50 -43.47 -20.39 27.26
CA ARG D 50 -43.49 -20.37 27.26
C ARG D 50 -43.44 -20.76 25.79
N ASP D 51 -43.65 -19.78 24.91
CA ASP D 51 -43.61 -20.04 23.47
C ASP D 51 -42.24 -20.45 22.98
N LEU D 52 -41.18 -19.83 23.50
CA LEU D 52 -39.83 -20.24 23.11
C LEU D 52 -39.58 -21.71 23.49
N LYS D 53 -39.99 -22.10 24.68
CA LYS D 53 -39.84 -23.48 25.11
C LYS D 53 -40.66 -24.44 24.25
N ALA D 54 -41.86 -24.01 23.86
CA ALA D 54 -42.77 -24.91 23.15
C ALA D 54 -42.43 -25.03 21.66
N TYR D 55 -42.00 -23.93 21.07
CA TYR D 55 -41.85 -23.85 19.62
C TYR D 55 -40.41 -23.78 19.10
N THR D 56 -39.43 -23.67 19.99
CA THR D 56 -38.05 -23.88 19.54
C THR D 56 -37.53 -25.22 20.06
N THR D 57 -36.40 -25.63 19.53
CA THR D 57 -35.77 -26.90 19.89
C THR D 57 -34.82 -26.75 21.07
N PHE D 58 -34.72 -25.54 21.62
CA PHE D 58 -33.70 -25.22 22.62
C PHE D 58 -34.14 -25.42 24.08
N THR D 59 -33.17 -25.72 24.94
CA THR D 59 -33.35 -25.61 26.38
C THR D 59 -33.36 -24.13 26.72
N CYS D 60 -34.21 -23.74 27.66
CA CYS D 60 -34.41 -22.34 27.98
C CYS D 60 -34.13 -22.04 29.45
N LEU D 61 -33.10 -21.23 29.68
CA LEU D 61 -32.87 -20.63 30.99
C LEU D 61 -33.52 -19.24 30.96
N SER D 62 -34.27 -18.89 31.98
CA SER D 62 -34.89 -17.56 32.00
C SER D 62 -35.00 -16.98 33.40
N ALA D 63 -35.19 -15.66 33.45
CA ALA D 63 -35.40 -14.93 34.71
C ALA D 63 -36.10 -13.64 34.33
N GLU D 64 -36.83 -13.04 35.27
CA GLU D 64 -37.52 -11.80 34.94
C GLU D 64 -37.30 -10.71 35.97
N ARG D 65 -37.65 -9.49 35.62
CA ARG D 65 -37.15 -8.33 36.35
CA ARG D 65 -37.15 -8.33 36.35
C ARG D 65 -38.04 -7.92 37.52
N GLU D 66 -39.27 -8.41 37.56
CA GLU D 66 -40.15 -8.03 38.67
C GLU D 66 -39.90 -8.89 39.89
N GLY D 67 -39.41 -10.11 39.67
CA GLY D 67 -39.08 -11.01 40.76
C GLY D 67 -40.15 -12.05 41.05
N ASP D 68 -41.39 -11.71 40.75
CA ASP D 68 -42.53 -12.61 41.01
C ASP D 68 -42.75 -13.61 39.87
N GLY D 69 -41.92 -13.54 38.84
CA GLY D 69 -42.05 -14.43 37.70
C GLY D 69 -43.11 -13.96 36.70
N GLN D 70 -43.61 -12.74 36.89
CA GLN D 70 -44.66 -12.23 36.02
C GLN D 70 -44.17 -11.13 35.08
N GLY D 71 -42.95 -10.65 35.28
CA GLY D 71 -42.46 -9.50 34.54
C GLY D 71 -41.78 -9.82 33.22
N GLU D 72 -41.34 -8.76 32.54
CA GLU D 72 -40.53 -8.89 31.33
C GLU D 72 -39.17 -9.44 31.70
N GLY D 73 -38.64 -10.36 30.90
CA GLY D 73 -37.43 -11.06 31.30
C GLY D 73 -36.43 -11.28 30.18
N LEU D 74 -35.42 -12.07 30.51
CA LEU D 74 -34.36 -12.43 29.59
C LEU D 74 -34.32 -13.94 29.52
N ALA D 75 -33.73 -14.49 28.47
CA ALA D 75 -33.54 -15.93 28.40
C ALA D 75 -32.20 -16.22 27.74
N ILE D 76 -31.64 -17.38 28.08
CA ILE D 76 -30.54 -17.92 27.30
C ILE D 76 -31.00 -19.27 26.79
N LEU D 77 -31.08 -19.41 25.48
CA LEU D 77 -31.49 -20.67 24.87
C LEU D 77 -30.21 -21.40 24.54
N TYR D 78 -30.17 -22.70 24.79
CA TYR D 78 -28.97 -23.46 24.43
C TYR D 78 -29.30 -24.89 24.05
N ASN D 79 -28.41 -25.49 23.28
CA ASN D 79 -28.56 -26.86 22.81
C ASN D 79 -27.67 -27.74 23.67
N GLU D 80 -28.27 -28.59 24.48
CA GLU D 80 -27.50 -29.41 25.43
C GLU D 80 -26.55 -30.41 24.77
N GLN D 81 -26.74 -30.69 23.48
CA GLN D 81 -25.84 -31.56 22.75
CA GLN D 81 -25.81 -31.58 22.80
C GLN D 81 -24.56 -30.83 22.37
N LYS D 82 -24.61 -29.50 22.42
CA LYS D 82 -23.50 -28.64 22.03
C LYS D 82 -22.82 -27.97 23.22
N VAL D 83 -23.61 -27.50 24.18
CA VAL D 83 -23.05 -26.90 25.39
C VAL D 83 -23.88 -27.32 26.59
N GLN D 84 -23.24 -27.46 27.74
CA GLN D 84 -23.96 -27.77 28.95
C GLN D 84 -23.84 -26.63 29.95
N ALA D 85 -24.95 -26.32 30.63
CA ALA D 85 -24.94 -25.30 31.66
C ALA D 85 -24.53 -25.95 32.97
N ILE D 86 -23.46 -25.43 33.57
CA ILE D 86 -23.01 -25.95 34.87
C ILE D 86 -23.32 -25.01 36.04
N ASP D 87 -23.66 -23.75 35.74
CA ASP D 87 -24.11 -22.81 36.76
C ASP D 87 -24.89 -21.70 36.08
N THR D 88 -25.81 -21.08 36.82
CA THR D 88 -26.58 -19.96 36.28
CA THR D 88 -26.61 -19.98 36.29
C THR D 88 -27.02 -19.04 37.41
N GLY D 89 -27.35 -17.80 37.05
CA GLY D 89 -27.81 -16.87 38.05
C GLY D 89 -28.31 -15.61 37.41
N TYR D 90 -28.90 -14.75 38.22
CA TYR D 90 -29.30 -13.43 37.75
C TYR D 90 -29.31 -12.45 38.91
N PHE D 91 -29.27 -11.17 38.57
CA PHE D 91 -29.25 -10.13 39.59
C PHE D 91 -29.75 -8.84 38.98
N TRP D 92 -30.09 -7.89 39.85
CA TRP D 92 -30.61 -6.61 39.43
C TRP D 92 -29.48 -5.62 39.23
N LEU D 93 -29.65 -4.75 38.25
CA LEU D 93 -28.64 -3.76 37.93
C LEU D 93 -28.85 -2.51 38.77
N SER D 94 -28.68 -2.66 40.07
CA SER D 94 -29.05 -1.65 41.04
C SER D 94 -28.01 -1.62 42.15
N GLU D 95 -28.26 -0.81 43.17
CA GLU D 95 -27.37 -0.75 44.33
C GLU D 95 -27.58 -1.93 45.29
N THR D 96 -28.62 -2.72 45.01
CA THR D 96 -28.89 -3.93 45.78
C THR D 96 -29.21 -5.07 44.83
N PRO D 97 -28.17 -5.65 44.21
CA PRO D 97 -28.35 -6.59 43.10
C PRO D 97 -29.10 -7.88 43.44
N GLN D 98 -29.14 -8.27 44.71
CA GLN D 98 -29.78 -9.53 45.05
C GLN D 98 -31.29 -9.43 45.26
N GLN D 99 -31.83 -8.22 45.18
CA GLN D 99 -33.27 -8.07 45.35
C GLN D 99 -33.87 -7.20 44.27
N PRO D 100 -35.14 -7.46 43.91
CA PRO D 100 -35.85 -6.63 42.95
C PRO D 100 -35.75 -5.17 43.36
N SER D 101 -35.24 -4.34 42.48
CA SER D 101 -34.88 -2.97 42.83
C SER D 101 -34.57 -2.19 41.57
N ILE D 102 -34.50 -0.86 41.69
CA ILE D 102 -34.22 0.00 40.55
C ILE D 102 -33.00 0.85 40.84
N HIS D 103 -32.09 0.96 39.86
CA HIS D 103 -30.95 1.85 40.04
C HIS D 103 -31.44 3.29 40.13
N PRO D 104 -30.79 4.11 40.98
CA PRO D 104 -31.18 5.51 41.09
C PRO D 104 -31.37 6.21 39.74
N GLU D 105 -30.56 5.87 38.74
CA GLU D 105 -30.60 6.55 37.44
C GLU D 105 -31.57 5.90 36.46
N ALA D 106 -32.09 4.72 36.79
CA ALA D 106 -32.84 3.95 35.81
C ALA D 106 -34.34 4.15 35.94
N GLY D 107 -35.07 3.84 34.88
CA GLY D 107 -36.52 4.01 34.87
C GLY D 107 -37.29 2.78 35.30
N CYS D 108 -36.61 1.66 35.46
CA CYS D 108 -37.31 0.42 35.81
C CYS D 108 -36.31 -0.63 36.28
N PRO D 109 -36.81 -1.68 36.94
CA PRO D 109 -35.90 -2.78 37.30
C PRO D 109 -35.30 -3.36 36.03
N ARG D 110 -34.02 -3.68 36.08
CA ARG D 110 -33.34 -4.35 34.98
C ARG D 110 -32.55 -5.48 35.60
N ILE D 111 -32.45 -6.60 34.89
CA ILE D 111 -31.63 -7.69 35.39
C ILE D 111 -30.56 -8.03 34.38
N ALA D 112 -29.54 -8.74 34.85
CA ALA D 112 -28.67 -9.49 33.95
C ALA D 112 -28.84 -10.96 34.29
N LEU D 113 -28.82 -11.78 33.25
CA LEU D 113 -28.97 -13.22 33.39
C LEU D 113 -27.66 -13.81 32.86
N TRP D 114 -27.03 -14.70 33.62
CA TRP D 114 -25.77 -15.28 33.18
C TRP D 114 -25.77 -16.80 33.30
N GLY D 115 -24.88 -17.43 32.55
CA GLY D 115 -24.70 -18.86 32.67
C GLY D 115 -23.25 -19.24 32.51
N LEU D 116 -22.81 -20.24 33.26
CA LEU D 116 -21.50 -20.83 33.06
C LEU D 116 -21.72 -22.10 32.27
N PHE D 117 -21.06 -22.21 31.13
CA PHE D 117 -21.31 -23.29 30.19
C PHE D 117 -20.01 -24.03 29.88
N LYS D 118 -20.15 -25.23 29.34
CA LYS D 118 -19.01 -25.95 28.80
C LYS D 118 -19.41 -26.53 27.46
N GLU D 119 -18.57 -26.38 26.44
CA GLU D 119 -18.82 -27.05 25.17
C GLU D 119 -18.63 -28.55 25.35
N THR D 120 -19.41 -29.34 24.63
CA THR D 120 -19.32 -30.80 24.75
C THR D 120 -17.89 -31.34 24.61
N THR D 121 -17.15 -30.80 23.65
CA THR D 121 -15.81 -31.28 23.33
C THR D 121 -14.70 -30.65 24.17
N GLN D 122 -14.98 -29.51 24.79
CA GLN D 122 -13.97 -28.81 25.58
C GLN D 122 -14.08 -29.17 27.05
N ASN D 123 -13.04 -28.88 27.83
CA ASN D 123 -13.05 -29.19 29.26
C ASN D 123 -13.21 -27.96 30.16
N THR D 124 -12.82 -26.80 29.64
CA THR D 124 -12.88 -25.57 30.41
C THR D 124 -14.18 -24.81 30.16
N PRO D 125 -14.76 -24.24 31.23
CA PRO D 125 -16.04 -23.52 31.15
C PRO D 125 -15.86 -22.14 30.53
N PHE D 126 -16.96 -21.58 30.06
CA PHE D 126 -16.99 -20.18 29.65
C PHE D 126 -18.23 -19.49 30.20
N LEU D 127 -18.17 -18.17 30.32
CA LEU D 127 -19.26 -17.40 30.90
C LEU D 127 -20.06 -16.68 29.81
N VAL D 128 -21.40 -16.76 29.90
CA VAL D 128 -22.27 -15.98 29.02
C VAL D 128 -23.07 -15.00 29.87
N ILE D 129 -23.07 -13.73 29.48
CA ILE D 129 -23.81 -12.69 30.19
C ILE D 129 -24.78 -12.05 29.21
N ASN D 130 -26.06 -12.14 29.52
CA ASN D 130 -27.13 -11.59 28.68
C ASN D 130 -27.42 -10.17 29.14
N VAL D 131 -27.15 -9.21 28.25
CA VAL D 131 -27.22 -7.79 28.53
C VAL D 131 -28.51 -7.16 28.00
N HIS D 132 -29.21 -6.40 28.83
CA HIS D 132 -30.22 -5.49 28.31
C HIS D 132 -30.24 -4.24 29.15
N LEU D 133 -29.57 -3.22 28.67
CA LEU D 133 -29.38 -2.01 29.48
C LEU D 133 -30.56 -1.08 29.31
N ASP D 134 -30.71 -0.15 30.26
CA ASP D 134 -31.83 0.78 30.27
C ASP D 134 -31.82 1.70 29.05
N HIS D 135 -33.00 2.01 28.51
CA HIS D 135 -33.09 2.91 27.37
C HIS D 135 -33.11 4.39 27.77
N ILE D 136 -33.34 4.64 29.06
CA ILE D 136 -33.63 6.00 29.53
C ILE D 136 -32.51 7.02 29.31
N SER D 137 -31.25 6.64 29.57
CA SER D 137 -30.14 7.58 29.44
C SER D 137 -28.80 6.88 29.33
N ALA D 138 -27.81 7.57 28.78
CA ALA D 138 -26.46 7.06 28.74
C ALA D 138 -25.91 6.82 30.14
N HIS D 139 -26.26 7.69 31.08
CA HIS D 139 -25.82 7.51 32.46
C HIS D 139 -26.37 6.24 33.08
N ALA D 140 -27.63 5.93 32.79
CA ALA D 140 -28.25 4.71 33.32
C ALA D 140 -27.57 3.48 32.73
N ARG D 141 -27.19 3.56 31.46
CA ARG D 141 -26.51 2.44 30.82
C ARG D 141 -25.13 2.20 31.41
N LEU D 142 -24.37 3.28 31.60
CA LEU D 142 -23.06 3.16 32.22
C LEU D 142 -23.22 2.55 33.60
N ALA D 143 -24.20 3.03 34.37
CA ALA D 143 -24.43 2.56 35.72
C ALA D 143 -24.80 1.08 35.76
N GLY D 144 -25.67 0.69 34.84
CA GLY D 144 -26.10 -0.70 34.80
C GLY D 144 -24.97 -1.64 34.46
N MSE D 145 -24.15 -1.25 33.49
CA MSE D 145 -23.02 -2.06 33.09
C MSE D 145 -21.97 -2.12 34.21
O MSE D 145 -21.31 -3.14 34.39
CB MSE D 145 -22.39 -1.53 31.79
CG MSE D 145 -21.15 -2.32 31.34
SE MSE D 145 -21.47 -4.24 31.03
CE MSE D 145 -22.71 -4.09 29.54
N THR D 146 -21.85 -1.03 34.97
CA THR D 146 -20.91 -1.01 36.09
C THR D 146 -21.29 -2.10 37.09
N VAL D 147 -22.58 -2.24 37.37
CA VAL D 147 -23.05 -3.29 38.25
C VAL D 147 -22.74 -4.68 37.68
N ILE D 148 -22.99 -4.89 36.40
CA ILE D 148 -22.63 -6.17 35.79
C ILE D 148 -21.15 -6.49 36.01
N LEU D 149 -20.28 -5.55 35.67
CA LEU D 149 -18.85 -5.81 35.70
C LEU D 149 -18.31 -6.00 37.12
N GLU D 150 -18.94 -5.35 38.08
CA GLU D 150 -18.57 -5.52 39.49
C GLU D 150 -19.11 -6.83 40.04
N GLU D 151 -20.39 -7.08 39.79
CA GLU D 151 -21.06 -8.23 40.36
C GLU D 151 -20.46 -9.53 39.85
N LEU D 152 -20.07 -9.56 38.57
CA LEU D 152 -19.44 -10.73 37.97
C LEU D 152 -17.92 -10.57 37.78
N HIS D 153 -17.32 -9.63 38.49
CA HIS D 153 -15.90 -9.35 38.30
C HIS D 153 -15.04 -10.62 38.38
N ASP D 154 -15.26 -11.43 39.41
CA ASP D 154 -14.48 -12.64 39.61
C ASP D 154 -14.62 -13.67 38.48
N LYS D 155 -15.86 -13.90 38.04
CA LYS D 155 -16.14 -14.85 36.97
C LYS D 155 -15.54 -14.39 35.65
N ILE D 156 -15.73 -13.11 35.35
CA ILE D 156 -15.17 -12.53 34.13
C ILE D 156 -13.65 -12.68 34.09
N ALA D 157 -13.01 -12.48 35.24
CA ALA D 157 -11.56 -12.59 35.33
C ALA D 157 -11.09 -14.01 35.09
N GLN D 158 -11.89 -14.96 35.56
CA GLN D 158 -11.52 -16.37 35.59
C GLN D 158 -11.81 -17.09 34.27
N TYR D 159 -12.84 -16.65 33.55
CA TYR D 159 -13.30 -17.40 32.37
C TYR D 159 -13.32 -16.59 31.07
N PRO D 160 -13.14 -17.27 29.93
CA PRO D 160 -13.48 -16.64 28.66
C PRO D 160 -14.95 -16.25 28.74
N THR D 161 -15.29 -15.05 28.29
CA THR D 161 -16.62 -14.52 28.54
C THR D 161 -17.23 -13.94 27.27
N LEU D 162 -18.52 -14.22 27.07
CA LEU D 162 -19.30 -13.64 25.98
C LEU D 162 -20.30 -12.69 26.61
N LEU D 163 -20.13 -11.41 26.34
CA LEU D 163 -21.00 -10.37 26.89
C LEU D 163 -21.90 -9.92 25.75
N MSE D 164 -23.15 -10.35 25.78
CA MSE D 164 -24.01 -10.29 24.59
C MSE D 164 -25.35 -9.66 24.90
O MSE D 164 -25.99 -10.04 25.87
CB MSE D 164 -24.29 -11.71 24.09
CG MSE D 164 -23.10 -12.62 24.09
SE MSE D 164 -23.58 -14.43 23.53
CE MSE D 164 -23.92 -14.01 21.68
N GLY D 165 -25.79 -8.77 24.04
CA GLY D 165 -27.16 -8.30 24.14
C GLY D 165 -27.42 -6.91 23.64
N ASP D 166 -28.49 -6.33 24.17
CA ASP D 166 -28.99 -5.05 23.72
C ASP D 166 -28.47 -3.98 24.68
N PHE D 167 -27.48 -3.23 24.23
CA PHE D 167 -26.85 -2.21 25.04
C PHE D 167 -27.63 -0.91 25.05
N ASN D 168 -28.61 -0.79 24.13
CA ASN D 168 -29.36 0.45 23.96
C ASN D 168 -28.43 1.65 23.76
N ALA D 169 -27.26 1.41 23.16
CA ALA D 169 -26.25 2.46 23.04
C ALA D 169 -25.47 2.31 21.74
N GLU D 170 -25.37 3.41 20.99
CA GLU D 170 -24.51 3.44 19.81
C GLU D 170 -23.05 3.44 20.26
N SER D 171 -22.15 3.16 19.32
CA SER D 171 -20.75 2.82 19.63
C SER D 171 -19.97 3.86 20.44
N GLY D 172 -20.38 5.12 20.33
CA GLY D 172 -19.63 6.20 20.96
C GLY D 172 -19.92 6.43 22.43
N GLU D 173 -20.93 5.76 22.99
CA GLU D 173 -21.31 6.01 24.39
C GLU D 173 -20.26 5.54 25.38
N GLU D 174 -20.26 6.17 26.56
CA GLU D 174 -19.28 5.86 27.59
C GLU D 174 -19.33 4.38 28.01
N VAL D 175 -20.53 3.78 27.99
CA VAL D 175 -20.62 2.38 28.38
C VAL D 175 -19.73 1.48 27.52
N HIS D 176 -19.57 1.82 26.24
CA HIS D 176 -18.71 1.01 25.37
C HIS D 176 -17.24 1.21 25.72
N GLN D 177 -16.87 2.42 26.11
CA GLN D 177 -15.49 2.65 26.52
C GLN D 177 -15.17 1.81 27.76
N LEU D 178 -16.16 1.68 28.64
CA LEU D 178 -15.95 0.91 29.87
C LEU D 178 -15.78 -0.57 29.54
N VAL D 179 -16.70 -1.08 28.73
CA VAL D 179 -16.66 -2.47 28.32
C VAL D 179 -15.35 -2.82 27.59
N GLN D 180 -14.87 -1.88 26.77
CA GLN D 180 -13.69 -2.14 25.94
C GLN D 180 -12.38 -2.18 26.72
N LYS D 181 -12.41 -1.82 27.99
CA LYS D 181 -11.26 -2.03 28.86
C LYS D 181 -10.95 -3.53 28.97
N LYS D 182 -11.98 -4.37 28.91
CA LYS D 182 -11.79 -5.81 29.08
C LYS D 182 -12.24 -6.67 27.89
N PHE D 183 -13.13 -6.13 27.06
CA PHE D 183 -13.71 -6.90 25.95
C PHE D 183 -13.41 -6.26 24.60
N GLN D 184 -13.55 -7.07 23.54
CA GLN D 184 -13.49 -6.55 22.18
C GLN D 184 -14.81 -6.79 21.47
N ASP D 185 -15.23 -5.81 20.66
CA ASP D 185 -16.42 -5.95 19.83
C ASP D 185 -16.16 -6.94 18.69
N SER D 186 -16.83 -8.08 18.74
CA SER D 186 -16.57 -9.15 17.77
C SER D 186 -16.72 -8.75 16.30
N LYS D 187 -17.62 -7.82 16.00
CA LYS D 187 -17.90 -7.50 14.61
C LYS D 187 -16.77 -6.74 13.92
N ASN D 188 -15.79 -6.27 14.69
CA ASN D 188 -14.62 -5.62 14.10
C ASN D 188 -13.40 -6.53 14.00
N LEU D 189 -13.56 -7.79 14.45
CA LEU D 189 -12.42 -8.71 14.54
C LEU D 189 -12.27 -9.64 13.33
N ALA D 190 -13.33 -9.79 12.57
CA ALA D 190 -13.27 -10.67 11.41
C ALA D 190 -14.20 -10.12 10.34
N THR D 191 -14.58 -10.95 9.39
CA THR D 191 -15.52 -10.53 8.36
CA THR D 191 -15.52 -10.53 8.35
C THR D 191 -16.92 -10.45 8.93
N HIS D 192 -17.64 -9.38 8.59
CA HIS D 192 -19.01 -9.20 9.03
C HIS D 192 -19.98 -9.27 7.84
N TYR D 193 -21.02 -10.11 7.97
CA TYR D 193 -22.01 -10.28 6.91
C TYR D 193 -23.29 -9.56 7.30
N GLY D 194 -23.88 -8.83 6.37
CA GLY D 194 -25.09 -8.09 6.67
C GLY D 194 -24.80 -6.68 7.17
N PRO D 195 -25.86 -5.98 7.60
CA PRO D 195 -25.67 -4.61 8.07
C PRO D 195 -24.91 -4.57 9.40
N ARG D 196 -24.17 -3.50 9.64
CA ARG D 196 -23.48 -3.36 10.92
C ARG D 196 -24.48 -2.97 12.03
N GLY D 197 -25.55 -2.32 11.64
CA GLY D 197 -26.62 -1.96 12.56
C GLY D 197 -27.63 -3.08 12.72
N THR D 198 -28.44 -3.00 13.78
CA THR D 198 -29.27 -4.12 14.21
C THR D 198 -30.71 -3.74 14.51
N PHE D 199 -31.01 -2.46 14.60
CA PHE D 199 -32.38 -2.06 14.96
C PHE D 199 -33.08 -1.34 13.81
N GLN D 200 -34.20 -1.90 13.34
CA GLN D 200 -34.92 -1.33 12.22
C GLN D 200 -36.33 -0.83 12.54
N ASN D 201 -36.76 -0.97 13.79
CA ASN D 201 -38.06 -0.43 14.21
C ASN D 201 -39.23 -1.01 13.41
N PHE D 202 -39.10 -2.27 12.99
CA PHE D 202 -40.11 -2.97 12.17
C PHE D 202 -40.28 -2.37 10.77
N THR D 203 -39.35 -1.52 10.34
CA THR D 203 -39.45 -0.93 9.01
C THR D 203 -38.67 -1.76 7.99
N TYR D 204 -39.42 -2.53 7.20
CA TYR D 204 -38.85 -3.46 6.24
C TYR D 204 -37.91 -2.75 5.25
N THR D 205 -38.26 -1.53 4.87
CA THR D 205 -37.48 -0.80 3.88
C THR D 205 -36.48 0.19 4.48
N LYS D 206 -36.17 0.03 5.76
CA LYS D 206 -35.24 0.92 6.44
C LYS D 206 -33.86 0.85 5.76
N PRO D 207 -33.33 1.99 5.32
CA PRO D 207 -31.99 2.03 4.74
C PRO D 207 -30.94 1.59 5.77
N TRP D 208 -29.96 0.82 5.34
CA TRP D 208 -28.97 0.27 6.29
C TRP D 208 -28.22 1.36 7.06
N ALA D 209 -27.95 2.49 6.40
CA ALA D 209 -27.25 3.60 7.07
C ALA D 209 -28.07 4.19 8.22
N GLU D 210 -29.38 3.92 8.21
CA GLU D 210 -30.28 4.42 9.26
C GLU D 210 -30.58 3.42 10.37
N LEU D 211 -30.07 2.20 10.26
CA LEU D 211 -30.23 1.23 11.35
C LEU D 211 -29.49 1.75 12.59
N GLU D 212 -30.03 1.46 13.76
CA GLU D 212 -29.31 1.76 14.99
C GLU D 212 -28.42 0.57 15.39
N GLU D 213 -27.20 0.87 15.79
CA GLU D 213 -26.26 -0.15 16.24
CA GLU D 213 -26.26 -0.13 16.23
C GLU D 213 -26.33 -0.24 17.75
N ILE D 214 -27.27 -1.03 18.25
CA ILE D 214 -27.45 -1.10 19.70
C ILE D 214 -27.26 -2.49 20.30
N ASP D 215 -27.19 -3.52 19.47
CA ASP D 215 -26.94 -4.88 19.94
C ASP D 215 -25.49 -5.24 19.64
N TYR D 216 -24.87 -5.98 20.55
CA TYR D 216 -23.43 -6.25 20.50
C TYR D 216 -23.10 -7.66 20.99
N ILE D 217 -22.03 -8.20 20.42
CA ILE D 217 -21.41 -9.41 20.96
C ILE D 217 -19.97 -9.04 21.28
N TYR D 218 -19.70 -8.87 22.58
CA TYR D 218 -18.37 -8.55 23.09
C TYR D 218 -17.70 -9.83 23.58
N VAL D 219 -16.40 -9.96 23.30
CA VAL D 219 -15.70 -11.19 23.64
C VAL D 219 -14.46 -10.95 24.48
N LYS D 220 -14.17 -11.88 25.37
CA LYS D 220 -12.92 -11.90 26.10
C LYS D 220 -12.44 -13.34 26.13
N GLY D 221 -11.27 -13.58 25.54
CA GLY D 221 -10.69 -14.92 25.51
C GLY D 221 -11.17 -15.79 24.36
N TRP D 222 -11.57 -15.17 23.26
CA TRP D 222 -12.09 -15.90 22.10
C TRP D 222 -11.45 -15.46 20.80
N GLN D 223 -11.26 -16.40 19.89
CA GLN D 223 -10.95 -16.07 18.51
C GLN D 223 -12.28 -15.92 17.77
N VAL D 224 -12.45 -14.81 17.04
CA VAL D 224 -13.68 -14.61 16.27
C VAL D 224 -13.42 -14.97 14.81
N GLN D 225 -14.28 -15.84 14.27
CA GLN D 225 -14.13 -16.30 12.89
CA GLN D 225 -14.15 -16.31 12.88
C GLN D 225 -14.99 -15.49 11.92
N GLN D 226 -16.10 -14.98 12.41
CA GLN D 226 -17.05 -14.28 11.56
CA GLN D 226 -16.94 -14.09 11.64
C GLN D 226 -18.20 -13.73 12.41
N THR D 227 -18.89 -12.71 11.92
CA THR D 227 -20.10 -12.23 12.57
C THR D 227 -21.11 -11.92 11.49
N ALA D 228 -22.38 -11.80 11.87
CA ALA D 228 -23.42 -11.45 10.92
C ALA D 228 -24.63 -10.84 11.60
N SER D 229 -25.30 -9.92 10.90
CA SER D 229 -26.61 -9.46 11.29
C SER D 229 -27.60 -10.11 10.34
N LEU D 230 -28.64 -10.75 10.87
CA LEU D 230 -29.49 -11.61 10.05
C LEU D 230 -30.78 -10.89 9.63
N THR D 231 -30.97 -10.73 8.33
CA THR D 231 -32.07 -9.92 7.81
C THR D 231 -33.30 -10.76 7.42
N ASP D 232 -33.41 -11.96 7.99
CA ASP D 232 -34.56 -12.82 7.73
C ASP D 232 -35.86 -12.05 7.84
N SER D 233 -36.77 -12.29 6.88
CA SER D 233 -38.04 -11.59 6.89
C SER D 233 -39.18 -12.59 6.80
N ILE D 234 -40.39 -12.12 7.05
CA ILE D 234 -41.58 -12.92 6.88
C ILE D 234 -42.55 -12.11 6.03
N ASP D 235 -42.59 -12.39 4.73
CA ASP D 235 -43.47 -11.69 3.80
C ASP D 235 -43.59 -10.17 4.00
N GLY D 236 -42.46 -9.47 3.88
CA GLY D 236 -42.46 -8.02 3.91
C GLY D 236 -42.45 -7.40 5.28
N ARG D 237 -42.25 -8.23 6.30
CA ARG D 237 -42.12 -7.76 7.68
C ARG D 237 -40.92 -8.45 8.30
N PHE D 238 -40.39 -7.86 9.37
CA PHE D 238 -39.33 -8.52 10.13
C PHE D 238 -39.95 -9.16 11.37
N PRO D 239 -39.45 -10.33 11.78
CA PRO D 239 -40.07 -11.02 12.93
C PRO D 239 -39.90 -10.24 14.23
N SER D 240 -38.85 -9.43 14.33
CA SER D 240 -38.66 -8.53 15.47
C SER D 240 -38.24 -7.18 14.94
N ASP D 241 -38.25 -6.15 15.80
CA ASP D 241 -37.75 -4.84 15.39
C ASP D 241 -36.21 -4.74 15.49
N HIS D 242 -35.58 -5.83 15.94
CA HIS D 242 -34.13 -5.98 15.81
C HIS D 242 -33.85 -7.13 14.87
N PHE D 243 -32.69 -7.10 14.22
CA PHE D 243 -32.14 -8.31 13.58
C PHE D 243 -31.40 -9.09 14.64
N PRO D 244 -31.41 -10.44 14.53
CA PRO D 244 -30.47 -11.21 15.33
C PRO D 244 -29.04 -10.86 14.94
N LEU D 245 -28.13 -10.98 15.91
CA LEU D 245 -26.73 -10.78 15.66
C LEU D 245 -26.04 -12.08 16.03
N GLU D 246 -25.25 -12.63 15.13
CA GLU D 246 -24.55 -13.87 15.44
C GLU D 246 -23.05 -13.76 15.29
N ALA D 247 -22.33 -14.67 15.93
CA ALA D 247 -20.89 -14.75 15.81
C ALA D 247 -20.47 -16.21 15.75
N GLU D 248 -19.37 -16.46 15.05
CA GLU D 248 -18.71 -17.75 15.15
C GLU D 248 -17.41 -17.53 15.93
N VAL D 249 -17.25 -18.29 17.02
CA VAL D 249 -16.10 -18.12 17.90
C VAL D 249 -15.39 -19.44 18.19
N ALA D 250 -14.14 -19.36 18.61
CA ALA D 250 -13.39 -20.55 18.98
C ALA D 250 -12.61 -20.25 20.23
N GLY D 251 -12.60 -21.19 21.17
CA GLY D 251 -11.88 -21.02 22.42
C GLY D 251 -10.39 -20.86 22.18
N GLU D 252 -9.72 -20.19 23.11
CA GLU D 252 -8.29 -19.87 22.95
C GLU D 252 -7.40 -21.09 23.22
N MSE E 1 25.12 21.07 7.60
CA MSE E 1 26.56 20.95 7.44
C MSE E 1 26.88 19.84 6.45
O MSE E 1 26.29 18.75 6.53
CB MSE E 1 27.24 20.67 8.80
CG MSE E 1 28.75 20.47 8.70
SE MSE E 1 29.68 20.32 10.40
CE MSE E 1 28.72 18.79 11.11
N LYS E 2 27.78 20.10 5.51
CA LYS E 2 28.26 19.06 4.62
C LYS E 2 29.59 18.52 5.10
N ILE E 3 29.69 17.20 5.13
CA ILE E 3 30.88 16.48 5.59
C ILE E 3 31.21 15.39 4.58
N ALA E 4 32.45 14.93 4.57
CA ALA E 4 32.83 13.90 3.60
C ALA E 4 33.97 13.05 4.11
N THR E 5 34.14 11.89 3.49
CA THR E 5 35.31 11.07 3.74
C THR E 5 35.84 10.64 2.37
N TYR E 6 37.16 10.58 2.26
CA TYR E 6 37.77 10.31 0.97
C TYR E 6 39.10 9.62 1.18
N ASN E 7 39.19 8.37 0.75
CA ASN E 7 40.43 7.64 0.71
C ASN E 7 41.09 8.01 -0.60
N VAL E 8 42.20 8.75 -0.52
CA VAL E 8 42.78 9.37 -1.71
C VAL E 8 43.84 8.52 -2.38
N ARG E 9 44.03 7.29 -1.88
CA ARG E 9 45.03 6.33 -2.39
C ARG E 9 46.48 6.71 -2.10
N VAL E 10 47.15 5.84 -1.35
CA VAL E 10 48.51 6.13 -0.89
C VAL E 10 49.43 6.30 -2.10
N ASP E 11 50.41 7.19 -1.98
CA ASP E 11 51.38 7.37 -3.05
C ASP E 11 52.22 6.11 -3.14
N THR E 12 52.17 5.46 -4.29
CA THR E 12 52.92 4.22 -4.51
C THR E 12 53.35 4.07 -5.96
N GLU E 13 54.57 3.57 -6.15
CA GLU E 13 55.08 3.38 -7.51
C GLU E 13 54.30 2.31 -8.25
N TYR E 14 53.61 1.45 -7.50
CA TYR E 14 52.75 0.45 -8.11
C TYR E 14 51.71 1.05 -9.07
N ASP E 15 51.35 2.32 -8.86
CA ASP E 15 50.35 2.98 -9.70
C ASP E 15 50.94 3.56 -10.99
N GLN E 16 52.27 3.51 -11.10
CA GLN E 16 52.96 3.89 -12.32
C GLN E 16 52.58 5.29 -12.80
N ASP E 17 51.94 5.38 -13.96
CA ASP E 17 51.60 6.68 -14.53
C ASP E 17 50.37 7.31 -13.87
N TRP E 18 49.90 6.69 -12.80
CA TRP E 18 48.76 7.24 -12.05
C TRP E 18 49.09 7.24 -10.56
N GLN E 19 50.37 7.32 -10.23
CA GLN E 19 50.75 7.56 -8.85
C GLN E 19 50.38 8.99 -8.45
N TRP E 20 50.55 9.32 -7.18
CA TRP E 20 50.04 10.57 -6.62
C TRP E 20 50.45 11.82 -7.42
N SER E 21 51.70 11.86 -7.87
CA SER E 21 52.19 13.01 -8.62
CA SER E 21 52.19 13.03 -8.61
C SER E 21 51.23 13.40 -9.75
N PHE E 22 50.70 12.39 -10.43
CA PHE E 22 49.81 12.63 -11.57
C PHE E 22 48.38 12.91 -11.17
N ARG E 23 48.03 12.56 -9.94
CA ARG E 23 46.64 12.62 -9.47
C ARG E 23 46.38 13.82 -8.54
N LYS E 24 47.44 14.42 -8.02
CA LYS E 24 47.30 15.39 -6.93
C LYS E 24 46.40 16.57 -7.28
N GLU E 25 46.56 17.13 -8.48
CA GLU E 25 45.76 18.29 -8.85
C GLU E 25 44.28 17.92 -8.92
N ALA E 26 43.97 16.76 -9.51
CA ALA E 26 42.58 16.32 -9.59
C ALA E 26 41.98 16.08 -8.22
N VAL E 27 42.73 15.44 -7.34
CA VAL E 27 42.25 15.18 -6.00
C VAL E 27 42.00 16.49 -5.24
N CYS E 28 42.97 17.39 -5.30
CA CYS E 28 42.86 18.63 -4.56
C CYS E 28 41.77 19.55 -5.13
N GLN E 29 41.62 19.56 -6.46
CA GLN E 29 40.59 20.39 -7.07
C GLN E 29 39.20 19.85 -6.76
N LEU E 30 39.09 18.53 -6.64
CA LEU E 30 37.81 17.93 -6.26
C LEU E 30 37.41 18.41 -4.86
N ILE E 31 38.34 18.28 -3.93
CA ILE E 31 38.13 18.75 -2.57
C ILE E 31 37.75 20.24 -2.55
N ASN E 32 38.50 21.07 -3.27
CA ASN E 32 38.20 22.50 -3.29
C ASN E 32 36.81 22.81 -3.85
N PHE E 33 36.42 22.09 -4.90
CA PHE E 33 35.14 22.30 -5.56
C PHE E 33 33.98 21.91 -4.67
N HIS E 34 34.06 20.75 -4.04
CA HIS E 34 32.96 20.31 -3.19
C HIS E 34 32.86 21.09 -1.89
N ASP E 35 34.01 21.52 -1.37
CA ASP E 35 34.05 22.60 -0.39
C ASP E 35 33.21 22.32 0.85
N TRP E 36 33.31 21.10 1.36
CA TRP E 36 32.61 20.71 2.58
C TRP E 36 33.09 21.48 3.81
N SER E 37 32.34 21.41 4.92
CA SER E 37 32.82 21.92 6.20
C SER E 37 34.06 21.18 6.65
N LEU E 38 34.06 19.86 6.46
CA LEU E 38 35.19 19.05 6.84
C LEU E 38 35.23 17.76 6.04
N CYS E 39 36.42 17.19 5.89
CA CYS E 39 36.60 15.94 5.14
C CYS E 39 37.62 15.05 5.83
N CYS E 40 37.24 13.82 6.16
CA CYS E 40 38.23 12.84 6.63
C CYS E 40 38.95 12.26 5.43
N ILE E 41 40.28 12.15 5.55
CA ILE E 41 41.11 11.66 4.47
C ILE E 41 41.89 10.45 4.94
N GLN E 42 41.93 9.40 4.12
CA GLN E 42 42.79 8.27 4.41
C GLN E 42 43.88 8.10 3.36
N GLU E 43 44.97 7.45 3.76
CA GLU E 43 46.06 7.05 2.87
C GLU E 43 46.90 8.21 2.36
N VAL E 44 47.44 8.99 3.30
CA VAL E 44 48.33 10.08 2.91
C VAL E 44 49.70 9.98 3.56
N ARG E 45 50.70 9.77 2.73
CA ARG E 45 52.09 9.87 3.18
C ARG E 45 52.44 11.35 3.37
N PRO E 46 53.60 11.64 3.97
CA PRO E 46 53.87 13.06 4.30
C PRO E 46 53.85 14.01 3.09
N ASN E 47 54.30 13.55 1.92
CA ASN E 47 54.24 14.40 0.75
C ASN E 47 52.80 14.72 0.32
N GLN E 48 51.90 13.77 0.51
CA GLN E 48 50.49 13.96 0.19
C GLN E 48 49.85 14.95 1.16
N VAL E 49 50.22 14.85 2.43
CA VAL E 49 49.76 15.81 3.42
C VAL E 49 50.23 17.21 3.04
N ARG E 50 51.50 17.34 2.66
CA ARG E 50 52.07 18.61 2.19
CA ARG E 50 52.04 18.63 2.21
C ARG E 50 51.24 19.17 1.04
N ASP E 51 50.92 18.30 0.08
CA ASP E 51 50.14 18.72 -1.08
C ASP E 51 48.71 19.12 -0.73
N LEU E 52 48.07 18.41 0.18
CA LEU E 52 46.72 18.82 0.62
C LEU E 52 46.75 20.21 1.24
N LYS E 53 47.76 20.49 2.08
CA LYS E 53 47.91 21.82 2.65
C LYS E 53 48.17 22.89 1.59
N ALA E 54 48.99 22.56 0.57
CA ALA E 54 49.42 23.56 -0.41
C ALA E 54 48.36 23.84 -1.47
N TYR E 55 47.64 22.79 -1.86
CA TYR E 55 46.74 22.87 -3.01
C TYR E 55 45.24 22.80 -2.69
N THR E 56 44.88 22.60 -1.42
CA THR E 56 43.48 22.79 -1.04
C THR E 56 43.33 24.03 -0.19
N THR E 57 42.09 24.45 0.00
CA THR E 57 41.78 25.65 0.77
C THR E 57 41.63 25.36 2.26
N PHE E 58 41.81 24.10 2.64
CA PHE E 58 41.45 23.64 4.00
C PHE E 58 42.59 23.67 5.02
N THR E 59 42.21 23.83 6.29
CA THR E 59 43.14 23.59 7.40
C THR E 59 43.26 22.09 7.52
N CYS E 60 44.46 21.62 7.85
CA CYS E 60 44.75 20.19 7.84
C CYS E 60 45.31 19.69 9.16
N LEU E 61 44.54 18.84 9.82
CA LEU E 61 44.99 18.11 10.99
C LEU E 61 45.47 16.76 10.48
N SER E 62 46.64 16.31 10.93
CA SER E 62 47.11 15.02 10.45
C SER E 62 47.92 14.27 11.50
N ALA E 63 48.08 12.97 11.28
CA ALA E 63 48.89 12.10 12.13
C ALA E 63 49.23 10.88 11.30
N GLU E 64 50.31 10.20 11.65
CA GLU E 64 50.70 9.04 10.85
C GLU E 64 51.06 7.85 11.73
N ARG E 65 51.15 6.68 11.11
CA ARG E 65 51.07 5.45 11.87
C ARG E 65 52.40 4.95 12.40
N GLU E 66 53.51 5.54 11.93
CA GLU E 66 54.82 5.14 12.43
C GLU E 66 55.25 5.94 13.65
N GLY E 67 54.65 7.11 13.84
CA GLY E 67 54.89 7.91 15.03
C GLY E 67 56.01 8.93 14.89
N ASP E 68 56.91 8.69 13.93
CA ASP E 68 58.04 9.59 13.68
C ASP E 68 57.69 10.69 12.68
N GLY E 69 56.47 10.62 12.13
CA GLY E 69 56.03 11.61 11.15
C GLY E 69 56.35 11.24 9.72
N GLN E 70 56.91 10.04 9.52
CA GLN E 70 57.33 9.62 8.18
C GLN E 70 56.42 8.59 7.49
N GLY E 71 55.47 8.02 8.23
CA GLY E 71 54.67 6.95 7.69
C GLY E 71 53.39 7.39 6.98
N GLU E 72 52.62 6.42 6.53
CA GLU E 72 51.30 6.67 5.93
C GLU E 72 50.37 7.14 7.03
N GLY E 73 49.52 8.11 6.71
CA GLY E 73 48.74 8.74 7.76
C GLY E 73 47.29 9.04 7.37
N LEU E 74 46.63 9.73 8.28
CA LEU E 74 45.25 10.17 8.11
C LEU E 74 45.24 11.69 8.24
N ALA E 75 44.24 12.34 7.67
CA ALA E 75 44.03 13.75 7.92
C ALA E 75 42.57 14.06 8.12
N ILE E 76 42.32 15.16 8.81
CA ILE E 76 40.99 15.76 8.80
C ILE E 76 41.16 17.18 8.27
N LEU E 77 40.54 17.45 7.13
CA LEU E 77 40.58 18.78 6.55
C LEU E 77 39.35 19.50 7.04
N TYR E 78 39.49 20.76 7.41
CA TYR E 78 38.30 21.52 7.81
C TYR E 78 38.44 23.00 7.48
N ASN E 79 37.29 23.64 7.33
CA ASN E 79 37.22 25.07 7.04
C ASN E 79 36.93 25.82 8.33
N GLU E 80 37.91 26.58 8.82
CA GLU E 80 37.76 27.29 10.09
C GLU E 80 36.64 28.33 10.13
N GLN E 81 36.20 28.79 8.97
CA GLN E 81 35.05 29.70 8.94
C GLN E 81 33.75 28.95 9.21
N LYS E 82 33.80 27.61 9.10
CA LYS E 82 32.60 26.80 9.25
C LYS E 82 32.61 25.97 10.54
N VAL E 83 33.77 25.41 10.88
CA VAL E 83 33.90 24.67 12.13
C VAL E 83 35.25 24.97 12.75
N GLN E 84 35.31 24.95 14.08
CA GLN E 84 36.57 25.17 14.78
C GLN E 84 36.96 23.92 15.53
N ALA E 85 38.24 23.56 15.47
CA ALA E 85 38.73 22.43 16.26
C ALA E 85 39.06 22.91 17.66
N ILE E 86 38.47 22.27 18.67
CA ILE E 86 38.79 22.63 20.05
C ILE E 86 39.64 21.59 20.78
N ASP E 87 39.77 20.40 20.19
CA ASP E 87 40.64 19.36 20.72
C ASP E 87 40.90 18.35 19.61
N THR E 88 42.04 17.69 19.68
CA THR E 88 42.37 16.67 18.69
CA THR E 88 42.39 16.67 18.68
C THR E 88 43.29 15.62 19.31
N GLY E 89 43.34 14.45 18.70
CA GLY E 89 44.23 13.42 19.20
C GLY E 89 44.29 12.28 18.23
N TYR E 90 45.19 11.34 18.52
CA TYR E 90 45.24 10.10 17.78
C TYR E 90 45.82 9.00 18.63
N PHE E 91 45.58 7.75 18.22
CA PHE E 91 46.07 6.62 18.98
C PHE E 91 46.15 5.41 18.07
N TRP E 92 46.89 4.41 18.51
CA TRP E 92 47.06 3.17 17.74
C TRP E 92 45.97 2.16 18.07
N LEU E 93 45.55 1.43 17.06
CA LEU E 93 44.47 0.45 17.21
C LEU E 93 45.06 -0.87 17.69
N SER E 94 45.61 -0.85 18.90
CA SER E 94 46.40 -1.96 19.42
C SER E 94 46.11 -2.13 20.90
N GLU E 95 46.85 -3.04 21.54
CA GLU E 95 46.67 -3.26 22.97
C GLU E 95 47.40 -2.20 23.80
N THR E 96 48.15 -1.34 23.10
CA THR E 96 48.84 -0.22 23.72
C THR E 96 48.65 1.04 22.87
N PRO E 97 47.43 1.61 22.92
CA PRO E 97 47.02 2.70 22.03
C PRO E 97 47.88 3.95 22.08
N GLN E 98 48.62 4.16 23.17
CA GLN E 98 49.37 5.42 23.27
C GLN E 98 50.75 5.39 22.62
N GLN E 99 51.17 4.24 22.13
CA GLN E 99 52.48 4.14 21.50
C GLN E 99 52.40 3.39 20.18
N PRO E 100 53.30 3.70 19.24
CA PRO E 100 53.38 2.97 17.97
C PRO E 100 53.44 1.48 18.25
N SER E 101 52.49 0.74 17.69
CA SER E 101 52.34 -0.67 18.00
C SER E 101 51.39 -1.33 17.02
N ILE E 102 51.34 -2.65 17.05
CA ILE E 102 50.49 -3.41 16.13
C ILE E 102 49.55 -4.33 16.90
N HIS E 103 48.27 -4.36 16.52
CA HIS E 103 47.38 -5.31 17.18
C HIS E 103 47.81 -6.73 16.84
N PRO E 104 47.65 -7.65 17.80
CA PRO E 104 48.00 -9.05 17.54
C PRO E 104 47.42 -9.61 16.23
N GLU E 105 46.22 -9.16 15.85
CA GLU E 105 45.56 -9.68 14.65
C GLU E 105 45.93 -8.90 13.39
N ALA E 106 46.62 -7.78 13.54
CA ALA E 106 46.81 -6.87 12.41
C ALA E 106 48.17 -7.04 11.74
N GLY E 107 48.27 -6.59 10.49
CA GLY E 107 49.50 -6.73 9.74
C GLY E 107 50.37 -5.49 9.70
N CYS E 108 49.96 -4.43 10.39
CA CYS E 108 50.71 -3.18 10.41
C CYS E 108 50.15 -2.23 11.45
N PRO E 109 50.93 -1.22 11.86
CA PRO E 109 50.34 -0.24 12.77
C PRO E 109 49.19 0.46 12.05
N ARG E 110 48.13 0.76 12.81
CA ARG E 110 46.99 1.50 12.29
C ARG E 110 46.68 2.54 13.36
N ILE E 111 46.25 3.73 12.94
CA ILE E 111 45.85 4.73 13.91
C ILE E 111 44.41 5.14 13.68
N ALA E 112 43.82 5.77 14.69
CA ALA E 112 42.61 6.56 14.47
C ALA E 112 42.98 8.00 14.80
N LEU E 113 42.43 8.93 14.02
CA LEU E 113 42.66 10.35 14.23
C LEU E 113 41.32 10.97 14.55
N TRP E 114 41.23 11.75 15.62
CA TRP E 114 39.95 12.34 15.97
C TRP E 114 40.04 13.84 16.25
N GLY E 115 38.91 14.51 16.17
CA GLY E 115 38.85 15.92 16.52
C GLY E 115 37.53 16.27 17.16
N LEU E 116 37.57 17.15 18.14
CA LEU E 116 36.37 17.71 18.74
C LEU E 116 36.21 19.07 18.11
N PHE E 117 35.05 19.29 17.49
CA PHE E 117 34.81 20.48 16.69
C PHE E 117 33.57 21.21 17.19
N LYS E 118 33.42 22.46 16.76
CA LYS E 118 32.19 23.18 17.00
C LYS E 118 31.84 23.94 15.74
N GLU E 119 30.59 23.86 15.30
CA GLU E 119 30.15 24.68 14.17
C GLU E 119 30.13 26.14 14.60
N THR E 120 30.45 27.03 13.67
CA THR E 120 30.49 28.46 13.98
C THR E 120 29.24 28.96 14.68
N THR E 121 28.07 28.53 14.20
CA THR E 121 26.80 29.03 14.74
C THR E 121 26.33 28.28 15.99
N GLN E 122 26.72 27.02 16.12
CA GLN E 122 26.27 26.19 17.22
C GLN E 122 27.13 26.40 18.47
N ASN E 123 26.63 25.97 19.63
CA ASN E 123 27.38 26.14 20.87
C ASN E 123 27.93 24.83 21.44
N THR E 124 27.33 23.71 21.05
CA THR E 124 27.75 22.40 21.54
C THR E 124 28.73 21.73 20.57
N PRO E 125 29.76 21.09 21.11
CA PRO E 125 30.79 20.42 20.30
C PRO E 125 30.29 19.11 19.72
N PHE E 126 30.97 18.64 18.68
CA PHE E 126 30.73 17.28 18.17
C PHE E 126 32.05 16.59 17.91
N LEU E 127 32.01 15.27 17.89
CA LEU E 127 33.21 14.46 17.72
C LEU E 127 33.30 13.91 16.30
N VAL E 128 34.49 13.99 15.70
CA VAL E 128 34.76 13.35 14.41
C VAL E 128 35.86 12.32 14.57
N ILE E 129 35.61 11.09 14.11
CA ILE E 129 36.59 10.02 14.19
C ILE E 129 36.89 9.53 12.78
N ASN E 130 38.15 9.63 12.37
CA ASN E 130 38.59 9.21 11.04
C ASN E 130 39.04 7.75 11.13
N VAL E 131 38.31 6.88 10.41
CA VAL E 131 38.49 5.44 10.45
C VAL E 131 39.30 4.94 9.25
N HIS E 132 40.32 4.12 9.49
CA HIS E 132 40.88 3.29 8.42
C HIS E 132 41.31 1.95 8.99
N LEU E 133 40.43 0.97 8.85
CA LEU E 133 40.65 -0.33 9.50
C LEU E 133 41.53 -1.20 8.62
N ASP E 134 42.11 -2.24 9.22
CA ASP E 134 43.05 -3.12 8.54
C ASP E 134 42.37 -3.90 7.43
N HIS E 135 43.08 -4.12 6.33
CA HIS E 135 42.51 -4.89 5.21
C HIS E 135 42.71 -6.39 5.40
N ILE E 136 43.56 -6.77 6.34
CA ILE E 136 44.02 -8.15 6.46
C ILE E 136 42.92 -9.18 6.73
N SER E 137 42.00 -8.88 7.63
CA SER E 137 40.96 -9.82 8.01
C SER E 137 39.79 -9.15 8.71
N ALA E 138 38.63 -9.81 8.70
CA ALA E 138 37.46 -9.33 9.43
C ALA E 138 37.75 -9.26 10.93
N HIS E 139 38.50 -10.24 11.44
CA HIS E 139 38.87 -10.22 12.84
C HIS E 139 39.71 -8.99 13.20
N ALA E 140 40.67 -8.65 12.34
CA ALA E 140 41.48 -7.47 12.57
C ALA E 140 40.64 -6.20 12.55
N ARG E 141 39.64 -6.16 11.68
CA ARG E 141 38.77 -5.01 11.62
C ARG E 141 37.93 -4.88 12.89
N LEU E 142 37.33 -5.99 13.32
CA LEU E 142 36.55 -5.98 14.54
C LEU E 142 37.41 -5.52 15.70
N ALA E 143 38.64 -6.04 15.77
CA ALA E 143 39.54 -5.73 16.87
C ALA E 143 39.94 -4.26 16.87
N GLY E 144 40.22 -3.72 15.69
CA GLY E 144 40.63 -2.33 15.57
C GLY E 144 39.51 -1.39 15.98
N MSE E 145 38.29 -1.69 15.52
CA MSE E 145 37.14 -0.87 15.88
C MSE E 145 36.85 -0.97 17.37
O MSE E 145 36.41 0.00 17.98
CB MSE E 145 35.89 -1.25 15.07
CG MSE E 145 34.64 -0.46 15.45
SE MSE E 145 34.82 1.49 15.19
CE MSE E 145 35.00 1.52 13.25
N THR E 146 37.11 -2.14 17.95
CA THR E 146 36.89 -2.31 19.38
C THR E 146 37.75 -1.31 20.15
N VAL E 147 38.99 -1.16 19.72
CA VAL E 147 39.89 -0.20 20.37
C VAL E 147 39.37 1.23 20.21
N ILE E 148 38.90 1.58 19.02
CA ILE E 148 38.33 2.90 18.83
C ILE E 148 37.19 3.15 19.81
N LEU E 149 36.23 2.22 19.87
CA LEU E 149 35.04 2.40 20.68
C LEU E 149 35.35 2.44 22.17
N GLU E 150 36.40 1.72 22.57
CA GLU E 150 36.82 1.72 23.96
C GLU E 150 37.62 2.98 24.29
N GLU E 151 38.60 3.29 23.45
CA GLU E 151 39.50 4.40 23.72
C GLU E 151 38.74 5.73 23.76
N LEU E 152 37.73 5.87 22.89
CA LEU E 152 36.93 7.07 22.84
C LEU E 152 35.53 6.92 23.45
N HIS E 153 35.35 5.88 24.27
CA HIS E 153 34.03 5.58 24.82
C HIS E 153 33.39 6.80 25.49
N ASP E 154 34.15 7.49 26.34
CA ASP E 154 33.62 8.66 27.06
C ASP E 154 33.20 9.81 26.13
N LYS E 155 34.03 10.11 25.13
CA LYS E 155 33.71 11.18 24.19
C LYS E 155 32.49 10.84 23.33
N ILE E 156 32.45 9.60 22.85
CA ILE E 156 31.32 9.16 22.04
C ILE E 156 30.01 9.24 22.81
N ALA E 157 30.05 8.88 24.09
CA ALA E 157 28.84 8.92 24.91
C ALA E 157 28.38 10.35 25.15
N GLN E 158 29.32 11.27 25.18
CA GLN E 158 29.05 12.65 25.56
C GLN E 158 28.59 13.52 24.39
N TYR E 159 29.14 13.26 23.21
CA TYR E 159 28.91 14.14 22.06
C TYR E 159 28.25 13.47 20.85
N PRO E 160 27.52 14.26 20.07
CA PRO E 160 27.10 13.77 18.75
C PRO E 160 28.38 13.40 18.01
N THR E 161 28.40 12.27 17.31
CA THR E 161 29.66 11.77 16.77
C THR E 161 29.50 11.35 15.31
N LEU E 162 30.49 11.70 14.50
CA LEU E 162 30.59 11.28 13.11
C LEU E 162 31.76 10.31 13.03
N LEU E 163 31.45 9.05 12.76
CA LEU E 163 32.43 7.99 12.62
C LEU E 163 32.56 7.71 11.13
N MSE E 164 33.66 8.16 10.52
CA MSE E 164 33.75 8.25 9.07
C MSE E 164 35.03 7.66 8.55
O MSE E 164 36.10 7.94 9.09
CB MSE E 164 33.74 9.73 8.64
CG MSE E 164 32.79 10.61 9.40
SE MSE E 164 32.98 12.49 8.89
CE MSE E 164 32.27 12.28 7.11
N GLY E 165 34.94 6.86 7.50
CA GLY E 165 36.16 6.46 6.82
C GLY E 165 36.08 5.13 6.12
N ASP E 166 37.24 4.52 5.94
CA ASP E 166 37.39 3.31 5.16
C ASP E 166 37.42 2.14 6.12
N PHE E 167 36.31 1.41 6.17
CA PHE E 167 36.19 0.29 7.10
C PHE E 167 36.80 -0.97 6.52
N ASN E 168 37.13 -0.95 5.22
CA ASN E 168 37.66 -2.15 4.56
C ASN E 168 36.74 -3.35 4.75
N ALA E 169 35.44 -3.08 4.92
CA ALA E 169 34.48 -4.13 5.23
C ALA E 169 33.14 -3.88 4.53
N GLU E 170 32.65 -4.90 3.80
CA GLU E 170 31.29 -4.84 3.28
C GLU E 170 30.29 -4.92 4.44
N SER E 171 29.03 -4.61 4.16
CA SER E 171 28.05 -4.31 5.21
C SER E 171 27.73 -5.45 6.17
N GLY E 172 27.97 -6.69 5.72
CA GLY E 172 27.64 -7.86 6.51
C GLY E 172 28.65 -8.26 7.57
N GLU E 173 29.83 -7.62 7.60
CA GLU E 173 30.87 -8.02 8.56
C GLU E 173 30.50 -7.71 10.01
N GLU E 174 31.07 -8.45 10.94
CA GLU E 174 30.82 -8.24 12.35
C GLU E 174 31.12 -6.84 12.85
N VAL E 175 32.14 -6.19 12.28
CA VAL E 175 32.47 -4.83 12.69
C VAL E 175 31.29 -3.88 12.54
N HIS E 176 30.49 -4.06 11.49
CA HIS E 176 29.32 -3.20 11.30
C HIS E 176 28.25 -3.48 12.34
N GLN E 177 28.12 -4.74 12.74
CA GLN E 177 27.17 -5.07 13.79
C GLN E 177 27.56 -4.38 15.09
N LEU E 178 28.87 -4.33 15.36
CA LEU E 178 29.37 -3.69 16.58
C LEU E 178 29.07 -2.20 16.51
N VAL E 179 29.42 -1.59 15.39
CA VAL E 179 29.24 -0.15 15.21
C VAL E 179 27.76 0.23 15.30
N GLN E 180 26.89 -0.61 14.76
CA GLN E 180 25.46 -0.32 14.73
C GLN E 180 24.75 -0.40 16.09
N LYS E 181 25.45 -0.88 17.11
CA LYS E 181 24.93 -0.80 18.47
C LYS E 181 24.76 0.64 18.91
N LYS E 182 25.59 1.54 18.38
CA LYS E 182 25.57 2.95 18.77
C LYS E 182 25.38 3.94 17.63
N PHE E 183 25.67 3.51 16.40
CA PHE E 183 25.62 4.42 15.25
C PHE E 183 24.64 3.96 14.18
N GLN E 184 24.22 4.88 13.34
CA GLN E 184 23.41 4.55 12.18
C GLN E 184 24.18 4.86 10.89
N ASP E 185 24.07 3.99 9.89
CA ASP E 185 24.66 4.24 8.60
C ASP E 185 23.88 5.33 7.86
N SER E 186 24.50 6.49 7.67
CA SER E 186 23.80 7.65 7.09
C SER E 186 23.14 7.42 5.72
N LYS E 187 23.72 6.53 4.91
CA LYS E 187 23.22 6.39 3.54
C LYS E 187 21.88 5.70 3.46
N ASN E 188 21.44 5.11 4.56
CA ASN E 188 20.12 4.47 4.64
C ASN E 188 19.06 5.35 5.29
N LEU E 189 19.46 6.55 5.71
CA LEU E 189 18.58 7.42 6.49
C LEU E 189 17.86 8.47 5.66
N ALA E 190 18.31 8.71 4.44
CA ALA E 190 17.68 9.71 3.60
C ALA E 190 17.90 9.34 2.15
N THR E 191 17.79 10.32 1.26
CA THR E 191 18.03 10.08 -0.15
CA THR E 191 18.03 10.11 -0.16
C THR E 191 19.53 9.98 -0.40
N HIS E 192 19.92 8.98 -1.19
CA HIS E 192 21.32 8.79 -1.56
C HIS E 192 21.53 9.01 -3.06
N TYR E 193 22.49 9.86 -3.41
CA TYR E 193 22.79 10.19 -4.80
C TYR E 193 24.07 9.47 -5.21
N GLY E 194 24.06 8.86 -6.39
CA GLY E 194 25.22 8.12 -6.85
C GLY E 194 25.19 6.67 -6.43
N PRO E 195 26.28 5.94 -6.67
CA PRO E 195 26.32 4.52 -6.33
C PRO E 195 26.37 4.31 -4.82
N ARG E 196 25.83 3.20 -4.34
CA ARG E 196 25.91 2.89 -2.91
C ARG E 196 27.34 2.43 -2.56
N GLY E 197 28.03 1.83 -3.53
CA GLY E 197 29.41 1.44 -3.33
C GLY E 197 30.38 2.56 -3.64
N THR E 198 31.61 2.44 -3.13
CA THR E 198 32.59 3.52 -3.21
C THR E 198 33.94 3.13 -3.80
N PHE E 199 34.23 1.84 -3.89
CA PHE E 199 35.56 1.44 -4.37
C PHE E 199 35.54 0.87 -5.78
N GLN E 200 36.27 1.52 -6.70
CA GLN E 200 36.25 1.12 -8.10
C GLN E 200 37.61 0.63 -8.63
N ASN E 201 38.64 0.65 -7.79
CA ASN E 201 39.93 0.10 -8.17
C ASN E 201 40.54 0.81 -9.38
N PHE E 202 40.26 2.11 -9.51
CA PHE E 202 40.69 2.92 -10.67
C PHE E 202 40.10 2.48 -12.02
N THR E 203 39.04 1.68 -11.99
CA THR E 203 38.43 1.24 -13.25
C THR E 203 37.25 2.13 -13.60
N TYR E 204 37.48 3.02 -14.57
CA TYR E 204 36.52 4.04 -14.96
C TYR E 204 35.19 3.41 -15.40
N THR E 205 35.25 2.24 -16.02
CA THR E 205 34.03 1.61 -16.53
C THR E 205 33.46 0.52 -15.60
N LYS E 206 33.91 0.50 -14.36
CA LYS E 206 33.44 -0.49 -13.39
C LYS E 206 31.91 -0.38 -13.21
N PRO E 207 31.18 -1.48 -13.48
CA PRO E 207 29.73 -1.48 -13.21
C PRO E 207 29.42 -1.18 -11.76
N TRP E 208 28.38 -0.39 -11.51
CA TRP E 208 28.07 0.00 -10.15
C TRP E 208 27.79 -1.19 -9.22
N ALA E 209 27.18 -2.24 -9.75
CA ALA E 209 26.90 -3.42 -8.95
C ALA E 209 28.17 -4.11 -8.47
N GLU E 210 29.29 -3.80 -9.12
CA GLU E 210 30.59 -4.40 -8.78
C GLU E 210 31.47 -3.52 -7.90
N LEU E 211 30.99 -2.34 -7.53
CA LEU E 211 31.74 -1.50 -6.62
C LEU E 211 31.76 -2.17 -5.25
N GLU E 212 32.86 -2.01 -4.51
CA GLU E 212 32.87 -2.47 -3.14
C GLU E 212 32.34 -1.37 -2.21
N GLU E 213 31.50 -1.75 -1.25
CA GLU E 213 30.98 -0.82 -0.26
CA GLU E 213 30.99 -0.83 -0.26
C GLU E 213 31.85 -0.90 1.00
N ILE E 214 32.93 -0.14 1.02
CA ILE E 214 33.85 -0.23 2.16
C ILE E 214 34.03 1.07 2.93
N ASP E 215 33.57 2.18 2.36
CA ASP E 215 33.65 3.48 3.02
C ASP E 215 32.28 3.82 3.59
N TYR E 216 32.25 4.43 4.76
CA TYR E 216 31.02 4.70 5.50
C TYR E 216 31.03 6.02 6.25
N ILE E 217 29.84 6.60 6.41
CA ILE E 217 29.65 7.71 7.31
C ILE E 217 28.57 7.29 8.30
N TYR E 218 29.01 6.98 9.52
CA TYR E 218 28.12 6.56 10.59
C TYR E 218 27.86 7.74 11.51
N VAL E 219 26.63 7.86 11.97
CA VAL E 219 26.22 9.00 12.77
C VAL E 219 25.57 8.61 14.08
N LYS E 220 25.82 9.43 15.10
CA LYS E 220 25.14 9.33 16.38
C LYS E 220 24.79 10.75 16.81
N GLY E 221 23.50 11.04 16.94
CA GLY E 221 23.04 12.35 17.36
C GLY E 221 22.90 13.36 16.24
N TRP E 222 22.64 12.88 15.02
CA TRP E 222 22.51 13.76 13.87
C TRP E 222 21.27 13.42 13.06
N GLN E 223 20.63 14.45 12.53
CA GLN E 223 19.65 14.28 11.45
C GLN E 223 20.40 14.26 10.12
N VAL E 224 20.12 13.26 9.31
CA VAL E 224 20.74 13.18 7.98
C VAL E 224 19.77 13.68 6.91
N GLN E 225 20.24 14.62 6.09
CA GLN E 225 19.42 15.22 5.03
C GLN E 225 19.62 14.56 3.69
N GLN E 226 20.81 14.03 3.47
CA GLN E 226 21.18 13.50 2.18
CA GLN E 226 21.18 13.50 2.17
C GLN E 226 22.58 12.89 2.25
N THR E 227 22.86 11.94 1.37
CA THR E 227 24.20 11.39 1.22
C THR E 227 24.49 11.23 -0.27
N ALA E 228 25.77 11.13 -0.61
CA ALA E 228 26.14 10.93 -2.00
C ALA E 228 27.50 10.28 -2.14
N SER E 229 27.66 9.48 -3.19
CA SER E 229 28.97 8.99 -3.60
C SER E 229 29.34 9.81 -4.84
N LEU E 230 30.51 10.42 -4.87
CA LEU E 230 30.83 11.40 -5.92
C LEU E 230 31.68 10.76 -7.03
N THR E 231 31.15 10.75 -8.25
CA THR E 231 31.79 10.05 -9.35
C THR E 231 32.64 10.96 -10.24
N ASP E 232 33.07 12.09 -9.69
CA ASP E 232 33.95 13.02 -10.42
C ASP E 232 35.09 12.27 -11.10
N SER E 233 35.35 12.62 -12.35
CA SER E 233 36.42 11.97 -13.09
C SER E 233 37.36 13.02 -13.65
N ILE E 234 38.50 12.57 -14.13
CA ILE E 234 39.46 13.42 -14.80
C ILE E 234 39.83 12.73 -16.11
N ASP E 235 39.17 13.14 -17.19
CA ASP E 235 39.42 12.61 -18.53
C ASP E 235 39.57 11.09 -18.59
N GLY E 236 38.55 10.36 -18.15
CA GLY E 236 38.52 8.92 -18.31
C GLY E 236 39.23 8.15 -17.22
N ARG E 237 39.61 8.85 -16.16
CA ARG E 237 40.19 8.20 -14.98
C ARG E 237 39.53 8.76 -13.74
N PHE E 238 39.65 8.06 -12.63
CA PHE E 238 39.16 8.59 -11.36
C PHE E 238 40.36 9.10 -10.59
N PRO E 239 40.17 10.19 -9.83
CA PRO E 239 41.30 10.78 -9.13
C PRO E 239 41.84 9.89 -8.01
N SER E 240 40.98 9.04 -7.43
CA SER E 240 41.40 8.01 -6.48
C SER E 240 40.72 6.72 -6.88
N ASP E 241 41.14 5.61 -6.29
CA ASP E 241 40.43 4.34 -6.51
C ASP E 241 39.20 4.18 -5.63
N HIS E 242 38.92 5.18 -4.79
CA HIS E 242 37.64 5.30 -4.10
C HIS E 242 36.91 6.53 -4.61
N PHE E 243 35.59 6.52 -4.55
CA PHE E 243 34.84 7.78 -4.71
C PHE E 243 34.79 8.43 -3.33
N PRO E 244 34.82 9.77 -3.28
CA PRO E 244 34.44 10.42 -2.03
C PRO E 244 33.00 10.07 -1.65
N LEU E 245 32.74 10.01 -0.34
CA LEU E 245 31.39 9.83 0.18
C LEU E 245 31.07 11.05 1.01
N GLU E 246 29.93 11.68 0.75
CA GLU E 246 29.56 12.87 1.51
C GLU E 246 28.18 12.73 2.15
N ALA E 247 27.93 13.54 3.17
CA ALA E 247 26.63 13.58 3.79
C ALA E 247 26.30 15.02 4.14
N GLU E 248 25.00 15.32 4.17
CA GLU E 248 24.53 16.57 4.74
C GLU E 248 23.83 16.23 6.05
N VAL E 249 24.29 16.83 7.15
CA VAL E 249 23.76 16.54 8.47
C VAL E 249 23.36 17.81 9.21
N ALA E 250 22.50 17.64 10.21
CA ALA E 250 22.09 18.75 11.06
C ALA E 250 22.08 18.25 12.49
N GLY E 251 22.62 19.04 13.41
CA GLY E 251 22.66 18.66 14.81
C GLY E 251 21.27 18.54 15.40
N GLU E 252 21.13 17.73 16.44
CA GLU E 252 19.85 17.56 17.13
C GLU E 252 19.73 18.52 18.31
N MSE F 1 25.46 33.16 -5.60
CA MSE F 1 24.33 32.44 -6.18
C MSE F 1 24.86 31.40 -7.15
O MSE F 1 25.73 31.69 -7.97
CB MSE F 1 23.39 33.40 -6.91
CG MSE F 1 22.21 32.71 -7.58
SE MSE F 1 20.89 33.90 -8.37
CE MSE F 1 22.08 34.91 -9.53
N LYS F 2 24.35 30.18 -7.06
CA LYS F 2 24.68 29.14 -8.01
C LYS F 2 23.62 29.05 -9.11
N ILE F 3 24.08 29.02 -10.36
CA ILE F 3 23.21 28.96 -11.51
C ILE F 3 23.73 27.91 -12.47
N ALA F 4 22.87 27.40 -13.34
CA ALA F 4 23.31 26.37 -14.27
C ALA F 4 22.52 26.38 -15.55
N THR F 5 23.07 25.72 -16.56
CA THR F 5 22.34 25.47 -17.79
C THR F 5 22.53 23.99 -18.13
N TYR F 6 21.49 23.36 -18.68
CA TYR F 6 21.56 21.92 -18.90
C TYR F 6 20.65 21.57 -20.07
N ASN F 7 21.24 21.11 -21.16
CA ASN F 7 20.46 20.60 -22.27
C ASN F 7 20.25 19.13 -21.96
N VAL F 8 19.00 18.76 -21.70
CA VAL F 8 18.70 17.45 -21.15
C VAL F 8 18.40 16.39 -22.20
N ARG F 9 18.52 16.78 -23.48
CA ARG F 9 18.28 15.91 -24.64
C ARG F 9 16.81 15.60 -24.87
N VAL F 10 16.29 16.02 -26.02
CA VAL F 10 14.88 15.87 -26.32
C VAL F 10 14.49 14.39 -26.30
N ASP F 11 13.26 14.11 -25.86
CA ASP F 11 12.75 12.75 -25.89
C ASP F 11 12.61 12.34 -27.35
N THR F 12 13.32 11.28 -27.73
CA THR F 12 13.26 10.77 -29.11
C THR F 12 13.51 9.27 -29.15
N GLU F 13 12.75 8.57 -29.98
CA GLU F 13 12.92 7.13 -30.09
C GLU F 13 14.27 6.76 -30.69
N TYR F 14 14.93 7.73 -31.32
CA TYR F 14 16.27 7.50 -31.86
C TYR F 14 17.24 7.04 -30.77
N ASP F 15 16.96 7.41 -29.53
CA ASP F 15 17.82 7.04 -28.40
C ASP F 15 17.58 5.64 -27.87
N GLN F 16 16.53 5.00 -28.37
CA GLN F 16 16.25 3.60 -28.06
C GLN F 16 16.20 3.32 -26.57
N ASP F 17 17.09 2.47 -26.07
CA ASP F 17 17.07 2.11 -24.65
C ASP F 17 17.63 3.23 -23.76
N TRP F 18 17.84 4.41 -24.33
CA TRP F 18 18.31 5.56 -23.55
C TRP F 18 17.50 6.81 -23.91
N GLN F 19 16.25 6.58 -24.31
CA GLN F 19 15.34 7.71 -24.49
C GLN F 19 14.90 8.23 -23.12
N TRP F 20 14.18 9.34 -23.10
CA TRP F 20 13.88 10.06 -21.86
C TRP F 20 13.34 9.18 -20.74
N SER F 21 12.44 8.27 -21.07
CA SER F 21 11.85 7.39 -20.06
CA SER F 21 11.85 7.41 -20.04
C SER F 21 12.91 6.73 -19.19
N PHE F 22 14.01 6.33 -19.81
CA PHE F 22 15.09 5.64 -19.08
C PHE F 22 16.05 6.58 -18.37
N ARG F 23 16.05 7.86 -18.76
CA ARG F 23 17.01 8.83 -18.24
C ARG F 23 16.41 9.78 -17.22
N LYS F 24 15.08 9.86 -17.17
CA LYS F 24 14.42 10.92 -16.41
C LYS F 24 14.81 10.95 -14.94
N GLU F 25 14.87 9.77 -14.30
CA GLU F 25 15.22 9.74 -12.88
C GLU F 25 16.62 10.30 -12.67
N ALA F 26 17.57 9.88 -13.51
CA ALA F 26 18.94 10.34 -13.40
C ALA F 26 19.06 11.84 -13.63
N VAL F 27 18.34 12.36 -14.62
CA VAL F 27 18.40 13.79 -14.90
C VAL F 27 17.82 14.59 -13.74
N CYS F 28 16.64 14.17 -13.27
CA CYS F 28 15.97 14.91 -12.22
C CYS F 28 16.72 14.81 -10.89
N GLN F 29 17.31 13.66 -10.61
CA GLN F 29 18.07 13.51 -9.36
C GLN F 29 19.35 14.35 -9.39
N LEU F 30 19.94 14.50 -10.57
CA LEU F 30 21.10 15.36 -10.70
C LEU F 30 20.73 16.79 -10.36
N ILE F 31 19.64 17.26 -10.98
CA ILE F 31 19.14 18.61 -10.72
C ILE F 31 18.85 18.80 -9.22
N ASN F 32 18.19 17.84 -8.60
CA ASN F 32 17.85 17.95 -7.19
C ASN F 32 19.09 17.99 -6.31
N PHE F 33 20.07 17.18 -6.66
CA PHE F 33 21.32 17.09 -5.89
C PHE F 33 22.12 18.38 -5.95
N HIS F 34 22.29 18.92 -7.15
CA HIS F 34 23.11 20.12 -7.30
C HIS F 34 22.40 21.37 -6.75
N ASP F 35 21.07 21.39 -6.88
CA ASP F 35 20.23 22.26 -6.07
C ASP F 35 20.59 23.75 -6.23
N TRP F 36 20.81 24.16 -7.48
CA TRP F 36 21.14 25.55 -7.77
C TRP F 36 19.97 26.49 -7.45
N SER F 37 20.25 27.80 -7.44
CA SER F 37 19.18 28.78 -7.36
C SER F 37 18.27 28.70 -8.57
N LEU F 38 18.86 28.53 -9.75
CA LEU F 38 18.07 28.42 -10.97
C LEU F 38 18.85 27.64 -12.01
N CYS F 39 18.15 27.03 -12.95
CA CYS F 39 18.76 26.25 -14.03
C CYS F 39 18.00 26.48 -15.33
N CYS F 40 18.71 26.90 -16.38
CA CYS F 40 18.08 26.94 -17.71
C CYS F 40 18.15 25.56 -18.31
N ILE F 41 17.04 25.11 -18.90
CA ILE F 41 16.91 23.78 -19.47
C ILE F 41 16.59 23.90 -20.94
N GLN F 42 17.28 23.13 -21.79
CA GLN F 42 16.92 23.05 -23.19
C GLN F 42 16.45 21.64 -23.56
N GLU F 43 15.61 21.57 -24.60
CA GLU F 43 15.19 20.31 -25.23
C GLU F 43 14.19 19.51 -24.42
N VAL F 44 13.09 20.13 -24.04
CA VAL F 44 12.06 19.43 -23.28
C VAL F 44 10.72 19.49 -24.00
N ARG F 45 10.24 18.33 -24.42
CA ARG F 45 8.87 18.19 -24.91
C ARG F 45 7.93 18.23 -23.72
N PRO F 46 6.62 18.35 -23.96
CA PRO F 46 5.70 18.51 -22.83
C PRO F 46 5.80 17.43 -21.76
N ASN F 47 6.04 16.18 -22.15
CA ASN F 47 6.17 15.13 -21.16
C ASN F 47 7.38 15.33 -20.26
N GLN F 48 8.46 15.84 -20.84
CA GLN F 48 9.68 16.12 -20.08
C GLN F 48 9.47 17.28 -19.11
N VAL F 49 8.72 18.29 -19.54
CA VAL F 49 8.37 19.40 -18.67
C VAL F 49 7.55 18.89 -17.48
N ARG F 50 6.57 18.03 -17.76
CA ARG F 50 5.76 17.43 -16.69
CA ARG F 50 5.76 17.41 -16.71
C ARG F 50 6.65 16.66 -15.71
N ASP F 51 7.62 15.92 -16.23
CA ASP F 51 8.52 15.15 -15.38
C ASP F 51 9.43 16.05 -14.52
N LEU F 52 9.92 17.14 -15.09
CA LEU F 52 10.74 18.07 -14.31
C LEU F 52 9.93 18.65 -13.15
N LYS F 53 8.67 19.00 -13.40
CA LYS F 53 7.81 19.49 -12.34
C LYS F 53 7.52 18.43 -11.28
N ALA F 54 7.35 17.18 -11.72
CA ALA F 54 6.93 16.12 -10.81
C ALA F 54 8.10 15.58 -9.97
N TYR F 55 9.27 15.51 -10.59
CA TYR F 55 10.42 14.81 -9.99
C TYR F 55 11.59 15.70 -9.58
N THR F 56 11.51 17.01 -9.84
CA THR F 56 12.47 17.92 -9.23
C THR F 56 11.77 18.76 -8.17
N THR F 57 12.60 19.42 -7.36
CA THR F 57 12.09 20.28 -6.28
C THR F 57 11.79 21.69 -6.75
N PHE F 58 12.04 21.96 -8.03
CA PHE F 58 12.02 23.34 -8.56
C PHE F 58 10.67 23.82 -9.09
N THR F 59 10.46 25.13 -9.04
CA THR F 59 9.37 25.77 -9.78
C THR F 59 9.80 25.82 -11.23
N CYS F 60 8.87 25.63 -12.15
CA CYS F 60 9.19 25.50 -13.57
C CYS F 60 8.46 26.50 -14.43
N LEU F 61 9.23 27.39 -15.05
CA LEU F 61 8.71 28.28 -16.08
C LEU F 61 9.02 27.60 -17.41
N SER F 62 8.06 27.54 -18.31
CA SER F 62 8.36 26.89 -19.60
C SER F 62 7.60 27.52 -20.76
N ALA F 63 8.07 27.24 -21.97
CA ALA F 63 7.42 27.68 -23.20
C ALA F 63 7.92 26.77 -24.29
N GLU F 64 7.17 26.66 -25.38
CA GLU F 64 7.61 25.76 -26.44
C GLU F 64 7.45 26.41 -27.81
N ARG F 65 8.07 25.78 -28.81
CA ARG F 65 8.38 26.50 -30.03
C ARG F 65 7.29 26.45 -31.07
N GLU F 66 6.29 25.59 -30.88
CA GLU F 66 5.18 25.50 -31.83
C GLU F 66 4.04 26.46 -31.48
N GLY F 67 3.98 26.87 -30.21
CA GLY F 67 2.98 27.85 -29.78
C GLY F 67 1.69 27.24 -29.27
N ASP F 68 1.44 25.98 -29.62
CA ASP F 68 0.23 25.29 -29.19
C ASP F 68 0.45 24.49 -27.90
N GLY F 69 1.64 24.61 -27.33
CA GLY F 69 1.97 23.90 -26.10
C GLY F 69 2.37 22.45 -26.31
N GLN F 70 2.45 22.03 -27.57
CA GLN F 70 2.74 20.63 -27.88
C GLN F 70 4.17 20.35 -28.36
N GLY F 71 4.94 21.40 -28.66
CA GLY F 71 6.25 21.20 -29.25
C GLY F 71 7.40 21.09 -28.26
N GLU F 72 8.62 20.99 -28.81
CA GLU F 72 9.85 21.01 -28.02
C GLU F 72 10.05 22.41 -27.47
N GLY F 73 10.45 22.49 -26.20
CA GLY F 73 10.51 23.77 -25.54
C GLY F 73 11.72 23.99 -24.65
N LEU F 74 11.67 25.08 -23.91
CA LEU F 74 12.71 25.46 -22.97
C LEU F 74 12.07 25.61 -21.61
N ALA F 75 12.87 25.53 -20.56
CA ALA F 75 12.38 25.82 -19.22
C ALA F 75 13.41 26.59 -18.42
N ILE F 76 12.93 27.33 -17.44
CA ILE F 76 13.82 27.85 -16.41
C ILE F 76 13.29 27.30 -15.09
N LEU F 77 14.11 26.50 -14.42
CA LEU F 77 13.75 25.97 -13.11
C LEU F 77 14.32 26.91 -12.08
N TYR F 78 13.57 27.22 -11.05
CA TYR F 78 14.09 28.07 -9.98
C TYR F 78 13.50 27.73 -8.62
N ASN F 79 14.27 28.06 -7.59
CA ASN F 79 13.87 27.82 -6.21
C ASN F 79 13.36 29.12 -5.64
N GLU F 80 12.05 29.19 -5.34
CA GLU F 80 11.43 30.43 -4.90
C GLU F 80 11.93 30.94 -3.55
N GLN F 81 12.58 30.07 -2.78
CA GLN F 81 13.17 30.51 -1.51
C GLN F 81 14.46 31.28 -1.76
N LYS F 82 15.02 31.12 -2.96
CA LYS F 82 16.29 31.74 -3.34
C LYS F 82 16.11 32.90 -4.33
N VAL F 83 15.24 32.74 -5.31
CA VAL F 83 14.97 33.81 -6.27
C VAL F 83 13.49 33.86 -6.57
N GLN F 84 12.97 35.05 -6.83
CA GLN F 84 11.57 35.19 -7.18
C GLN F 84 11.45 35.72 -8.60
N ALA F 85 10.51 35.17 -9.36
CA ALA F 85 10.29 35.66 -10.71
C ALA F 85 9.30 36.81 -10.66
N ILE F 86 9.69 37.95 -11.19
CA ILE F 86 8.77 39.09 -11.21
C ILE F 86 8.23 39.40 -12.59
N ASP F 87 8.81 38.80 -13.62
CA ASP F 87 8.30 38.93 -14.99
C ASP F 87 8.89 37.80 -15.82
N THR F 88 8.18 37.39 -16.86
CA THR F 88 8.68 36.36 -17.77
CA THR F 88 8.64 36.33 -17.76
C THR F 88 8.08 36.54 -19.16
N GLY F 89 8.76 35.98 -20.16
CA GLY F 89 8.25 36.06 -21.50
C GLY F 89 9.02 35.13 -22.41
N TYR F 90 8.54 35.03 -23.64
CA TYR F 90 9.25 34.31 -24.67
C TYR F 90 8.89 34.84 -26.03
N PHE F 91 9.74 34.57 -27.01
CA PHE F 91 9.51 35.04 -28.36
C PHE F 91 10.27 34.17 -29.34
N TRP F 92 9.87 34.24 -30.61
CA TRP F 92 10.50 33.46 -31.66
C TRP F 92 11.72 34.18 -32.22
N LEU F 93 12.75 33.41 -32.56
CA LEU F 93 13.97 33.99 -33.11
C LEU F 93 13.84 34.15 -34.62
N SER F 94 12.94 35.07 -35.01
CA SER F 94 12.53 35.21 -36.41
C SER F 94 12.33 36.69 -36.72
N GLU F 95 11.84 36.98 -37.92
CA GLU F 95 11.55 38.35 -38.33
C GLU F 95 10.19 38.82 -37.77
N THR F 96 9.49 37.91 -37.11
CA THR F 96 8.23 38.24 -36.44
C THR F 96 8.19 37.55 -35.07
N PRO F 97 8.95 38.09 -34.11
CA PRO F 97 9.19 37.44 -32.82
C PRO F 97 7.95 37.11 -32.00
N GLN F 98 6.83 37.78 -32.25
CA GLN F 98 5.65 37.58 -31.40
C GLN F 98 4.74 36.44 -31.85
N GLN F 99 5.05 35.85 -32.99
CA GLN F 99 4.22 34.74 -33.47
C GLN F 99 5.08 33.56 -33.87
N PRO F 100 4.54 32.33 -33.74
CA PRO F 100 5.25 31.13 -34.18
C PRO F 100 5.68 31.32 -35.63
N SER F 101 6.98 31.19 -35.87
CA SER F 101 7.56 31.56 -37.16
C SER F 101 8.97 31.02 -37.26
N ILE F 102 9.53 31.03 -38.47
CA ILE F 102 10.89 30.54 -38.68
C ILE F 102 11.76 31.63 -39.30
N HIS F 103 12.97 31.81 -38.79
CA HIS F 103 13.88 32.77 -39.43
C HIS F 103 14.21 32.29 -40.83
N PRO F 104 14.33 33.22 -41.79
CA PRO F 104 14.70 32.78 -43.14
C PRO F 104 15.89 31.82 -43.20
N GLU F 105 16.86 31.96 -42.30
CA GLU F 105 18.07 31.15 -42.34
C GLU F 105 17.94 29.85 -41.54
N ALA F 106 16.87 29.73 -40.77
CA ALA F 106 16.78 28.64 -39.80
C ALA F 106 16.00 27.46 -40.35
N GLY F 107 16.20 26.29 -39.74
CA GLY F 107 15.53 25.08 -40.17
C GLY F 107 14.25 24.75 -39.43
N CYS F 108 13.93 25.54 -38.41
CA CYS F 108 12.75 25.28 -37.59
C CYS F 108 12.45 26.48 -36.70
N PRO F 109 11.24 26.52 -36.13
CA PRO F 109 10.97 27.56 -35.13
C PRO F 109 11.91 27.40 -33.95
N ARG F 110 12.39 28.52 -33.43
CA ARG F 110 13.21 28.53 -32.23
C ARG F 110 12.68 29.64 -31.36
N ILE F 111 12.72 29.44 -30.05
CA ILE F 111 12.31 30.49 -29.14
C ILE F 111 13.44 30.83 -28.19
N ALA F 112 13.32 31.99 -27.56
CA ALA F 112 14.07 32.30 -26.36
C ALA F 112 13.05 32.47 -25.25
N LEU F 113 13.42 31.99 -24.06
CA LEU F 113 12.58 32.11 -22.88
C LEU F 113 13.37 32.93 -21.88
N TRP F 114 12.74 33.95 -21.30
CA TRP F 114 13.46 34.80 -20.37
C TRP F 114 12.67 35.03 -19.09
N GLY F 115 13.37 35.42 -18.03
CA GLY F 115 12.72 35.78 -16.79
C GLY F 115 13.47 36.90 -16.10
N LEU F 116 12.72 37.81 -15.47
CA LEU F 116 13.30 38.82 -14.62
C LEU F 116 13.11 38.32 -13.20
N PHE F 117 14.21 38.22 -12.46
CA PHE F 117 14.23 37.59 -11.15
C PHE F 117 14.78 38.56 -10.12
N LYS F 118 14.54 38.25 -8.85
CA LYS F 118 15.23 38.94 -7.77
C LYS F 118 15.68 37.92 -6.76
N GLU F 119 16.92 38.05 -6.29
CA GLU F 119 17.37 37.22 -5.19
C GLU F 119 16.63 37.63 -3.93
N THR F 120 16.32 36.66 -3.09
CA THR F 120 15.62 36.94 -1.83
C THR F 120 16.26 38.08 -1.04
N THR F 121 17.59 38.04 -0.93
CA THR F 121 18.32 39.00 -0.11
C THR F 121 18.60 40.33 -0.81
N GLN F 122 18.44 40.35 -2.13
CA GLN F 122 18.77 41.54 -2.92
C GLN F 122 17.53 42.35 -3.27
N ASN F 123 17.73 43.62 -3.64
CA ASN F 123 16.62 44.49 -3.98
C ASN F 123 16.49 44.75 -5.49
N THR F 124 17.60 44.62 -6.20
CA THR F 124 17.63 44.89 -7.63
C THR F 124 17.48 43.60 -8.44
N PRO F 125 16.66 43.66 -9.49
CA PRO F 125 16.34 42.49 -10.32
C PRO F 125 17.48 42.16 -11.26
N PHE F 126 17.47 40.94 -11.79
CA PHE F 126 18.37 40.56 -12.85
C PHE F 126 17.64 39.77 -13.94
N LEU F 127 18.21 39.77 -15.14
CA LEU F 127 17.59 39.12 -16.28
C LEU F 127 18.28 37.78 -16.58
N VAL F 128 17.47 36.75 -16.80
CA VAL F 128 17.98 35.45 -17.27
C VAL F 128 17.41 35.17 -18.65
N ILE F 129 18.28 34.83 -19.60
CA ILE F 129 17.85 34.50 -20.96
C ILE F 129 18.31 33.09 -21.28
N ASN F 130 17.37 32.21 -21.57
CA ASN F 130 17.63 30.82 -21.92
C ASN F 130 17.81 30.70 -23.43
N VAL F 131 19.02 30.33 -23.83
CA VAL F 131 19.46 30.28 -25.22
C VAL F 131 19.41 28.85 -25.78
N HIS F 132 18.80 28.66 -26.95
CA HIS F 132 19.05 27.45 -27.72
C HIS F 132 19.04 27.78 -29.19
N LEU F 133 20.23 27.99 -29.75
CA LEU F 133 20.33 28.48 -31.12
C LEU F 133 20.27 27.33 -32.10
N ASP F 134 19.96 27.65 -33.36
CA ASP F 134 19.77 26.66 -34.41
C ASP F 134 21.06 25.89 -34.70
N HIS F 135 20.94 24.59 -34.97
CA HIS F 135 22.13 23.79 -35.27
C HIS F 135 22.51 23.86 -36.75
N ILE F 136 21.63 24.39 -37.59
CA ILE F 136 21.78 24.28 -39.03
C ILE F 136 23.03 24.96 -39.59
N SER F 137 23.34 26.16 -39.12
CA SER F 137 24.45 26.91 -39.69
C SER F 137 24.91 28.03 -38.77
N ALA F 138 26.14 28.47 -38.95
CA ALA F 138 26.65 29.62 -38.21
C ALA F 138 25.82 30.87 -38.51
N HIS F 139 25.38 31.02 -39.75
CA HIS F 139 24.53 32.17 -40.10
C HIS F 139 23.20 32.16 -39.35
N ALA F 140 22.59 30.99 -39.23
CA ALA F 140 21.35 30.88 -38.50
C ALA F 140 21.55 31.23 -37.02
N ARG F 141 22.70 30.82 -36.48
CA ARG F 141 22.99 31.15 -35.10
C ARG F 141 23.21 32.63 -34.89
N LEU F 142 23.98 33.26 -35.77
CA LEU F 142 24.21 34.69 -35.67
C LEU F 142 22.86 35.42 -35.76
N ALA F 143 22.02 34.98 -36.69
CA ALA F 143 20.72 35.63 -36.91
C ALA F 143 19.80 35.49 -35.71
N GLY F 144 19.77 34.27 -35.14
CA GLY F 144 18.97 34.01 -33.96
C GLY F 144 19.36 34.86 -32.76
N MSE F 145 20.66 34.96 -32.51
CA MSE F 145 21.16 35.77 -31.41
C MSE F 145 20.91 37.25 -31.65
O MSE F 145 20.68 38.01 -30.72
CB MSE F 145 22.65 35.49 -31.15
CG MSE F 145 23.26 36.32 -30.02
SE MSE F 145 22.39 36.04 -28.29
CE MSE F 145 22.84 34.15 -28.04
N THR F 146 20.95 37.66 -32.92
CA THR F 146 20.66 39.06 -33.25
C THR F 146 19.25 39.42 -32.79
N VAL F 147 18.30 38.51 -33.02
CA VAL F 147 16.93 38.74 -32.58
C VAL F 147 16.86 38.82 -31.06
N ILE F 148 17.53 37.90 -30.37
CA ILE F 148 17.55 37.98 -28.91
C ILE F 148 18.04 39.34 -28.44
N LEU F 149 19.20 39.75 -28.95
CA LEU F 149 19.83 40.98 -28.48
C LEU F 149 19.01 42.22 -28.81
N GLU F 150 18.31 42.18 -29.95
CA GLU F 150 17.45 43.30 -30.34
C GLU F 150 16.15 43.30 -29.53
N GLU F 151 15.52 42.14 -29.43
CA GLU F 151 14.22 42.04 -28.80
C GLU F 151 14.30 42.38 -27.31
N LEU F 152 15.39 41.96 -26.66
CA LEU F 152 15.58 42.28 -25.24
C LEU F 152 16.60 43.39 -24.99
N HIS F 153 16.84 44.23 -25.99
CA HIS F 153 17.89 45.24 -25.89
C HIS F 153 17.72 46.13 -24.65
N ASP F 154 16.49 46.60 -24.43
CA ASP F 154 16.21 47.49 -23.30
C ASP F 154 16.44 46.81 -21.94
N LYS F 155 16.00 45.57 -21.81
CA LYS F 155 16.17 44.82 -20.56
C LYS F 155 17.63 44.53 -20.28
N ILE F 156 18.35 44.10 -21.32
CA ILE F 156 19.77 43.81 -21.16
C ILE F 156 20.55 45.05 -20.74
N ALA F 157 20.20 46.20 -21.29
CA ALA F 157 20.89 47.43 -20.96
C ALA F 157 20.62 47.84 -19.51
N GLN F 158 19.43 47.52 -19.04
CA GLN F 158 18.96 47.97 -17.74
C GLN F 158 19.44 47.09 -16.59
N TYR F 159 19.52 45.77 -16.83
CA TYR F 159 19.75 44.83 -15.73
C TYR F 159 21.02 43.99 -15.89
N PRO F 160 21.62 43.57 -14.77
CA PRO F 160 22.62 42.52 -14.86
C PRO F 160 21.96 41.33 -15.52
N THR F 161 22.64 40.66 -16.44
CA THR F 161 22.00 39.66 -17.26
C THR F 161 22.84 38.39 -17.35
N LEU F 162 22.16 37.24 -17.26
CA LEU F 162 22.78 35.93 -17.44
C LEU F 162 22.23 35.38 -18.75
N LEU F 163 23.10 35.23 -19.74
CA LEU F 163 22.72 34.72 -21.04
C LEU F 163 23.28 33.30 -21.09
N MSE F 164 22.38 32.32 -21.01
CA MSE F 164 22.78 30.93 -20.69
C MSE F 164 22.14 29.93 -21.63
O MSE F 164 20.94 29.97 -21.87
CB MSE F 164 22.31 30.56 -19.28
CG MSE F 164 22.50 31.64 -18.24
SE MSE F 164 21.82 31.09 -16.49
CE MSE F 164 23.19 29.78 -16.11
N GLY F 165 22.93 28.99 -22.13
CA GLY F 165 22.32 27.89 -22.85
C GLY F 165 23.20 27.26 -23.91
N ASP F 166 22.52 26.63 -24.87
CA ASP F 166 23.17 25.86 -25.90
C ASP F 166 23.26 26.74 -27.14
N PHE F 167 24.46 27.21 -27.43
CA PHE F 167 24.70 28.10 -28.55
C PHE F 167 24.88 27.30 -29.84
N ASN F 168 25.07 25.99 -29.72
CA ASN F 168 25.36 25.15 -30.88
C ASN F 168 26.57 25.67 -31.67
N ALA F 169 27.48 26.35 -30.98
CA ALA F 169 28.60 27.01 -31.65
C ALA F 169 29.86 26.92 -30.82
N GLU F 170 30.95 26.44 -31.43
CA GLU F 170 32.26 26.51 -30.80
C GLU F 170 32.71 27.97 -30.71
N SER F 171 33.77 28.21 -29.92
CA SER F 171 34.12 29.56 -29.47
C SER F 171 34.48 30.55 -30.57
N GLY F 172 34.91 30.04 -31.72
CA GLY F 172 35.35 30.90 -32.80
C GLY F 172 34.27 31.47 -33.70
N GLU F 173 33.03 31.03 -33.53
CA GLU F 173 31.96 31.49 -34.43
C GLU F 173 31.61 32.97 -34.27
N GLU F 174 31.09 33.56 -35.34
CA GLU F 174 30.68 34.97 -35.32
C GLU F 174 29.71 35.29 -34.20
N VAL F 175 28.82 34.36 -33.87
CA VAL F 175 27.83 34.62 -32.83
C VAL F 175 28.50 34.98 -31.50
N HIS F 176 29.64 34.36 -31.20
CA HIS F 176 30.33 34.64 -29.95
C HIS F 176 30.97 36.02 -29.99
N GLN F 177 31.44 36.43 -31.16
CA GLN F 177 32.01 37.76 -31.29
C GLN F 177 30.93 38.81 -31.02
N LEU F 178 29.71 38.55 -31.49
CA LEU F 178 28.60 39.47 -31.28
C LEU F 178 28.26 39.55 -29.79
N VAL F 179 28.07 38.40 -29.19
CA VAL F 179 27.72 38.32 -27.78
C VAL F 179 28.78 38.99 -26.90
N GLN F 180 30.04 38.88 -27.29
CA GLN F 180 31.14 39.38 -26.48
C GLN F 180 31.30 40.91 -26.51
N LYS F 181 30.54 41.56 -27.38
CA LYS F 181 30.47 43.02 -27.35
C LYS F 181 29.87 43.50 -26.03
N LYS F 182 28.99 42.69 -25.44
CA LYS F 182 28.30 43.09 -24.21
C LYS F 182 28.48 42.12 -23.04
N PHE F 183 28.85 40.88 -23.32
CA PHE F 183 28.96 39.85 -22.28
C PHE F 183 30.35 39.28 -22.19
N GLN F 184 30.63 38.63 -21.06
CA GLN F 184 31.87 37.88 -20.88
C GLN F 184 31.56 36.41 -20.65
N ASP F 185 32.37 35.52 -21.23
CA ASP F 185 32.22 34.10 -20.99
C ASP F 185 32.71 33.78 -19.57
N SER F 186 31.78 33.35 -18.71
CA SER F 186 32.09 33.13 -17.30
C SER F 186 33.22 32.14 -17.05
N LYS F 187 33.41 31.16 -17.93
CA LYS F 187 34.39 30.11 -17.65
C LYS F 187 35.83 30.56 -17.77
N ASN F 188 36.06 31.76 -18.32
CA ASN F 188 37.41 32.32 -18.42
C ASN F 188 37.72 33.34 -17.33
N LEU F 189 36.74 33.58 -16.47
CA LEU F 189 36.83 34.66 -15.48
C LEU F 189 37.32 34.22 -14.11
N ALA F 190 37.23 32.92 -13.83
CA ALA F 190 37.67 32.41 -12.55
C ALA F 190 38.17 30.99 -12.75
N THR F 191 38.23 30.22 -11.67
CA THR F 191 38.64 28.83 -11.75
CA THR F 191 38.63 28.82 -11.73
C THR F 191 37.52 27.99 -12.35
N HIS F 192 37.88 27.10 -13.28
CA HIS F 192 36.91 26.19 -13.89
C HIS F 192 37.18 24.74 -13.52
N TYR F 193 36.15 24.05 -13.04
CA TYR F 193 36.29 22.66 -12.62
C TYR F 193 35.67 21.76 -13.67
N GLY F 194 36.35 20.68 -14.01
CA GLY F 194 35.86 19.77 -15.03
C GLY F 194 36.30 20.17 -16.43
N PRO F 195 35.77 19.50 -17.44
CA PRO F 195 36.19 19.78 -18.81
C PRO F 195 35.66 21.13 -19.28
N ARG F 196 36.37 21.79 -20.18
CA ARG F 196 35.90 23.05 -20.71
CA ARG F 196 35.92 23.06 -20.73
C ARG F 196 34.78 22.82 -21.72
N GLY F 197 34.79 21.66 -22.35
CA GLY F 197 33.73 21.26 -23.27
C GLY F 197 32.55 20.61 -22.56
N THR F 198 31.42 20.56 -23.25
CA THR F 198 30.18 20.17 -22.61
C THR F 198 29.37 19.11 -23.34
N PHE F 199 29.72 18.80 -24.59
CA PHE F 199 28.91 17.85 -25.34
C PHE F 199 29.68 16.56 -25.61
N GLN F 200 29.16 15.43 -25.12
CA GLN F 200 29.83 14.14 -25.27
C GLN F 200 29.08 13.11 -26.12
N ASN F 201 27.90 13.47 -26.62
CA ASN F 201 27.15 12.59 -27.52
C ASN F 201 26.80 11.24 -26.88
N PHE F 202 26.57 11.24 -25.57
CA PHE F 202 26.30 10.01 -24.79
C PHE F 202 27.45 9.02 -24.76
N THR F 203 28.66 9.46 -25.10
CA THR F 203 29.82 8.57 -25.09
C THR F 203 30.58 8.70 -23.78
N TYR F 204 30.38 7.72 -22.90
CA TYR F 204 30.94 7.76 -21.55
C TYR F 204 32.46 7.94 -21.57
N THR F 205 33.12 7.31 -22.55
CA THR F 205 34.59 7.34 -22.61
C THR F 205 35.16 8.40 -23.56
N LYS F 206 34.34 9.38 -23.93
CA LYS F 206 34.78 10.45 -24.82
C LYS F 206 35.95 11.21 -24.20
N PRO F 207 37.10 11.26 -24.90
CA PRO F 207 38.23 12.06 -24.41
C PRO F 207 37.84 13.52 -24.27
N TRP F 208 38.29 14.16 -23.20
CA TRP F 208 37.91 15.55 -22.96
C TRP F 208 38.28 16.50 -24.10
N ALA F 209 39.41 16.25 -24.77
CA ALA F 209 39.81 17.11 -25.87
C ALA F 209 38.85 17.02 -27.05
N GLU F 210 38.03 15.97 -27.07
CA GLU F 210 37.05 15.76 -28.15
C GLU F 210 35.64 16.22 -27.80
N LEU F 211 35.45 16.73 -26.59
CA LEU F 211 34.14 17.30 -26.25
C LEU F 211 33.91 18.56 -27.08
N GLU F 212 32.67 18.79 -27.50
CA GLU F 212 32.33 20.05 -28.14
C GLU F 212 31.98 21.11 -27.10
N GLU F 213 32.46 22.33 -27.30
CA GLU F 213 32.18 23.43 -26.39
CA GLU F 213 32.20 23.42 -26.39
C GLU F 213 31.04 24.23 -26.98
N ILE F 214 29.81 23.82 -26.69
CA ILE F 214 28.67 24.49 -27.32
C ILE F 214 27.70 25.13 -26.33
N ASP F 215 27.84 24.79 -25.06
CA ASP F 215 27.02 25.40 -23.99
C ASP F 215 27.83 26.46 -23.28
N TYR F 216 27.18 27.57 -22.92
CA TYR F 216 27.84 28.74 -22.35
C TYR F 216 27.03 29.43 -21.28
N ILE F 217 27.74 30.04 -20.33
CA ILE F 217 27.13 30.97 -19.40
C ILE F 217 27.82 32.30 -19.57
N TYR F 218 27.14 33.23 -20.24
CA TYR F 218 27.65 34.57 -20.47
C TYR F 218 27.07 35.52 -19.44
N VAL F 219 27.90 36.45 -18.96
CA VAL F 219 27.50 37.34 -17.88
C VAL F 219 27.70 38.80 -18.23
N LYS F 220 26.79 39.64 -17.75
CA LYS F 220 26.95 41.09 -17.80
C LYS F 220 26.54 41.65 -16.45
N GLY F 221 27.47 42.30 -15.77
CA GLY F 221 27.19 42.89 -14.46
C GLY F 221 27.26 41.92 -13.31
N TRP F 222 28.12 40.90 -13.44
CA TRP F 222 28.29 39.90 -12.40
C TRP F 222 29.76 39.66 -12.09
N GLN F 223 30.05 39.42 -10.82
CA GLN F 223 31.34 38.84 -10.43
C GLN F 223 31.22 37.33 -10.50
N VAL F 224 32.14 36.69 -11.20
CA VAL F 224 32.17 35.22 -11.28
C VAL F 224 33.18 34.64 -10.29
N GLN F 225 32.73 33.70 -9.47
CA GLN F 225 33.56 33.09 -8.44
C GLN F 225 34.13 31.75 -8.86
N GLN F 226 33.42 31.07 -9.75
CA GLN F 226 33.77 29.71 -10.12
CA GLN F 226 33.78 29.71 -10.14
C GLN F 226 32.82 29.20 -11.20
N THR F 227 33.30 28.29 -12.04
CA THR F 227 32.44 27.62 -13.00
C THR F 227 32.81 26.14 -13.00
N ALA F 228 31.90 25.32 -13.51
CA ALA F 228 32.16 23.88 -13.59
C ALA F 228 31.33 23.20 -14.66
N SER F 229 31.90 22.16 -15.28
CA SER F 229 31.14 21.24 -16.12
C SER F 229 30.99 19.97 -15.30
N LEU F 230 29.76 19.49 -15.16
CA LEU F 230 29.49 18.41 -14.21
C LEU F 230 29.42 17.05 -14.93
N THR F 231 30.31 16.14 -14.56
CA THR F 231 30.43 14.87 -15.26
C THR F 231 29.68 13.72 -14.60
N ASP F 232 28.67 14.06 -13.80
CA ASP F 232 27.84 13.05 -13.14
C ASP F 232 27.42 11.96 -14.12
N SER F 233 27.49 10.71 -13.67
CA SER F 233 27.13 9.61 -14.53
C SER F 233 26.12 8.72 -13.82
N ILE F 234 25.55 7.80 -14.56
CA ILE F 234 24.65 6.82 -14.02
C ILE F 234 25.11 5.47 -14.57
N ASP F 235 25.86 4.74 -13.76
CA ASP F 235 26.36 3.41 -14.13
C ASP F 235 26.85 3.29 -15.58
N GLY F 236 27.85 4.11 -15.94
CA GLY F 236 28.50 3.96 -17.22
C GLY F 236 27.82 4.67 -18.37
N ARG F 237 26.83 5.49 -18.05
CA ARG F 237 26.19 6.34 -19.04
C ARG F 237 26.06 7.74 -18.47
N PHE F 238 25.86 8.71 -19.35
CA PHE F 238 25.59 10.07 -18.89
C PHE F 238 24.09 10.29 -18.99
N PRO F 239 23.52 11.05 -18.06
CA PRO F 239 22.07 11.28 -18.04
C PRO F 239 21.58 12.06 -19.27
N SER F 240 22.44 12.93 -19.82
CA SER F 240 22.15 13.61 -21.08
C SER F 240 23.40 13.52 -21.95
N ASP F 241 23.27 13.90 -23.23
CA ASP F 241 24.45 13.95 -24.09
C ASP F 241 25.21 15.27 -23.94
N HIS F 242 24.73 16.16 -23.07
CA HIS F 242 25.54 17.29 -22.61
C HIS F 242 25.83 17.11 -21.13
N PHE F 243 26.92 17.72 -20.67
CA PHE F 243 27.10 17.92 -19.23
C PHE F 243 26.38 19.20 -18.83
N PRO F 244 25.82 19.23 -17.62
CA PRO F 244 25.40 20.53 -17.10
C PRO F 244 26.61 21.44 -16.96
N LEU F 245 26.37 22.74 -17.10
CA LEU F 245 27.40 23.74 -16.88
C LEU F 245 26.86 24.63 -15.77
N GLU F 246 27.68 24.87 -14.75
CA GLU F 246 27.24 25.73 -13.66
C GLU F 246 28.22 26.87 -13.39
N ALA F 247 27.72 27.91 -12.73
CA ALA F 247 28.56 29.01 -12.32
C ALA F 247 28.12 29.48 -10.94
N GLU F 248 29.07 30.02 -10.20
CA GLU F 248 28.76 30.75 -8.99
C GLU F 248 29.02 32.22 -9.27
N VAL F 249 28.00 33.05 -9.06
CA VAL F 249 28.08 34.47 -9.39
C VAL F 249 27.64 35.34 -8.21
N ALA F 250 28.09 36.59 -8.20
CA ALA F 250 27.66 37.54 -7.18
C ALA F 250 27.34 38.86 -7.87
N GLY F 251 26.24 39.48 -7.48
CA GLY F 251 25.83 40.75 -8.06
C GLY F 251 26.82 41.87 -7.76
N GLU F 252 26.79 42.92 -8.58
CA GLU F 252 27.65 44.08 -8.38
C GLU F 252 26.89 45.28 -7.78
S SO4 G . -5.65 5.79 -9.97
O1 SO4 G . -4.48 6.06 -9.13
O2 SO4 G . -5.25 5.94 -11.35
O3 SO4 G . -6.12 4.42 -9.73
O4 SO4 G . -6.72 6.75 -9.66
S SO4 H . -18.65 18.69 22.94
O1 SO4 H . -17.20 18.78 23.16
O2 SO4 H . -18.92 18.27 21.57
O3 SO4 H . -19.21 17.72 23.87
O4 SO4 H . -19.26 20.00 23.17
S SO4 I . 4.99 4.35 20.87
O1 SO4 I . 6.34 3.80 21.02
O2 SO4 I . 4.97 5.29 19.74
O3 SO4 I . 4.05 3.25 20.66
O4 SO4 I . 4.62 5.06 22.09
S SO4 J . -32.02 20.24 0.78
O1 SO4 J . -30.85 20.88 1.35
O2 SO4 J . -31.80 19.95 -0.64
O3 SO4 J . -32.30 18.99 1.50
O4 SO4 J . -33.18 21.12 0.90
C1 EDO K . -18.26 29.88 -3.01
O1 EDO K . -19.25 29.26 -3.86
C2 EDO K . -17.21 28.84 -2.66
O2 EDO K . -15.89 29.30 -2.97
C FMT L . 6.58 2.43 4.79
O1 FMT L . 7.70 2.93 4.90
O2 FMT L . 6.04 1.69 5.63
C FMT M . -2.04 -0.38 5.88
O1 FMT M . -3.21 -0.69 6.10
O2 FMT M . -1.46 -0.59 4.82
S SO4 N . -0.47 -4.42 -12.02
O1 SO4 N . 0.12 -3.09 -11.86
O2 SO4 N . -1.51 -4.36 -13.03
O3 SO4 N . 0.57 -5.38 -12.40
O4 SO4 N . -1.09 -4.82 -10.75
S SO4 O . 27.37 -20.56 7.64
O1 SO4 O . 28.32 -19.64 8.22
O2 SO4 O . 26.91 -20.05 6.35
O3 SO4 O . 28.01 -21.86 7.44
O4 SO4 O . 26.21 -20.71 8.54
S SO4 P . 6.73 -6.70 19.71
O1 SO4 P . 7.65 -7.61 20.40
O2 SO4 P . 7.49 -5.55 19.21
O3 SO4 P . 6.06 -7.41 18.62
O4 SO4 P . 5.73 -6.23 20.66
S SO4 Q . 27.31 -19.24 -18.12
O1 SO4 Q . 27.85 -18.01 -17.53
O2 SO4 Q . 28.40 -19.97 -18.77
O3 SO4 Q . 26.72 -20.07 -17.08
O4 SO4 Q . 26.30 -18.91 -19.13
C1 EDO R . 13.16 -28.78 -15.26
O1 EDO R . 13.96 -28.23 -16.32
C2 EDO R . 12.09 -27.76 -14.87
O2 EDO R . 11.13 -28.34 -13.99
C FMT S . 4.85 0.28 3.35
O1 FMT S . 3.99 -0.38 3.93
O2 FMT S . 6.06 0.13 3.54
C FMT T . -2.89 -3.00 7.25
O1 FMT T . -3.89 -3.51 7.77
O2 FMT T . -2.02 -2.38 7.87
S SO4 U . -22.18 -28.75 5.30
O1 SO4 U . -20.97 -29.29 5.90
O2 SO4 U . -21.94 -27.35 4.94
O3 SO4 U . -22.51 -29.53 4.12
O4 SO4 U . -23.26 -28.82 6.28
S SO4 V . -46.31 -22.24 -22.95
O1 SO4 V . -45.62 -20.96 -22.73
O2 SO4 V . -46.18 -22.62 -24.35
O3 SO4 V . -45.72 -23.26 -22.10
O4 SO4 V . -47.72 -22.08 -22.61
S SO4 W . -38.81 -2.57 -4.78
O1 SO4 W . -37.57 -3.30 -5.06
O2 SO4 W . -39.47 -2.24 -6.05
O3 SO4 W . -39.72 -3.36 -3.96
O4 SO4 W . -38.49 -1.33 -4.07
S SO4 X . -37.11 -45.87 -17.19
O1 SO4 X . -36.17 -46.42 -16.21
O2 SO4 X . -36.64 -44.58 -17.67
O3 SO4 X . -37.22 -46.80 -18.32
O4 SO4 X . -38.42 -45.71 -16.58
C1 EDO Y . -22.69 -36.53 -20.22
O1 EDO Y . -21.64 -35.56 -20.41
C2 EDO Y . -22.57 -37.68 -21.20
O2 EDO Y . -22.79 -38.91 -20.49
C FMT Z . -34.34 -16.52 4.42
O1 FMT Z . -35.25 -17.34 4.63
O2 FMT Z . -33.42 -16.31 5.20
C FMT AA . -27.57 -10.06 4.29
O1 FMT AA . -28.80 -10.01 4.32
O2 FMT AA . -26.85 -9.13 3.91
S SO4 BA . -22.70 -24.68 16.18
O1 SO4 BA . -22.35 -23.94 17.39
O2 SO4 BA . -21.84 -24.26 15.06
O3 SO4 BA . -22.53 -26.11 16.39
O4 SO4 BA . -24.10 -24.44 15.83
S SO4 CA . -29.13 10.86 27.17
O1 SO4 CA . -29.30 11.38 28.53
O2 SO4 CA . -28.56 11.91 26.33
O3 SO4 CA . -28.24 9.72 27.18
O4 SO4 CA . -30.43 10.47 26.61
S SO4 DA . -42.35 -0.75 5.78
O1 SO4 DA . -42.72 0.51 6.41
O2 SO4 DA . -41.06 -0.59 5.10
O3 SO4 DA . -42.29 -1.80 6.80
O4 SO4 DA . -43.36 -1.10 4.79
S SO4 EA . -10.17 -4.00 37.32
O1 SO4 EA . -9.85 -3.65 38.70
O2 SO4 EA . -9.36 -3.21 36.41
O3 SO4 EA . -9.88 -5.43 37.12
O4 SO4 EA . -11.58 -3.74 37.07
C1 EDO FA . -24.88 -13.15 40.26
O1 EDO FA . -26.13 -13.84 40.29
C2 EDO FA . -24.24 -13.09 41.65
O2 EDO FA . -22.90 -13.59 41.58
C FMT GA . -36.93 -16.06 6.18
O1 FMT GA . -38.08 -16.49 6.17
O2 FMT GA . -36.52 -15.09 5.53
C FMT HA . -29.08 -11.94 6.51
O1 FMT HA . -28.82 -13.11 6.21
O2 FMT HA . -28.22 -11.07 6.66
S SO4 IA . 28.69 23.44 4.33
O1 SO4 IA . 28.98 22.56 5.45
O2 SO4 IA . 29.68 23.26 3.26
O3 SO4 IA . 27.35 23.16 3.80
O4 SO4 IA . 28.73 24.82 4.78
S SO4 JA . 38.66 -12.80 6.27
O1 SO4 JA . 39.42 -13.46 7.34
O2 SO4 JA . 39.57 -12.33 5.23
O3 SO4 JA . 37.72 -13.76 5.69
O4 SO4 JA . 37.92 -11.68 6.83
S SO4 KA . 39.12 1.52 -17.47
O1 SO4 KA . 39.60 2.42 -16.43
O2 SO4 KA . 39.42 2.08 -18.78
O3 SO4 KA . 39.77 0.21 -17.32
O4 SO4 KA . 37.67 1.33 -17.38
S SO4 LA . 28.74 0.26 26.23
O1 SO4 LA . 30.00 0.30 25.50
O2 SO4 LA . 27.75 -0.46 25.43
O3 SO4 LA . 28.92 -0.43 27.50
O4 SO4 LA . 28.26 1.61 26.49
C1 EDO MA . 43.16 9.21 23.76
O1 EDO MA . 41.85 9.37 24.35
C2 EDO MA . 43.02 9.21 22.24
O2 EDO MA . 43.92 10.15 21.63
C FMT NA . 28.54 11.78 -8.38
O1 FMT NA . 27.61 11.13 -7.93
O2 FMT NA . 28.45 12.92 -8.81
C FMT OA . 35.21 16.35 -12.61
O1 FMT OA . 34.49 15.48 -13.11
O2 FMT OA . 36.22 16.83 -13.15
S SO4 PA . 22.67 28.71 -4.11
O1 SO4 PA . 24.10 28.78 -3.82
O2 SO4 PA . 22.36 29.62 -5.22
O3 SO4 PA . 22.31 27.34 -4.47
O4 SO4 PA . 21.92 29.10 -2.94
S SO4 QA . 28.21 26.23 -41.23
O1 SO4 QA . 29.57 26.12 -41.75
O2 SO4 QA . 27.38 26.94 -42.21
O3 SO4 QA . 27.68 24.88 -41.00
O4 SO4 QA . 28.21 26.97 -39.98
S SO4 RA . 30.61 4.41 -24.40
O1 SO4 RA . 31.87 5.07 -24.11
O2 SO4 RA . 30.49 4.23 -25.84
O3 SO4 RA . 30.61 3.09 -23.76
O4 SO4 RA . 29.47 5.18 -23.90
S SO4 SA . 24.06 49.17 -28.46
O1 SO4 SA . 23.33 50.24 -29.15
O2 SO4 SA . 25.49 49.30 -28.74
O3 SO4 SA . 23.58 47.87 -28.94
O4 SO4 SA . 23.82 49.29 -27.02
C1 EDO TA . 9.92 40.66 -25.76
O1 EDO TA . 9.84 41.61 -24.69
C2 EDO TA . 8.78 39.64 -25.66
O2 EDO TA . 9.11 38.52 -24.82
C FMT UA . 26.24 10.59 -10.11
O1 FMT UA . 25.41 9.70 -9.90
O2 FMT UA . 27.35 10.41 -10.61
C FMT VA . 32.21 17.08 -12.75
O1 FMT VA . 33.11 17.91 -12.87
O2 FMT VA . 31.76 16.68 -11.68
#